data_9LPG
#
_entry.id   9LPG
#
_cell.length_a   108.347
_cell.length_b   217.056
_cell.length_c   228.803
_cell.angle_alpha   90.00
_cell.angle_beta   90.00
_cell.angle_gamma   90.00
#
_symmetry.space_group_name_H-M   'C 2 2 21'
#
loop_
_entity.id
_entity.type
_entity.pdbx_description
1 polymer Cryptochrome2
2 polymer 'Protein ECERIFERUM 26-like'
3 non-polymer 'FLAVIN-ADENINE DINUCLEOTIDE'
4 water water
#
loop_
_entity_poly.entity_id
_entity_poly.type
_entity_poly.pdbx_seq_one_letter_code
_entity_poly.pdbx_strand_id
1 'polypeptide(L)'
;MRIVVWFRRDLRVEDNPALAAAARAGGEVVPAYVWSPEEEGPYYPGRVSRWWISQSLNHLDASLRRLGAGKLVTRRSADA
AVALLQLVRDTGATHVYFNHLYDPISLVRDRRLKEMLAAEGIVVQSFNSDLLYEPWEVVDDEGQPFTMFDPFWNRCLSMP
YDPPAPLLPPKRINSGDLSMCPSEDLIFEDESERGSNALLARAWTPGWQNADKALTAFLNGPLADYSVNRKKADSASTSL
LSPHLHFGELSVRKVFHLVRMKQLVWSNEGNHAAEESCTLFLRSIGLREYSRYLSFNHPSSHERPLLAHLRFFPWVVDES
YFKIWRQGRTGYPLVDAGMRELWATGWLHDRIRVVVASFFVKVLQLPARWGMKYFWDTLLDADLESDALGWQYITGSLPD
GRELDRIDNPQFEGYKFDPHGEYVRRWIPELARLPTEWIHHPWDAPVSVLQAAGIELGSNYPLPIVELDAAKGRLQAALS
EMWQLEAASRATMNNGTEEGLGDSSEVLFPQELQMEVDRQPAPAEAAANVHVHVPMPARRRGDQMVPTMTTSSLNRAGTE
VSADLVVANSEEEDTRAQVPFHAHLHLHPRAEAPPAARRTNNGARQHDVFQQRRNHRRDALLAPSASEASSSWTGREGAV
VPVWSPPAASGHSDAFAADEADVSSRSYLGRHPQSHRLMNWSQLSQSS
;
A,B
2 'polypeptide(L)'
;MVFEQHEEEAVAPGAVHGHRLSTVVPSSVTGEVDYALADADLAFKLHYLRGVYYYRSGDGLATKVLKDPMFPWLDDHFPV
AGRVRRAEAEGDGAPRRPYIKCNDCGVRIVEARCDRDMAEWIRDAAPGRIRQLCYDKVLGPELFFSPLLYVQITNFKCGG
LALGFSWAHLIGDIPSAATCFNKWAQILSGKKPEATVLTPPNQPLQGQSPAAPRSVKQVGPMEDLWLVPAGRDMACYSFH
VSDAVLKKLHQQQNGRQDAAAGTFELVSALVWQAVAKIRGDVDTVTVVRADAAARSGKSLANEMKVGYVESAGSSPAKTD
VAELAALLAKNVVDETAAVAAFQGDVLVYGGANLTLVDMEQVDLYGLEIKGQRPVYVEYGMDGVGDEGAVLVQPDADGRG
RLVTVVLPGDEIDSLRAALGSALHVA
;
E,F
#
# COMPACT_ATOMS: atom_id res chain seq x y z
N ARG A 2 17.17 21.24 -26.99
CA ARG A 2 17.86 22.23 -26.18
C ARG A 2 18.70 21.55 -25.08
N ILE A 3 18.17 20.54 -24.40
CA ILE A 3 18.90 19.83 -23.35
C ILE A 3 18.88 18.34 -23.62
N VAL A 4 20.06 17.71 -23.59
CA VAL A 4 20.20 16.27 -23.67
C VAL A 4 20.18 15.70 -22.26
N VAL A 5 19.41 14.63 -22.06
CA VAL A 5 19.45 13.88 -20.81
C VAL A 5 20.10 12.54 -21.11
N TRP A 6 21.26 12.33 -20.51
CA TRP A 6 22.09 11.17 -20.78
C TRP A 6 21.87 10.14 -19.69
N PHE A 7 21.28 9.00 -20.05
CA PHE A 7 21.02 7.94 -19.10
C PHE A 7 22.22 6.98 -19.04
N ARG A 8 22.47 6.45 -17.85
CA ARG A 8 23.58 5.50 -17.68
C ARG A 8 23.28 4.35 -16.74
N ARG A 9 22.93 4.70 -15.52
CA ARG A 9 22.55 3.71 -14.49
C ARG A 9 21.55 4.43 -13.60
N ASP A 10 20.56 5.02 -14.24
CA ASP A 10 19.46 5.74 -13.59
C ASP A 10 18.19 5.56 -14.41
N LEU A 11 17.94 4.32 -14.86
CA LEU A 11 16.89 4.04 -15.84
C LEU A 11 15.51 4.09 -15.19
N ARG A 12 15.20 5.25 -14.62
CA ARG A 12 13.93 5.50 -13.97
C ARG A 12 13.47 6.90 -14.35
N VAL A 13 12.20 7.20 -14.05
CA VAL A 13 11.67 8.53 -14.32
C VAL A 13 11.31 9.30 -13.06
N GLU A 14 11.16 8.63 -11.92
CA GLU A 14 10.93 9.31 -10.65
C GLU A 14 12.27 9.60 -9.97
N ASP A 15 12.32 10.74 -9.27
CA ASP A 15 13.52 11.21 -8.58
C ASP A 15 14.77 10.97 -9.44
N ASN A 16 14.78 11.64 -10.59
CA ASN A 16 15.89 11.60 -11.54
C ASN A 16 16.25 13.05 -11.82
N PRO A 17 17.18 13.62 -11.05
CA PRO A 17 17.34 15.08 -11.07
C PRO A 17 17.76 15.63 -12.42
N ALA A 18 18.51 14.87 -13.22
CA ALA A 18 18.85 15.33 -14.56
C ALA A 18 17.59 15.55 -15.39
N LEU A 19 16.78 14.50 -15.54
CA LEU A 19 15.58 14.60 -16.35
C LEU A 19 14.57 15.58 -15.78
N ALA A 20 14.48 15.69 -14.46
CA ALA A 20 13.49 16.57 -13.85
C ALA A 20 13.90 18.04 -13.92
N ALA A 21 15.19 18.34 -14.09
CA ALA A 21 15.64 19.71 -14.26
C ALA A 21 15.70 20.12 -15.73
N ALA A 22 15.97 19.17 -16.63
CA ALA A 22 15.84 19.46 -18.05
C ALA A 22 14.41 19.85 -18.39
N ALA A 23 13.43 19.13 -17.83
CA ALA A 23 12.03 19.41 -18.13
C ALA A 23 11.58 20.74 -17.56
N ARG A 24 12.10 21.13 -16.41
CA ARG A 24 11.71 22.37 -15.76
C ARG A 24 12.54 23.57 -16.23
N ALA A 25 13.46 23.36 -17.18
CA ALA A 25 14.19 24.51 -17.71
C ALA A 25 13.34 25.32 -18.69
N GLY A 26 12.35 24.68 -19.32
CA GLY A 26 11.48 25.36 -20.25
C GLY A 26 11.59 24.81 -21.66
N GLY A 27 12.82 24.61 -22.13
CA GLY A 27 13.01 24.16 -23.49
C GLY A 27 12.69 22.70 -23.70
N GLU A 28 13.16 22.16 -24.81
CA GLU A 28 12.96 20.75 -25.10
C GLU A 28 13.95 19.89 -24.32
N VAL A 29 13.68 18.59 -24.31
CA VAL A 29 14.51 17.61 -23.62
C VAL A 29 14.72 16.43 -24.56
N VAL A 30 15.97 16.10 -24.84
CA VAL A 30 16.28 14.94 -25.64
C VAL A 30 16.86 13.86 -24.72
N PRO A 31 16.11 12.82 -24.45
CA PRO A 31 16.60 11.76 -23.58
C PRO A 31 17.30 10.67 -24.37
N ALA A 32 18.50 10.29 -23.95
CA ALA A 32 19.28 9.36 -24.76
C ALA A 32 20.18 8.51 -23.88
N TYR A 33 20.60 7.39 -24.46
CA TYR A 33 21.50 6.44 -23.83
C TYR A 33 22.51 6.00 -24.87
N VAL A 34 23.80 6.08 -24.54
CA VAL A 34 24.87 5.65 -25.44
C VAL A 34 25.55 4.43 -24.83
N TRP A 35 25.74 3.40 -25.66
CA TRP A 35 26.30 2.12 -25.26
C TRP A 35 27.78 2.11 -25.64
N SER A 36 28.64 2.50 -24.69
CA SER A 36 30.08 2.60 -24.92
C SER A 36 30.83 1.65 -23.99
N PRO A 37 30.65 0.33 -24.17
CA PRO A 37 31.24 -0.60 -23.21
C PRO A 37 32.76 -0.71 -23.31
N GLU A 38 33.33 -0.58 -24.51
CA GLU A 38 34.78 -0.62 -24.65
C GLU A 38 35.47 0.35 -23.71
N GLU A 39 34.78 1.42 -23.30
CA GLU A 39 35.34 2.35 -22.32
C GLU A 39 35.45 1.74 -20.94
N GLU A 40 34.77 0.63 -20.67
CA GLU A 40 34.72 0.04 -19.35
C GLU A 40 35.84 -0.96 -19.09
N GLY A 41 36.74 -1.17 -20.05
CA GLY A 41 37.88 -2.03 -19.86
C GLY A 41 37.51 -3.41 -19.37
N PRO A 42 38.11 -3.82 -18.25
CA PRO A 42 37.76 -5.13 -17.68
C PRO A 42 36.33 -5.18 -17.16
N TYR A 43 35.79 -4.05 -16.73
CA TYR A 43 34.44 -3.98 -16.18
C TYR A 43 33.37 -3.81 -17.26
N TYR A 44 33.68 -4.26 -18.47
CA TYR A 44 32.69 -4.38 -19.54
C TYR A 44 31.50 -5.22 -19.06
N PRO A 45 30.28 -4.72 -19.17
CA PRO A 45 29.11 -5.45 -18.66
C PRO A 45 29.03 -6.89 -19.16
N GLY A 46 28.81 -7.81 -18.23
CA GLY A 46 28.81 -9.24 -18.53
C GLY A 46 27.53 -9.71 -19.18
N ARG A 47 27.46 -11.03 -19.38
CA ARG A 47 26.40 -11.63 -20.19
C ARG A 47 25.02 -11.25 -19.67
N VAL A 48 24.70 -11.66 -18.43
CA VAL A 48 23.33 -11.49 -17.97
C VAL A 48 23.02 -10.05 -17.57
N SER A 49 24.02 -9.24 -17.20
CA SER A 49 23.75 -7.82 -16.98
C SER A 49 23.35 -7.14 -18.27
N ARG A 50 23.92 -7.57 -19.39
CA ARG A 50 23.53 -7.02 -20.70
C ARG A 50 22.08 -7.35 -21.00
N TRP A 51 21.65 -8.57 -20.64
CA TRP A 51 20.26 -8.96 -20.87
C TRP A 51 19.28 -8.10 -20.09
N TRP A 52 19.70 -7.61 -18.92
CA TRP A 52 18.85 -6.72 -18.14
C TRP A 52 18.69 -5.38 -18.83
N ILE A 53 19.79 -4.78 -19.28
CA ILE A 53 19.72 -3.45 -19.90
C ILE A 53 18.83 -3.49 -21.13
N SER A 54 18.89 -4.58 -21.91
CA SER A 54 18.10 -4.68 -23.12
C SER A 54 16.61 -4.62 -22.80
N GLN A 55 16.20 -5.20 -21.67
CA GLN A 55 14.81 -5.08 -21.26
C GLN A 55 14.55 -3.77 -20.54
N SER A 56 15.47 -3.35 -19.68
CA SER A 56 15.27 -2.12 -18.93
C SER A 56 15.12 -0.91 -19.85
N LEU A 57 15.86 -0.89 -20.97
CA LEU A 57 15.85 0.26 -21.86
C LEU A 57 14.57 0.30 -22.68
N ASN A 58 14.21 -0.84 -23.28
CA ASN A 58 12.89 -0.99 -23.89
C ASN A 58 11.80 -0.51 -22.94
N HIS A 59 11.88 -0.95 -21.69
CA HIS A 59 10.89 -0.58 -20.67
C HIS A 59 10.94 0.91 -20.37
N LEU A 60 12.14 1.50 -20.32
CA LEU A 60 12.24 2.93 -20.07
C LEU A 60 11.84 3.74 -21.30
N ASP A 61 12.01 3.15 -22.49
CA ASP A 61 11.57 3.81 -23.73
C ASP A 61 10.09 4.12 -23.68
N ALA A 62 9.26 3.09 -23.47
CA ALA A 62 7.82 3.30 -23.41
C ALA A 62 7.44 4.31 -22.33
N SER A 63 8.05 4.19 -21.15
CA SER A 63 7.81 5.18 -20.10
C SER A 63 8.05 6.58 -20.62
N LEU A 64 9.20 6.79 -21.26
CA LEU A 64 9.50 8.13 -21.78
C LEU A 64 8.51 8.55 -22.85
N ARG A 65 8.14 7.62 -23.75
CA ARG A 65 7.24 7.98 -24.85
C ARG A 65 5.86 8.36 -24.34
N ARG A 66 5.39 7.68 -23.29
CA ARG A 66 4.09 8.03 -22.73
C ARG A 66 4.10 9.42 -22.10
N LEU A 67 5.27 9.95 -21.73
CA LEU A 67 5.37 11.27 -21.14
C LEU A 67 5.61 12.37 -22.16
N GLY A 68 5.41 12.09 -23.45
CA GLY A 68 5.54 13.10 -24.48
C GLY A 68 6.86 13.10 -25.23
N ALA A 69 7.53 11.97 -25.35
CA ALA A 69 8.80 11.87 -26.03
C ALA A 69 8.63 11.17 -27.38
N GLY A 70 9.50 11.52 -28.32
CA GLY A 70 9.58 10.74 -29.55
C GLY A 70 10.16 9.37 -29.28
N LYS A 71 11.26 9.32 -28.53
CA LYS A 71 12.01 8.09 -28.32
C LYS A 71 13.08 8.35 -27.28
N LEU A 72 13.73 7.28 -26.86
CA LEU A 72 15.02 7.34 -26.21
C LEU A 72 16.07 7.11 -27.30
N VAL A 73 16.94 8.10 -27.52
CA VAL A 73 17.92 7.96 -28.59
C VAL A 73 19.01 7.00 -28.13
N THR A 74 19.24 5.95 -28.91
CA THR A 74 20.21 4.92 -28.57
C THR A 74 21.40 5.06 -29.51
N ARG A 75 22.51 5.55 -28.97
CA ARG A 75 23.75 5.73 -29.71
C ARG A 75 24.76 4.64 -29.36
N ARG A 76 25.62 4.33 -30.31
CA ARG A 76 26.66 3.32 -30.16
C ARG A 76 28.02 3.94 -30.46
N SER A 77 29.03 3.51 -29.71
CA SER A 77 30.37 4.08 -29.88
C SER A 77 31.37 3.26 -29.05
N ALA A 78 32.64 3.61 -29.21
CA ALA A 78 33.69 3.19 -28.29
C ALA A 78 34.17 4.34 -27.40
N ASP A 79 33.79 5.57 -27.71
CA ASP A 79 34.04 6.74 -26.88
C ASP A 79 32.71 7.43 -26.67
N ALA A 80 32.36 7.70 -25.41
CA ALA A 80 31.05 8.26 -25.10
C ALA A 80 30.95 9.71 -25.54
N ALA A 81 32.03 10.49 -25.34
CA ALA A 81 32.02 11.89 -25.77
C ALA A 81 31.75 12.01 -27.26
N VAL A 82 32.47 11.22 -28.07
CA VAL A 82 32.28 11.25 -29.52
C VAL A 82 30.81 11.08 -29.86
N ALA A 83 30.20 10.01 -29.34
CA ALA A 83 28.78 9.78 -29.60
C ALA A 83 27.91 10.85 -28.95
N LEU A 84 28.32 11.37 -27.79
CA LEU A 84 27.50 12.37 -27.13
C LEU A 84 27.54 13.69 -27.87
N LEU A 85 28.69 14.07 -28.42
CA LEU A 85 28.76 15.36 -29.11
C LEU A 85 28.36 15.28 -30.57
N GLN A 86 28.35 14.08 -31.17
CA GLN A 86 27.60 13.92 -32.40
C GLN A 86 26.13 14.23 -32.15
N LEU A 87 25.59 13.70 -31.05
CA LEU A 87 24.19 13.91 -30.71
C LEU A 87 23.90 15.37 -30.36
N VAL A 88 24.79 16.04 -29.62
CA VAL A 88 24.53 17.47 -29.33
C VAL A 88 24.48 18.23 -30.65
N ARG A 89 25.17 17.75 -31.66
CA ARG A 89 25.20 18.40 -33.00
C ARG A 89 23.99 17.95 -33.81
N ASP A 90 23.88 16.65 -34.03
CA ASP A 90 22.88 15.98 -34.83
C ASP A 90 21.57 16.54 -34.33
N THR A 91 21.32 16.42 -33.03
CA THR A 91 20.12 16.93 -32.38
C THR A 91 20.36 18.34 -31.83
N GLY A 92 21.53 18.94 -32.09
CA GLY A 92 21.64 20.39 -32.02
C GLY A 92 21.46 21.12 -30.71
N ALA A 93 21.77 20.49 -29.59
CA ALA A 93 21.33 21.00 -28.30
C ALA A 93 22.29 22.05 -27.75
N THR A 94 21.83 22.72 -26.69
CA THR A 94 22.57 23.70 -25.91
C THR A 94 23.29 23.10 -24.72
N HIS A 95 22.67 22.10 -24.08
CA HIS A 95 23.07 21.59 -22.78
C HIS A 95 23.20 20.07 -22.86
N VAL A 96 23.94 19.51 -21.90
CA VAL A 96 23.94 18.07 -21.70
C VAL A 96 23.85 17.81 -20.20
N TYR A 97 22.80 17.13 -19.78
CA TYR A 97 22.54 16.81 -18.38
C TYR A 97 22.69 15.31 -18.15
N PHE A 98 23.35 14.95 -17.05
CA PHE A 98 23.44 13.56 -16.62
C PHE A 98 23.60 13.54 -15.11
N ASN A 99 23.30 12.40 -14.50
CA ASN A 99 23.53 12.20 -13.09
C ASN A 99 24.83 11.45 -12.88
N HIS A 100 25.69 11.96 -11.99
CA HIS A 100 27.06 11.47 -11.95
C HIS A 100 27.17 10.20 -11.13
N LEU A 101 28.01 9.28 -11.61
CA LEU A 101 28.30 8.03 -10.95
C LEU A 101 29.56 8.17 -10.09
N TYR A 102 29.98 7.08 -9.45
CA TYR A 102 31.07 7.13 -8.48
C TYR A 102 32.14 6.06 -8.66
N ASP A 103 32.00 5.17 -9.64
CA ASP A 103 33.01 4.15 -9.86
C ASP A 103 34.28 4.78 -10.43
N PRO A 104 35.44 4.13 -10.25
CA PRO A 104 36.69 4.71 -10.74
C PRO A 104 36.74 4.93 -12.24
N ILE A 105 36.05 4.10 -13.02
CA ILE A 105 35.99 4.29 -14.46
C ILE A 105 35.25 5.57 -14.80
N SER A 106 34.01 5.68 -14.32
CA SER A 106 33.18 6.82 -14.67
C SER A 106 33.73 8.13 -14.13
N LEU A 107 34.40 8.09 -12.97
CA LEU A 107 34.83 9.33 -12.33
C LEU A 107 35.76 10.14 -13.23
N VAL A 108 36.61 9.48 -14.02
CA VAL A 108 37.56 10.24 -14.83
C VAL A 108 37.14 10.25 -16.30
N ARG A 109 36.41 9.22 -16.74
CA ARG A 109 35.79 9.32 -18.06
C ARG A 109 34.81 10.48 -18.12
N ASP A 110 34.06 10.68 -17.03
CA ASP A 110 33.03 11.71 -17.03
C ASP A 110 33.58 13.11 -16.84
N ARG A 111 34.79 13.27 -16.29
CA ARG A 111 35.38 14.60 -16.30
C ARG A 111 36.15 14.86 -17.59
N ARG A 112 36.47 13.83 -18.36
CA ARG A 112 36.92 14.06 -19.73
C ARG A 112 35.76 14.48 -20.61
N LEU A 113 34.54 14.09 -20.27
CA LEU A 113 33.38 14.50 -21.06
C LEU A 113 33.02 15.95 -20.79
N LYS A 114 33.03 16.36 -19.53
CA LYS A 114 32.76 17.76 -19.19
C LYS A 114 33.62 18.69 -20.02
N GLU A 115 34.94 18.49 -20.01
CA GLU A 115 35.83 19.37 -20.74
C GLU A 115 35.68 19.19 -22.25
N MET A 116 35.68 17.94 -22.72
CA MET A 116 35.45 17.69 -24.15
C MET A 116 34.20 18.39 -24.64
N LEU A 117 33.12 18.32 -23.88
CA LEU A 117 31.88 18.97 -24.28
C LEU A 117 31.91 20.48 -24.04
N ALA A 118 32.60 20.93 -22.99
CA ALA A 118 32.68 22.37 -22.76
C ALA A 118 33.62 23.08 -23.73
N ALA A 119 34.42 22.33 -24.49
CA ALA A 119 35.27 22.92 -25.51
C ALA A 119 34.52 23.18 -26.82
N GLU A 120 33.43 22.46 -27.07
CA GLU A 120 32.56 22.72 -28.20
C GLU A 120 31.34 23.56 -27.78
N GLY A 121 31.41 24.24 -26.64
CA GLY A 121 30.41 25.19 -26.23
C GLY A 121 29.22 24.62 -25.50
N ILE A 122 29.22 23.33 -25.14
CA ILE A 122 28.11 22.73 -24.44
C ILE A 122 28.22 23.05 -22.96
N VAL A 123 27.13 23.51 -22.36
CA VAL A 123 27.05 23.61 -20.91
C VAL A 123 26.67 22.25 -20.36
N VAL A 124 27.34 21.83 -19.29
CA VAL A 124 27.12 20.52 -18.69
C VAL A 124 26.80 20.70 -17.21
N GLN A 125 25.85 19.90 -16.73
CA GLN A 125 25.54 19.85 -15.31
C GLN A 125 25.28 18.40 -14.90
N SER A 126 25.80 18.02 -13.74
CA SER A 126 25.65 16.67 -13.22
C SER A 126 24.94 16.72 -11.87
N PHE A 127 24.13 15.69 -11.60
CA PHE A 127 23.29 15.66 -10.41
C PHE A 127 23.49 14.35 -9.65
N ASN A 128 22.96 14.33 -8.43
CA ASN A 128 23.03 13.18 -7.54
C ASN A 128 21.78 12.31 -7.72
N SER A 129 21.99 11.06 -8.10
CA SER A 129 20.89 10.14 -8.34
C SER A 129 21.04 8.82 -7.62
N ASP A 130 22.13 8.60 -6.91
CA ASP A 130 22.47 7.27 -6.43
C ASP A 130 22.76 7.19 -4.94
N LEU A 131 22.89 8.31 -4.24
CA LEU A 131 23.30 8.28 -2.85
C LEU A 131 22.41 9.19 -2.02
N LEU A 132 22.19 8.77 -0.77
CA LEU A 132 21.53 9.66 0.19
C LEU A 132 22.37 10.89 0.44
N TYR A 133 23.69 10.72 0.54
CA TYR A 133 24.62 11.81 0.76
C TYR A 133 25.80 11.65 -0.18
N GLU A 134 26.32 12.77 -0.67
CA GLU A 134 27.49 12.72 -1.52
C GLU A 134 28.71 12.27 -0.71
N PRO A 135 29.65 11.56 -1.33
CA PRO A 135 30.77 11.02 -0.55
C PRO A 135 31.58 12.09 0.16
N TRP A 136 31.77 13.25 -0.47
CA TRP A 136 32.46 14.35 0.20
C TRP A 136 31.63 15.00 1.29
N GLU A 137 30.33 14.74 1.34
CA GLU A 137 29.46 15.39 2.31
C GLU A 137 29.59 14.78 3.70
N VAL A 138 30.15 13.58 3.83
CA VAL A 138 30.20 12.87 5.10
C VAL A 138 31.66 12.57 5.43
N VAL A 139 32.15 13.15 6.53
CA VAL A 139 33.55 13.05 6.96
C VAL A 139 33.58 12.96 8.48
N ASP A 140 34.79 12.76 9.03
CA ASP A 140 34.96 12.70 10.47
C ASP A 140 35.29 14.09 11.00
N ASP A 141 35.75 14.16 12.25
CA ASP A 141 35.90 15.43 12.93
C ASP A 141 37.09 16.25 12.45
N GLU A 142 38.12 15.61 11.88
CA GLU A 142 39.21 16.32 11.24
C GLU A 142 38.96 16.57 9.77
N GLY A 143 37.75 16.29 9.27
CA GLY A 143 37.42 16.49 7.88
C GLY A 143 37.87 15.40 6.94
N GLN A 144 38.30 14.26 7.47
CA GLN A 144 38.87 13.17 6.69
C GLN A 144 37.81 12.13 6.37
N PRO A 145 38.03 11.34 5.31
CA PRO A 145 37.17 10.19 5.07
C PRO A 145 37.23 9.19 6.21
N PHE A 146 36.13 8.47 6.40
CA PHE A 146 36.13 7.36 7.33
C PHE A 146 36.84 6.17 6.69
N THR A 147 37.36 5.27 7.54
CA THR A 147 37.99 4.07 7.02
C THR A 147 37.24 2.80 7.36
N MET A 148 36.27 2.85 8.27
CA MET A 148 35.44 1.70 8.56
C MET A 148 33.96 2.07 8.40
N PHE A 149 33.13 1.04 8.22
CA PHE A 149 31.74 1.28 7.84
C PHE A 149 30.95 1.86 9.01
N ASP A 150 31.16 1.34 10.22
CA ASP A 150 30.37 1.79 11.36
C ASP A 150 30.49 3.29 11.61
N PRO A 151 31.68 3.89 11.73
CA PRO A 151 31.72 5.35 11.94
C PRO A 151 31.12 6.12 10.79
N PHE A 152 31.20 5.60 9.57
CA PHE A 152 30.68 6.29 8.40
C PHE A 152 29.16 6.30 8.40
N TRP A 153 28.54 5.13 8.58
CA TRP A 153 27.09 5.07 8.56
C TRP A 153 26.51 5.78 9.78
N ASN A 154 27.19 5.69 10.93
CA ASN A 154 26.77 6.47 12.09
C ASN A 154 26.73 7.96 11.77
N ARG A 155 27.62 8.43 10.91
CA ARG A 155 27.63 9.84 10.56
C ARG A 155 26.42 10.20 9.69
N CYS A 156 26.16 9.41 8.63
CA CYS A 156 25.00 9.67 7.78
C CYS A 156 23.71 9.70 8.58
N LEU A 157 23.57 8.77 9.52
CA LEU A 157 22.39 8.72 10.38
C LEU A 157 22.31 9.92 11.32
N SER A 158 23.41 10.65 11.48
CA SER A 158 23.43 11.85 12.31
C SER A 158 23.75 13.10 11.50
N MET A 159 23.61 13.04 10.18
CA MET A 159 23.87 14.22 9.35
C MET A 159 22.91 15.34 9.73
N PRO A 160 23.33 16.61 9.55
CA PRO A 160 22.49 17.73 9.99
C PRO A 160 21.23 17.93 9.16
N TYR A 161 21.12 17.29 8.00
CA TYR A 161 19.91 17.36 7.18
C TYR A 161 19.58 15.95 6.71
N ASP A 162 18.33 15.77 6.30
CA ASP A 162 17.89 14.47 5.83
C ASP A 162 18.29 14.28 4.37
N PRO A 163 18.32 13.04 3.88
CA PRO A 163 18.46 12.82 2.44
C PRO A 163 17.33 13.49 1.69
N PRO A 164 17.65 14.28 0.66
CA PRO A 164 16.61 14.98 -0.11
C PRO A 164 15.43 14.11 -0.47
N ALA A 165 14.22 14.67 -0.35
CA ALA A 165 13.03 13.93 -0.68
C ALA A 165 12.99 13.61 -2.16
N PRO A 166 12.44 12.45 -2.55
CA PRO A 166 12.43 12.08 -3.96
C PRO A 166 11.64 13.08 -4.79
N LEU A 167 12.24 13.53 -5.88
CA LEU A 167 11.56 14.44 -6.79
C LEU A 167 10.45 13.71 -7.54
N LEU A 168 9.44 14.48 -7.93
CA LEU A 168 8.40 13.96 -8.79
C LEU A 168 8.92 13.78 -10.20
N PRO A 169 8.26 12.96 -11.02
CA PRO A 169 8.60 12.90 -12.43
C PRO A 169 8.09 14.14 -13.15
N PRO A 170 8.59 14.42 -14.35
CA PRO A 170 8.05 15.55 -15.10
C PRO A 170 6.56 15.38 -15.36
N LYS A 171 5.85 16.51 -15.37
CA LYS A 171 4.44 16.47 -15.76
C LYS A 171 4.29 15.86 -17.14
N ARG A 172 5.24 16.14 -18.03
CA ARG A 172 5.51 15.52 -19.33
C ARG A 172 6.76 16.21 -19.88
N ILE A 173 7.41 15.57 -20.85
CA ILE A 173 8.63 16.11 -21.43
C ILE A 173 8.39 16.44 -22.90
N ASN A 174 9.02 17.51 -23.35
CA ASN A 174 8.91 17.98 -24.73
C ASN A 174 10.22 17.71 -25.46
N SER A 175 10.16 16.88 -26.49
CA SER A 175 11.36 16.47 -27.20
C SER A 175 11.53 17.13 -28.56
N GLY A 176 10.46 17.71 -29.11
CA GLY A 176 10.46 18.19 -30.47
C GLY A 176 10.44 17.02 -31.43
N ASP A 177 10.64 17.33 -32.71
CA ASP A 177 10.66 16.29 -33.72
C ASP A 177 12.02 15.62 -33.70
N LEU A 178 12.06 14.36 -33.27
CA LEU A 178 13.23 13.52 -33.39
C LEU A 178 13.02 12.42 -34.42
N SER A 179 12.20 12.76 -35.41
CA SER A 179 11.93 11.90 -36.58
C SER A 179 13.20 11.92 -37.44
N MET A 180 13.94 13.04 -37.38
CA MET A 180 15.27 13.27 -38.00
C MET A 180 16.31 12.37 -37.34
N CYS A 181 16.58 12.61 -36.06
CA CYS A 181 17.58 11.90 -35.23
C CYS A 181 17.42 10.41 -35.33
N PRO A 182 18.48 9.66 -35.65
CA PRO A 182 18.39 8.22 -35.74
C PRO A 182 18.93 7.61 -34.44
N SER A 183 18.51 6.38 -34.18
CA SER A 183 18.94 5.60 -33.04
C SER A 183 19.59 4.32 -33.54
N GLU A 184 20.75 4.00 -33.00
CA GLU A 184 21.46 2.79 -33.39
C GLU A 184 20.86 1.59 -32.66
N ASP A 185 20.41 0.60 -33.43
CA ASP A 185 19.96 -0.66 -32.85
C ASP A 185 21.09 -1.27 -32.04
N LEU A 186 20.95 -1.28 -30.72
CA LEU A 186 22.00 -1.81 -29.86
C LEU A 186 21.94 -3.33 -29.82
N ILE A 187 23.11 -3.94 -29.68
CA ILE A 187 23.23 -5.39 -29.59
C ILE A 187 23.76 -5.73 -28.20
N PHE A 188 22.95 -6.45 -27.42
CA PHE A 188 23.32 -6.85 -26.06
C PHE A 188 23.48 -8.35 -25.89
N GLU A 189 23.07 -9.16 -26.87
CA GLU A 189 23.00 -10.60 -26.70
C GLU A 189 23.60 -11.31 -27.91
N ASP A 190 24.51 -12.24 -27.66
CA ASP A 190 24.90 -13.18 -28.71
C ASP A 190 23.68 -13.96 -29.17
N GLU A 191 23.57 -14.15 -30.49
CA GLU A 191 22.52 -15.02 -31.01
C GLU A 191 22.53 -16.36 -30.31
N SER A 192 23.73 -16.90 -30.05
CA SER A 192 23.84 -18.22 -29.44
C SER A 192 23.27 -18.27 -28.02
N GLU A 193 23.19 -17.13 -27.34
CA GLU A 193 22.80 -17.11 -25.94
C GLU A 193 21.37 -16.61 -25.71
N ARG A 194 20.71 -16.10 -26.74
CA ARG A 194 19.39 -15.47 -26.57
C ARG A 194 18.38 -16.43 -25.96
N GLY A 195 18.46 -17.72 -26.29
CA GLY A 195 17.45 -18.67 -25.83
C GLY A 195 17.58 -19.03 -24.37
N SER A 196 18.79 -19.02 -23.83
CA SER A 196 19.00 -19.23 -22.41
C SER A 196 18.96 -17.94 -21.61
N ASN A 197 19.28 -16.81 -22.24
CA ASN A 197 19.13 -15.52 -21.55
C ASN A 197 17.68 -15.22 -21.25
N ALA A 198 16.75 -15.65 -22.12
CA ALA A 198 15.34 -15.33 -21.94
C ALA A 198 14.70 -16.13 -20.81
N LEU A 199 15.34 -17.22 -20.38
CA LEU A 199 14.85 -17.95 -19.22
C LEU A 199 15.12 -17.22 -17.91
N LEU A 200 15.94 -16.16 -17.93
CA LEU A 200 16.10 -15.35 -16.74
C LEU A 200 14.81 -14.64 -16.35
N ALA A 201 13.87 -14.52 -17.29
CA ALA A 201 12.59 -13.89 -16.99
C ALA A 201 11.68 -14.75 -16.13
N ARG A 202 12.02 -16.03 -15.95
CA ARG A 202 11.28 -16.87 -15.00
C ARG A 202 11.29 -16.27 -13.60
N ALA A 203 12.37 -15.58 -13.24
CA ALA A 203 12.54 -15.05 -11.90
C ALA A 203 12.57 -13.53 -11.82
N TRP A 204 12.78 -12.85 -12.94
CA TRP A 204 12.99 -11.41 -12.90
C TRP A 204 12.31 -10.71 -14.06
N THR A 205 11.92 -9.47 -13.82
CA THR A 205 11.32 -8.57 -14.83
C THR A 205 11.96 -7.19 -14.69
N PRO A 206 12.98 -6.86 -15.49
CA PRO A 206 13.67 -5.61 -15.36
C PRO A 206 12.83 -4.38 -15.64
N GLY A 207 13.01 -3.31 -14.88
CA GLY A 207 12.22 -2.11 -15.21
C GLY A 207 11.81 -1.28 -14.04
N TRP A 208 11.84 0.02 -14.25
CA TRP A 208 11.40 1.08 -13.33
C TRP A 208 10.07 0.67 -12.71
N GLN A 209 9.17 0.11 -13.52
CA GLN A 209 7.84 -0.25 -13.00
C GLN A 209 7.90 -1.42 -12.03
N ASN A 210 8.73 -2.42 -12.34
CA ASN A 210 8.81 -3.60 -11.50
C ASN A 210 9.64 -3.36 -10.25
N ALA A 211 10.64 -2.48 -10.35
CA ALA A 211 11.36 -2.06 -9.15
C ALA A 211 10.42 -1.43 -8.15
N ASP A 212 9.44 -0.67 -8.63
CA ASP A 212 8.51 0.01 -7.73
C ASP A 212 7.56 -0.98 -7.08
N LYS A 213 7.18 -2.03 -7.80
CA LYS A 213 6.28 -3.04 -7.24
C LYS A 213 7.00 -3.96 -6.28
N ALA A 214 8.30 -4.20 -6.51
CA ALA A 214 9.06 -5.04 -5.59
C ALA A 214 9.29 -4.33 -4.26
N LEU A 215 9.42 -2.99 -4.29
CA LEU A 215 9.63 -2.23 -3.06
C LEU A 215 8.38 -2.25 -2.18
N THR A 216 7.22 -1.94 -2.76
CA THR A 216 6.01 -1.97 -1.94
C THR A 216 5.61 -3.39 -1.58
N ALA A 217 6.13 -4.39 -2.31
CA ALA A 217 5.94 -5.78 -1.90
C ALA A 217 6.76 -6.09 -0.66
N PHE A 218 8.02 -5.64 -0.63
CA PHE A 218 8.88 -5.88 0.52
C PHE A 218 8.43 -5.03 1.71
N LEU A 219 8.05 -3.78 1.46
CA LEU A 219 7.65 -2.88 2.54
C LEU A 219 6.44 -3.42 3.29
N ASN A 220 5.47 -3.97 2.58
CA ASN A 220 4.26 -4.50 3.19
C ASN A 220 4.35 -5.99 3.48
N GLY A 221 5.51 -6.60 3.29
CA GLY A 221 5.68 -8.01 3.50
C GLY A 221 6.83 -8.33 4.43
N PRO A 222 7.89 -8.92 3.89
CA PRO A 222 8.98 -9.42 4.75
C PRO A 222 9.88 -8.36 5.36
N LEU A 223 9.53 -7.07 5.24
CA LEU A 223 10.35 -6.07 5.92
C LEU A 223 10.15 -6.14 7.43
N ALA A 224 8.94 -6.48 7.89
CA ALA A 224 8.69 -6.52 9.32
C ALA A 224 9.53 -7.56 10.04
N ASP A 225 9.92 -8.64 9.34
CA ASP A 225 10.72 -9.70 9.94
C ASP A 225 12.19 -9.62 9.57
N TYR A 226 12.59 -8.57 8.84
CA TYR A 226 13.97 -8.46 8.38
C TYR A 226 14.96 -8.55 9.53
N SER A 227 14.59 -8.04 10.71
CA SER A 227 15.51 -8.07 11.84
C SER A 227 15.92 -9.49 12.20
N VAL A 228 15.00 -10.45 12.07
CA VAL A 228 15.26 -11.82 12.51
C VAL A 228 15.51 -12.80 11.36
N ASN A 229 15.11 -12.46 10.13
CA ASN A 229 15.20 -13.40 9.02
C ASN A 229 16.17 -12.98 7.93
N ARG A 230 16.76 -11.78 8.01
CA ARG A 230 17.58 -11.27 6.92
C ARG A 230 18.73 -12.20 6.56
N LYS A 231 19.18 -13.04 7.47
CA LYS A 231 20.32 -13.89 7.15
C LYS A 231 19.93 -15.21 6.51
N LYS A 232 18.65 -15.57 6.51
CA LYS A 232 18.23 -16.88 6.02
C LYS A 232 18.02 -16.85 4.51
N ALA A 233 18.52 -17.89 3.84
CA ALA A 233 18.31 -18.05 2.41
C ALA A 233 17.22 -19.05 2.06
N ASP A 234 16.54 -19.61 3.07
CA ASP A 234 15.51 -20.61 2.82
C ASP A 234 14.11 -20.01 2.72
N SER A 235 13.97 -18.70 2.91
CA SER A 235 12.76 -17.95 2.59
C SER A 235 13.15 -16.69 1.85
N ALA A 236 12.16 -16.04 1.24
CA ALA A 236 12.38 -14.75 0.60
C ALA A 236 12.43 -13.68 1.69
N SER A 237 13.59 -13.58 2.33
CA SER A 237 13.70 -12.73 3.51
C SER A 237 14.12 -11.32 3.20
N THR A 238 14.63 -11.07 2.00
CA THR A 238 15.18 -9.77 1.64
C THR A 238 14.35 -9.15 0.53
N SER A 239 14.72 -7.93 0.13
CA SER A 239 13.86 -7.13 -0.73
C SER A 239 13.94 -7.53 -2.20
N LEU A 240 15.00 -8.22 -2.61
CA LEU A 240 15.18 -8.57 -4.03
C LEU A 240 15.15 -7.34 -4.91
N LEU A 241 15.76 -6.25 -4.41
CA LEU A 241 15.81 -4.98 -5.11
C LEU A 241 17.15 -4.68 -5.72
N SER A 242 18.16 -5.54 -5.53
CA SER A 242 19.52 -5.16 -5.90
C SER A 242 19.73 -4.91 -7.38
N PRO A 243 19.21 -5.74 -8.32
CA PRO A 243 19.40 -5.36 -9.73
C PRO A 243 18.68 -4.09 -10.08
N HIS A 244 17.48 -3.89 -9.52
CA HIS A 244 16.76 -2.63 -9.73
C HIS A 244 17.57 -1.44 -9.25
N LEU A 245 18.24 -1.58 -8.10
CA LEU A 245 19.02 -0.47 -7.54
C LEU A 245 20.34 -0.29 -8.26
N HIS A 246 20.91 -1.36 -8.81
CA HIS A 246 22.17 -1.22 -9.53
C HIS A 246 21.99 -0.35 -10.77
N PHE A 247 20.92 -0.58 -11.52
CA PHE A 247 20.60 0.19 -12.71
C PHE A 247 19.81 1.45 -12.40
N GLY A 248 19.71 1.81 -11.12
CA GLY A 248 19.04 3.04 -10.75
C GLY A 248 17.56 3.08 -11.08
N GLU A 249 16.94 1.94 -11.32
CA GLU A 249 15.50 1.89 -11.59
C GLU A 249 14.65 2.26 -10.39
N LEU A 250 15.26 2.41 -9.22
CA LEU A 250 14.55 2.81 -8.01
C LEU A 250 15.38 3.85 -7.28
N SER A 251 14.70 4.83 -6.69
CA SER A 251 15.35 5.81 -5.84
C SER A 251 15.74 5.18 -4.52
N VAL A 252 16.99 5.36 -4.09
CA VAL A 252 17.30 5.02 -2.71
C VAL A 252 16.79 6.08 -1.75
N ARG A 253 16.58 7.31 -2.23
CA ARG A 253 16.02 8.33 -1.36
C ARG A 253 14.52 8.09 -1.13
N LYS A 254 13.82 7.50 -2.11
CA LYS A 254 12.46 7.08 -1.83
C LYS A 254 12.44 5.92 -0.83
N VAL A 255 13.32 4.93 -1.02
CA VAL A 255 13.36 3.79 -0.11
C VAL A 255 13.65 4.26 1.32
N PHE A 256 14.66 5.12 1.47
CA PHE A 256 14.96 5.70 2.77
C PHE A 256 13.72 6.36 3.36
N HIS A 257 13.07 7.22 2.59
CA HIS A 257 11.93 7.97 3.11
C HIS A 257 10.74 7.05 3.39
N LEU A 258 10.47 6.10 2.49
CA LEU A 258 9.36 5.20 2.72
C LEU A 258 9.61 4.35 3.96
N VAL A 259 10.83 3.85 4.13
CA VAL A 259 11.14 2.99 5.26
C VAL A 259 11.10 3.77 6.57
N ARG A 260 11.55 5.03 6.54
CA ARG A 260 11.48 5.84 7.76
C ARG A 260 10.04 6.10 8.18
N MET A 261 9.12 6.15 7.22
CA MET A 261 7.70 6.31 7.57
C MET A 261 7.12 5.03 8.15
N LYS A 262 7.47 3.87 7.57
CA LYS A 262 7.03 2.60 8.14
C LYS A 262 7.51 2.45 9.58
N GLN A 263 8.73 2.93 9.86
CA GLN A 263 9.27 2.83 11.21
C GLN A 263 8.47 3.68 12.19
N LEU A 264 8.16 4.92 11.81
CA LEU A 264 7.39 5.79 12.70
C LEU A 264 6.05 5.17 13.04
N VAL A 265 5.40 4.55 12.05
CA VAL A 265 4.11 3.92 12.32
C VAL A 265 4.27 2.70 13.21
N TRP A 266 5.23 1.84 12.89
CA TRP A 266 5.44 0.64 13.71
C TRP A 266 5.81 1.02 15.13
N SER A 267 6.63 2.07 15.31
CA SER A 267 6.96 2.53 16.65
C SER A 267 5.72 2.97 17.42
N ASN A 268 4.75 3.58 16.74
CA ASN A 268 3.50 3.97 17.40
C ASN A 268 2.55 2.80 17.61
N GLU A 269 2.86 1.64 17.04
CA GLU A 269 2.04 0.44 17.21
C GLU A 269 2.64 -0.55 18.20
N GLY A 270 3.75 -0.19 18.85
CA GLY A 270 4.42 -1.09 19.76
C GLY A 270 5.22 -2.17 19.07
N ASN A 271 5.26 -2.19 17.75
CA ASN A 271 5.94 -3.24 16.98
C ASN A 271 7.44 -3.01 17.03
N HIS A 272 8.03 -3.36 18.17
CA HIS A 272 9.44 -3.06 18.38
C HIS A 272 10.35 -3.87 17.48
N ALA A 273 9.98 -5.12 17.19
CA ALA A 273 10.83 -5.94 16.31
C ALA A 273 10.79 -5.45 14.88
N ALA A 274 9.63 -4.94 14.43
CA ALA A 274 9.57 -4.37 13.09
C ALA A 274 10.32 -3.04 13.03
N GLU A 275 10.32 -2.28 14.13
CA GLU A 275 11.03 -1.01 14.15
C GLU A 275 12.53 -1.23 13.99
N GLU A 276 13.08 -2.28 14.61
CA GLU A 276 14.48 -2.60 14.42
C GLU A 276 14.74 -3.18 13.03
N SER A 277 13.72 -3.83 12.46
CA SER A 277 13.86 -4.31 11.08
C SER A 277 14.23 -3.18 10.13
N CYS A 278 13.57 -2.01 10.28
CA CYS A 278 13.87 -0.85 9.43
C CYS A 278 15.26 -0.32 9.70
N THR A 279 15.66 -0.25 10.98
CA THR A 279 17.02 0.16 11.30
C THR A 279 18.03 -0.70 10.57
N LEU A 280 17.83 -2.02 10.58
CA LEU A 280 18.80 -2.94 9.98
C LEU A 280 18.73 -2.92 8.46
N PHE A 281 17.55 -2.70 7.88
CA PHE A 281 17.44 -2.69 6.42
C PHE A 281 18.05 -1.42 5.84
N LEU A 282 17.88 -0.28 6.53
CA LEU A 282 18.57 0.94 6.12
C LEU A 282 20.09 0.76 6.16
N ARG A 283 20.59 0.07 7.20
CA ARG A 283 22.01 -0.25 7.25
C ARG A 283 22.45 -0.97 5.98
N SER A 284 21.64 -1.88 5.47
CA SER A 284 21.96 -2.54 4.22
C SER A 284 21.94 -1.55 3.06
N ILE A 285 21.04 -0.57 3.10
CA ILE A 285 21.07 0.50 2.12
C ILE A 285 22.33 1.34 2.30
N GLY A 286 22.79 1.50 3.55
CA GLY A 286 24.01 2.22 3.81
C GLY A 286 25.27 1.48 3.40
N LEU A 287 25.23 0.15 3.35
CA LEU A 287 26.37 -0.58 2.81
C LEU A 287 26.56 -0.25 1.33
N ARG A 288 25.46 -0.05 0.60
CA ARG A 288 25.57 0.42 -0.77
C ARG A 288 26.12 1.84 -0.83
N GLU A 289 25.76 2.69 0.14
CA GLU A 289 26.37 4.01 0.23
C GLU A 289 27.86 3.91 0.47
N TYR A 290 28.28 2.98 1.35
CA TYR A 290 29.69 2.85 1.68
C TYR A 290 30.49 2.29 0.52
N SER A 291 29.85 1.50 -0.35
CA SER A 291 30.55 1.00 -1.54
C SER A 291 30.98 2.14 -2.44
N ARG A 292 30.13 3.17 -2.58
CA ARG A 292 30.50 4.34 -3.35
C ARG A 292 31.50 5.21 -2.59
N TYR A 293 31.32 5.32 -1.27
CA TYR A 293 32.22 6.11 -0.44
C TYR A 293 33.64 5.56 -0.45
N LEU A 294 33.78 4.25 -0.64
CA LEU A 294 35.10 3.63 -0.66
C LEU A 294 35.78 3.82 -2.01
N SER A 295 35.02 3.69 -3.10
CA SER A 295 35.59 3.80 -4.43
C SER A 295 35.92 5.24 -4.79
N PHE A 296 35.37 6.20 -4.07
CA PHE A 296 35.61 7.61 -4.30
C PHE A 296 36.76 8.15 -3.44
N ASN A 297 36.83 7.72 -2.17
CA ASN A 297 37.79 8.28 -1.23
C ASN A 297 39.10 7.50 -1.18
N HIS A 298 39.05 6.18 -1.36
CA HIS A 298 40.25 5.33 -1.37
C HIS A 298 40.23 4.45 -2.62
N PRO A 299 40.35 5.02 -3.80
CA PRO A 299 40.23 4.19 -5.02
C PRO A 299 41.39 3.22 -5.18
N SER A 300 41.12 2.15 -5.92
CA SER A 300 42.16 1.31 -6.47
C SER A 300 43.27 2.19 -7.05
N SER A 301 44.52 1.88 -6.69
CA SER A 301 45.60 2.73 -7.15
C SER A 301 46.47 1.65 -7.79
N HIS A 302 47.72 2.02 -8.07
CA HIS A 302 48.83 1.12 -8.32
C HIS A 302 49.83 1.02 -7.17
N GLU A 303 49.93 2.12 -6.41
CA GLU A 303 50.67 2.13 -5.15
C GLU A 303 50.08 1.09 -4.18
N ARG A 304 48.80 0.77 -4.28
CA ARG A 304 48.16 -0.27 -3.42
C ARG A 304 46.88 -0.74 -4.13
N PRO A 305 46.75 -1.92 -4.75
CA PRO A 305 45.49 -2.27 -5.44
C PRO A 305 44.30 -2.75 -4.58
N LEU A 306 43.37 -3.49 -5.19
CA LEU A 306 42.15 -3.96 -4.48
C LEU A 306 42.57 -4.93 -3.39
N LEU A 307 42.89 -6.15 -3.78
CA LEU A 307 43.32 -7.15 -2.78
C LEU A 307 44.83 -6.99 -2.74
N ALA A 308 45.29 -6.02 -1.97
CA ALA A 308 46.74 -5.71 -1.91
C ALA A 308 47.37 -6.49 -0.79
N HIS A 309 46.58 -6.84 0.20
CA HIS A 309 47.08 -7.65 1.30
C HIS A 309 47.34 -9.10 0.90
N LEU A 310 46.91 -9.49 -0.29
CA LEU A 310 47.09 -10.89 -0.76
C LEU A 310 47.92 -10.89 -2.02
N ARG A 311 48.99 -10.12 -2.03
CA ARG A 311 49.93 -9.93 -3.16
C ARG A 311 50.83 -11.16 -3.31
N PHE A 312 51.40 -11.58 -2.20
CA PHE A 312 52.34 -12.72 -2.21
C PHE A 312 51.58 -13.97 -1.83
N PHE A 313 50.26 -13.92 -1.89
CA PHE A 313 49.50 -15.14 -1.53
C PHE A 313 49.67 -16.10 -2.68
N PRO A 314 50.17 -17.33 -2.45
CA PRO A 314 50.35 -18.29 -3.49
C PRO A 314 49.00 -18.95 -3.72
N TRP A 315 48.34 -18.56 -4.79
CA TRP A 315 47.00 -19.08 -5.11
C TRP A 315 47.15 -20.43 -5.76
N VAL A 316 46.16 -21.26 -5.53
CA VAL A 316 46.04 -22.47 -6.33
C VAL A 316 45.56 -22.06 -7.72
N VAL A 317 46.33 -22.41 -8.74
CA VAL A 317 45.89 -22.23 -10.11
C VAL A 317 45.45 -23.59 -10.63
N ASP A 318 44.17 -23.72 -10.92
CA ASP A 318 43.58 -25.02 -11.21
C ASP A 318 42.24 -24.78 -11.93
N GLU A 319 42.29 -24.78 -13.25
CA GLU A 319 41.07 -24.56 -14.04
C GLU A 319 40.04 -25.66 -13.77
N SER A 320 40.49 -26.88 -13.45
CA SER A 320 39.57 -27.96 -13.10
C SER A 320 38.71 -27.59 -11.89
N TYR A 321 39.36 -27.07 -10.84
CA TYR A 321 38.63 -26.65 -9.65
C TYR A 321 37.64 -25.54 -9.96
N PHE A 322 38.05 -24.57 -10.79
CA PHE A 322 37.15 -23.48 -11.17
C PHE A 322 35.93 -23.99 -11.92
N LYS A 323 36.11 -25.06 -12.70
CA LYS A 323 34.99 -25.64 -13.45
C LYS A 323 34.00 -26.32 -12.50
N ILE A 324 34.51 -27.03 -11.50
CA ILE A 324 33.65 -27.69 -10.52
C ILE A 324 32.89 -26.67 -9.70
N TRP A 325 33.54 -25.54 -9.38
CA TRP A 325 32.89 -24.50 -8.60
C TRP A 325 31.75 -23.86 -9.38
N ARG A 326 31.98 -23.53 -10.65
CA ARG A 326 30.92 -22.92 -11.46
C ARG A 326 29.72 -23.86 -11.59
N GLN A 327 29.97 -25.15 -11.74
CA GLN A 327 28.92 -26.14 -11.95
C GLN A 327 28.23 -26.61 -10.68
N GLY A 328 28.66 -26.10 -9.52
CA GLY A 328 28.07 -26.56 -8.27
C GLY A 328 28.18 -28.06 -8.10
N ARG A 329 29.36 -28.58 -8.35
CA ARG A 329 29.68 -29.99 -8.09
C ARG A 329 30.81 -30.10 -7.07
N THR A 330 30.97 -29.10 -6.20
CA THR A 330 32.07 -29.12 -5.24
C THR A 330 31.90 -30.22 -4.19
N GLY A 331 30.69 -30.69 -3.95
CA GLY A 331 30.45 -31.63 -2.89
C GLY A 331 30.16 -30.99 -1.56
N TYR A 332 30.18 -29.67 -1.48
CA TYR A 332 29.71 -28.96 -0.30
C TYR A 332 28.30 -28.47 -0.59
N PRO A 333 27.27 -29.02 0.05
CA PRO A 333 25.91 -28.77 -0.44
C PRO A 333 25.49 -27.31 -0.41
N LEU A 334 25.80 -26.58 0.67
CA LEU A 334 25.41 -25.18 0.69
C LEU A 334 26.06 -24.40 -0.43
N VAL A 335 27.30 -24.76 -0.78
CA VAL A 335 27.98 -24.06 -1.88
C VAL A 335 27.36 -24.46 -3.21
N ASP A 336 27.21 -25.77 -3.45
CA ASP A 336 26.63 -26.23 -4.70
C ASP A 336 25.23 -25.67 -4.90
N ALA A 337 24.41 -25.65 -3.84
CA ALA A 337 23.05 -25.14 -3.95
C ALA A 337 23.05 -23.70 -4.45
N GLY A 338 23.94 -22.87 -3.93
CA GLY A 338 24.01 -21.49 -4.37
C GLY A 338 24.58 -21.33 -5.76
N MET A 339 25.57 -22.15 -6.12
CA MET A 339 26.13 -22.06 -7.46
C MET A 339 25.12 -22.50 -8.52
N ARG A 340 24.20 -23.38 -8.14
CA ARG A 340 23.13 -23.76 -9.06
C ARG A 340 22.12 -22.64 -9.21
N GLU A 341 21.80 -21.93 -8.13
CA GLU A 341 20.82 -20.86 -8.20
C GLU A 341 21.39 -19.62 -8.87
N LEU A 342 22.67 -19.33 -8.66
CA LEU A 342 23.30 -18.22 -9.35
C LEU A 342 23.25 -18.41 -10.87
N TRP A 343 23.45 -19.64 -11.34
CA TRP A 343 23.39 -19.89 -12.77
C TRP A 343 21.97 -19.83 -13.30
N ALA A 344 20.99 -20.22 -12.49
CA ALA A 344 19.63 -20.39 -12.97
C ALA A 344 18.81 -19.12 -12.93
N THR A 345 19.12 -18.20 -12.00
CA THR A 345 18.31 -17.01 -11.79
C THR A 345 19.08 -15.71 -11.86
N GLY A 346 20.42 -15.76 -11.83
CA GLY A 346 21.21 -14.54 -11.87
C GLY A 346 21.26 -13.78 -10.57
N TRP A 347 20.98 -14.44 -9.44
CA TRP A 347 20.88 -13.77 -8.16
C TRP A 347 21.22 -14.74 -7.04
N LEU A 348 21.75 -14.19 -5.94
CA LEU A 348 22.12 -14.97 -4.76
C LEU A 348 21.85 -14.13 -3.52
N HIS A 349 21.29 -14.75 -2.49
CA HIS A 349 21.20 -14.10 -1.19
C HIS A 349 22.61 -13.75 -0.69
N ASP A 350 22.71 -12.58 -0.05
CA ASP A 350 24.02 -12.03 0.30
C ASP A 350 24.89 -13.04 1.05
N ARG A 351 24.28 -13.84 1.92
CA ARG A 351 25.06 -14.78 2.72
C ARG A 351 25.49 -15.99 1.91
N ILE A 352 24.72 -16.37 0.89
CA ILE A 352 25.17 -17.42 -0.01
C ILE A 352 26.29 -16.90 -0.92
N ARG A 353 26.26 -15.59 -1.23
CA ARG A 353 27.42 -14.97 -1.88
C ARG A 353 28.65 -15.10 -1.00
N VAL A 354 28.49 -14.80 0.30
CA VAL A 354 29.61 -14.95 1.22
C VAL A 354 30.09 -16.39 1.24
N VAL A 355 29.17 -17.35 1.23
CA VAL A 355 29.56 -18.75 1.32
C VAL A 355 30.31 -19.18 0.05
N VAL A 356 29.74 -18.91 -1.12
CA VAL A 356 30.35 -19.39 -2.36
C VAL A 356 31.67 -18.68 -2.62
N ALA A 357 31.78 -17.40 -2.25
CA ALA A 357 33.03 -16.69 -2.47
C ALA A 357 34.08 -17.03 -1.41
N SER A 358 33.66 -17.16 -0.14
CA SER A 358 34.59 -17.60 0.89
C SER A 358 35.14 -18.98 0.54
N PHE A 359 34.26 -19.91 0.16
CA PHE A 359 34.71 -21.23 -0.28
C PHE A 359 35.73 -21.11 -1.40
N PHE A 360 35.54 -20.12 -2.28
CA PHE A 360 36.41 -19.99 -3.44
C PHE A 360 37.83 -19.64 -3.06
N VAL A 361 38.01 -18.76 -2.08
CA VAL A 361 39.34 -18.30 -1.70
C VAL A 361 39.86 -18.92 -0.41
N LYS A 362 39.06 -19.76 0.26
CA LYS A 362 39.52 -20.39 1.49
C LYS A 362 39.71 -21.89 1.38
N VAL A 363 38.91 -22.58 0.58
CA VAL A 363 39.03 -24.03 0.42
C VAL A 363 39.72 -24.39 -0.89
N LEU A 364 39.22 -23.87 -2.02
CA LEU A 364 39.91 -24.05 -3.29
C LEU A 364 41.09 -23.09 -3.41
N GLN A 365 40.99 -21.91 -2.83
CA GLN A 365 42.09 -20.93 -2.77
C GLN A 365 42.58 -20.57 -4.18
N LEU A 366 41.63 -20.43 -5.11
CA LEU A 366 41.83 -19.96 -6.47
C LEU A 366 41.91 -18.44 -6.50
N PRO A 367 42.60 -17.87 -7.48
CA PRO A 367 42.71 -16.40 -7.56
C PRO A 367 41.35 -15.74 -7.46
N ALA A 368 41.22 -14.82 -6.50
CA ALA A 368 39.94 -14.15 -6.31
C ALA A 368 39.49 -13.44 -7.59
N ARG A 369 40.44 -13.01 -8.42
CA ARG A 369 40.09 -12.44 -9.71
C ARG A 369 39.17 -13.36 -10.50
N TRP A 370 39.52 -14.65 -10.55
CA TRP A 370 38.73 -15.61 -11.30
C TRP A 370 37.26 -15.57 -10.90
N GLY A 371 37.01 -15.64 -9.58
CA GLY A 371 35.64 -15.61 -9.10
C GLY A 371 34.99 -14.26 -9.24
N MET A 372 35.78 -13.19 -9.11
CA MET A 372 35.26 -11.85 -9.36
C MET A 372 34.77 -11.72 -10.80
N LYS A 373 35.44 -12.37 -11.74
CA LYS A 373 35.01 -12.26 -13.13
C LYS A 373 33.75 -13.07 -13.39
N TYR A 374 33.68 -14.30 -12.87
CA TYR A 374 32.49 -15.12 -13.04
C TYR A 374 31.26 -14.40 -12.49
N PHE A 375 31.35 -13.89 -11.26
CA PHE A 375 30.28 -13.09 -10.67
C PHE A 375 29.83 -12.01 -11.65
N TRP A 376 30.78 -11.37 -12.32
CA TRP A 376 30.47 -10.27 -13.23
C TRP A 376 29.65 -10.74 -14.44
N ASP A 377 29.81 -12.00 -14.84
CA ASP A 377 29.10 -12.52 -16.00
C ASP A 377 27.77 -13.18 -15.66
N THR A 378 27.52 -13.49 -14.38
CA THR A 378 26.36 -14.26 -13.98
C THR A 378 25.37 -13.49 -13.11
N LEU A 379 25.77 -12.38 -12.50
CA LEU A 379 24.90 -11.61 -11.61
C LEU A 379 24.11 -10.58 -12.40
N LEU A 380 22.80 -10.51 -12.13
CA LEU A 380 22.00 -9.45 -12.73
C LEU A 380 22.29 -8.09 -12.11
N ASP A 381 22.70 -8.07 -10.84
CA ASP A 381 23.00 -6.82 -10.15
C ASP A 381 24.50 -6.54 -10.08
N ALA A 382 25.29 -7.16 -10.96
CA ALA A 382 26.73 -6.94 -10.98
C ALA A 382 27.03 -5.45 -10.95
N ASP A 383 27.61 -5.01 -9.84
CA ASP A 383 27.79 -3.61 -9.50
C ASP A 383 29.25 -3.41 -9.14
N LEU A 384 29.91 -2.46 -9.79
CA LEU A 384 31.36 -2.33 -9.66
C LEU A 384 31.75 -2.14 -8.19
N GLU A 385 31.27 -1.08 -7.55
CA GLU A 385 31.71 -0.79 -6.19
C GLU A 385 31.21 -1.84 -5.20
N SER A 386 30.01 -2.36 -5.41
CA SER A 386 29.44 -3.32 -4.45
C SER A 386 30.14 -4.66 -4.54
N ASP A 387 30.50 -5.09 -5.76
CA ASP A 387 31.28 -6.33 -5.93
C ASP A 387 32.66 -6.18 -5.32
N ALA A 388 33.32 -5.04 -5.57
CA ALA A 388 34.61 -4.80 -4.95
C ALA A 388 34.51 -4.85 -3.44
N LEU A 389 33.47 -4.24 -2.88
CA LEU A 389 33.34 -4.22 -1.42
C LEU A 389 33.10 -5.62 -0.88
N GLY A 390 32.32 -6.43 -1.60
CA GLY A 390 32.04 -7.77 -1.12
C GLY A 390 33.27 -8.66 -1.11
N TRP A 391 34.01 -8.66 -2.22
CA TRP A 391 35.24 -9.46 -2.27
C TRP A 391 36.29 -8.93 -1.30
N GLN A 392 36.37 -7.61 -1.15
CA GLN A 392 37.27 -7.05 -0.14
C GLN A 392 36.86 -7.45 1.26
N TYR A 393 35.56 -7.61 1.49
CA TYR A 393 35.06 -7.98 2.80
C TYR A 393 35.38 -9.43 3.12
N ILE A 394 35.11 -10.34 2.16
CA ILE A 394 35.29 -11.77 2.43
C ILE A 394 36.75 -12.19 2.43
N THR A 395 37.64 -11.41 1.82
CA THR A 395 39.06 -11.76 1.82
C THR A 395 39.83 -11.07 2.92
N GLY A 396 39.24 -10.12 3.62
CA GLY A 396 39.93 -9.44 4.69
C GLY A 396 40.89 -8.35 4.27
N SER A 397 40.60 -7.64 3.17
CA SER A 397 41.35 -6.43 2.84
C SER A 397 40.89 -5.24 3.66
N LEU A 398 39.64 -5.26 4.08
CA LEU A 398 39.15 -4.21 4.93
C LEU A 398 39.52 -4.51 6.37
N PRO A 399 39.77 -3.49 7.19
CA PRO A 399 39.83 -3.72 8.64
C PRO A 399 38.48 -4.18 9.17
N ASP A 400 37.40 -3.65 8.59
CA ASP A 400 36.06 -4.14 8.88
C ASP A 400 35.91 -5.62 8.52
N GLY A 401 36.71 -6.12 7.59
CA GLY A 401 36.39 -7.33 6.88
C GLY A 401 36.55 -8.60 7.68
N ARG A 402 36.29 -9.70 6.99
CA ARG A 402 36.28 -11.02 7.62
C ARG A 402 37.69 -11.59 7.70
N GLU A 403 37.98 -12.21 8.84
CA GLU A 403 39.31 -12.73 9.17
C GLU A 403 39.93 -13.53 8.03
N LEU A 404 41.24 -13.40 7.87
CA LEU A 404 41.93 -14.06 6.75
C LEU A 404 42.27 -15.51 7.09
N ASP A 405 42.94 -15.70 8.22
CA ASP A 405 43.51 -16.98 8.64
C ASP A 405 42.43 -17.75 9.38
N ARG A 406 41.47 -18.26 8.60
CA ARG A 406 40.28 -18.87 9.16
C ARG A 406 39.38 -19.42 8.06
N ILE A 407 38.78 -20.59 8.29
CA ILE A 407 37.81 -21.19 7.40
C ILE A 407 36.53 -21.43 8.21
N ASP A 408 35.37 -21.16 7.61
CA ASP A 408 34.10 -21.42 8.26
C ASP A 408 33.79 -22.91 8.27
N ASN A 409 33.33 -23.40 9.40
CA ASN A 409 32.73 -24.73 9.43
C ASN A 409 31.42 -24.68 8.67
N PRO A 410 31.24 -25.54 7.66
CA PRO A 410 29.98 -25.49 6.89
C PRO A 410 28.73 -25.64 7.74
N GLN A 411 28.82 -26.23 8.93
CA GLN A 411 27.65 -26.28 9.80
C GLN A 411 27.36 -24.91 10.41
N PHE A 412 28.39 -24.12 10.65
CA PHE A 412 28.19 -22.73 11.07
C PHE A 412 27.43 -21.95 10.01
N GLU A 413 27.83 -22.10 8.75
CA GLU A 413 27.10 -21.46 7.66
C GLU A 413 25.70 -22.03 7.54
N GLY A 414 25.56 -23.34 7.62
CA GLY A 414 24.26 -23.95 7.44
C GLY A 414 23.25 -23.52 8.49
N TYR A 415 23.68 -23.48 9.75
CA TYR A 415 22.72 -23.16 10.81
C TYR A 415 22.29 -21.70 10.77
N LYS A 416 23.12 -20.81 10.22
CA LYS A 416 22.79 -19.40 10.18
C LYS A 416 21.93 -19.03 8.98
N PHE A 417 22.21 -19.62 7.81
CA PHE A 417 21.53 -19.23 6.58
C PHE A 417 20.55 -20.28 6.06
N ASP A 418 20.51 -21.47 6.66
CA ASP A 418 19.71 -22.58 6.18
C ASP A 418 19.46 -23.59 7.30
N PRO A 419 18.86 -23.20 8.42
CA PRO A 419 18.84 -24.08 9.60
C PRO A 419 18.11 -25.40 9.39
N HIS A 420 17.10 -25.45 8.53
CA HIS A 420 16.39 -26.69 8.29
C HIS A 420 16.81 -27.38 7.00
N GLY A 421 17.88 -26.90 6.38
CA GLY A 421 18.37 -27.49 5.14
C GLY A 421 17.47 -27.31 3.95
N GLU A 422 16.41 -26.50 4.07
CA GLU A 422 15.47 -26.39 2.97
C GLU A 422 16.04 -25.60 1.79
N TYR A 423 17.08 -24.81 2.00
CA TYR A 423 17.75 -24.17 0.86
C TYR A 423 18.49 -25.20 0.02
N VAL A 424 19.25 -26.08 0.69
CA VAL A 424 19.96 -27.14 -0.04
C VAL A 424 18.96 -28.04 -0.76
N ARG A 425 17.86 -28.42 -0.10
CA ARG A 425 16.95 -29.39 -0.68
C ARG A 425 16.19 -28.81 -1.87
N ARG A 426 15.96 -27.50 -1.89
CA ARG A 426 15.27 -26.88 -3.02
C ARG A 426 16.14 -26.90 -4.27
N TRP A 427 17.44 -26.65 -4.12
CA TRP A 427 18.35 -26.54 -5.26
C TRP A 427 19.14 -27.81 -5.53
N ILE A 428 19.21 -28.74 -4.58
CA ILE A 428 19.82 -30.04 -4.82
C ILE A 428 18.82 -31.11 -4.39
N PRO A 429 17.82 -31.41 -5.22
CA PRO A 429 16.82 -32.43 -4.82
C PRO A 429 17.43 -33.79 -4.58
N GLU A 430 18.62 -34.07 -5.12
CA GLU A 430 19.28 -35.35 -4.87
C GLU A 430 19.37 -35.66 -3.38
N LEU A 431 19.61 -34.63 -2.57
CA LEU A 431 19.80 -34.79 -1.13
C LEU A 431 18.53 -34.55 -0.33
N ALA A 432 17.36 -34.61 -0.97
CA ALA A 432 16.13 -34.28 -0.26
C ALA A 432 15.95 -35.16 0.98
N ARG A 433 16.23 -36.46 0.86
CA ARG A 433 16.02 -37.38 1.96
C ARG A 433 17.23 -37.47 2.89
N LEU A 434 18.19 -36.54 2.79
CA LEU A 434 19.32 -36.54 3.70
C LEU A 434 19.00 -35.66 4.89
N PRO A 435 19.04 -36.20 6.11
CA PRO A 435 18.63 -35.40 7.28
C PRO A 435 19.42 -34.11 7.46
N THR A 436 18.73 -33.12 8.05
CA THR A 436 19.31 -31.84 8.42
C THR A 436 20.64 -31.96 9.17
N GLU A 437 20.85 -33.05 9.92
CA GLU A 437 22.01 -33.17 10.79
C GLU A 437 23.31 -33.29 10.00
N TRP A 438 23.24 -33.80 8.76
CA TRP A 438 24.41 -33.98 7.92
C TRP A 438 24.26 -33.33 6.55
N ILE A 439 23.17 -32.59 6.31
CA ILE A 439 22.92 -32.13 4.95
C ILE A 439 23.94 -31.11 4.49
N HIS A 440 24.66 -30.47 5.40
CA HIS A 440 25.66 -29.48 5.03
C HIS A 440 27.09 -30.02 5.10
N HIS A 441 27.26 -31.28 5.49
CA HIS A 441 28.57 -31.94 5.48
C HIS A 441 28.37 -33.43 5.29
N PRO A 442 27.87 -33.84 4.12
CA PRO A 442 27.53 -35.27 3.92
C PRO A 442 28.69 -36.20 4.14
N TRP A 443 29.93 -35.74 3.91
CA TRP A 443 31.09 -36.60 4.02
C TRP A 443 31.26 -37.16 5.44
N ASP A 444 30.66 -36.53 6.44
CA ASP A 444 30.80 -36.98 7.83
C ASP A 444 29.75 -38.01 8.22
N ALA A 445 28.75 -38.25 7.39
CA ALA A 445 27.68 -39.15 7.79
C ALA A 445 28.13 -40.61 7.70
N PRO A 446 27.65 -41.45 8.60
CA PRO A 446 27.89 -42.90 8.46
C PRO A 446 27.26 -43.43 7.19
N VAL A 447 27.83 -44.53 6.68
CA VAL A 447 27.34 -45.12 5.44
C VAL A 447 25.88 -45.51 5.57
N SER A 448 25.49 -46.03 6.74
CA SER A 448 24.10 -46.41 6.95
C SER A 448 23.18 -45.21 6.76
N VAL A 449 23.56 -44.07 7.32
CA VAL A 449 22.74 -42.86 7.21
C VAL A 449 22.73 -42.35 5.78
N LEU A 450 23.85 -42.49 5.06
CA LEU A 450 23.89 -42.05 3.66
C LEU A 450 23.21 -43.05 2.74
N GLN A 451 23.18 -44.33 3.13
CA GLN A 451 22.44 -45.33 2.38
C GLN A 451 20.94 -45.20 2.62
N ALA A 452 20.54 -44.83 3.83
CA ALA A 452 19.13 -44.56 4.09
C ALA A 452 18.65 -43.37 3.27
N ALA A 453 19.51 -42.35 3.13
CA ALA A 453 19.20 -41.18 2.33
C ALA A 453 19.38 -41.44 0.83
N GLY A 454 19.76 -42.65 0.44
CA GLY A 454 19.95 -42.95 -0.96
C GLY A 454 21.08 -42.18 -1.60
N ILE A 455 22.14 -41.90 -0.85
CA ILE A 455 23.26 -41.11 -1.33
C ILE A 455 24.50 -41.99 -1.37
N GLU A 456 25.17 -42.01 -2.52
CA GLU A 456 26.46 -42.66 -2.70
C GLU A 456 27.45 -41.55 -3.02
N LEU A 457 28.23 -41.14 -2.02
CA LEU A 457 29.16 -40.03 -2.23
C LEU A 457 30.20 -40.42 -3.28
N GLY A 458 30.11 -39.80 -4.45
CA GLY A 458 30.95 -40.14 -5.58
C GLY A 458 30.19 -40.56 -6.83
N SER A 459 28.87 -40.77 -6.76
CA SER A 459 28.12 -41.19 -7.93
C SER A 459 26.81 -40.42 -7.95
N ASN A 460 26.07 -40.48 -6.84
CA ASN A 460 24.83 -39.76 -6.68
C ASN A 460 24.98 -38.26 -6.42
N TYR A 461 26.04 -37.88 -5.71
CA TYR A 461 26.39 -36.53 -5.33
C TYR A 461 27.89 -36.55 -5.08
N PRO A 462 28.64 -35.53 -5.49
CA PRO A 462 30.11 -35.64 -5.46
C PRO A 462 30.69 -35.69 -4.05
N LEU A 463 31.92 -36.19 -3.98
CA LEU A 463 32.74 -36.16 -2.78
C LEU A 463 33.32 -34.76 -2.57
N PRO A 464 33.78 -34.45 -1.37
CA PRO A 464 34.38 -33.11 -1.17
C PRO A 464 35.61 -32.97 -2.05
N ILE A 465 35.55 -32.00 -2.98
CA ILE A 465 36.62 -31.80 -3.93
C ILE A 465 37.93 -31.48 -3.20
N VAL A 466 37.84 -30.71 -2.11
CA VAL A 466 38.94 -30.49 -1.18
C VAL A 466 38.41 -30.67 0.23
N GLU A 467 39.08 -31.48 1.03
CA GLU A 467 38.66 -31.69 2.39
C GLU A 467 39.08 -30.52 3.28
N LEU A 468 38.24 -30.24 4.29
CA LEU A 468 38.45 -29.07 5.13
C LEU A 468 39.84 -29.08 5.77
N ASP A 469 40.25 -30.21 6.31
CA ASP A 469 41.53 -30.24 7.01
C ASP A 469 42.69 -30.07 6.05
N ALA A 470 42.56 -30.55 4.82
CA ALA A 470 43.57 -30.21 3.82
C ALA A 470 43.52 -28.73 3.47
N ALA A 471 42.30 -28.17 3.39
CA ALA A 471 42.18 -26.74 3.06
C ALA A 471 42.80 -25.86 4.13
N LYS A 472 42.60 -26.22 5.41
CA LYS A 472 43.17 -25.39 6.46
C LYS A 472 44.69 -25.54 6.52
N GLY A 473 45.20 -26.76 6.36
CA GLY A 473 46.63 -26.94 6.32
C GLY A 473 47.28 -26.18 5.19
N ARG A 474 46.67 -26.23 4.01
CA ARG A 474 47.22 -25.49 2.89
C ARG A 474 47.06 -23.98 3.06
N LEU A 475 46.05 -23.54 3.83
CA LEU A 475 45.89 -22.11 4.07
C LEU A 475 46.98 -21.58 4.98
N GLN A 476 47.33 -22.31 6.04
CA GLN A 476 48.42 -21.87 6.90
C GLN A 476 49.76 -21.93 6.18
N ALA A 477 49.94 -22.92 5.30
CA ALA A 477 51.18 -22.99 4.54
C ALA A 477 51.25 -21.87 3.50
N ALA A 478 50.09 -21.43 3.00
CA ALA A 478 50.07 -20.36 2.01
C ALA A 478 50.23 -18.99 2.64
N LEU A 479 49.71 -18.80 3.85
CA LEU A 479 49.86 -17.51 4.53
C LEU A 479 51.28 -17.35 5.08
N SER A 480 51.83 -18.41 5.69
CA SER A 480 53.21 -18.34 6.15
C SER A 480 54.15 -18.06 4.98
N GLU A 481 53.87 -18.69 3.84
CA GLU A 481 54.60 -18.37 2.61
C GLU A 481 54.44 -16.91 2.24
N MET A 482 53.24 -16.35 2.45
CA MET A 482 52.99 -14.96 2.18
C MET A 482 53.64 -14.04 3.21
N TRP A 483 53.71 -14.48 4.47
CA TRP A 483 54.22 -13.60 5.53
C TRP A 483 55.74 -13.62 5.63
N GLN A 484 56.38 -14.73 5.26
CA GLN A 484 57.83 -14.70 5.12
C GLN A 484 58.26 -13.90 3.90
N LEU A 485 57.45 -13.94 2.84
CA LEU A 485 57.70 -13.12 1.66
C LEU A 485 57.49 -11.64 1.95
N GLU A 486 56.43 -11.32 2.69
CA GLU A 486 56.08 -9.92 2.93
C GLU A 486 57.19 -9.21 3.70
N ALA A 487 57.78 -9.88 4.69
CA ALA A 487 58.87 -9.28 5.43
C ALA A 487 60.12 -9.13 4.58
N ALA A 488 60.29 -10.00 3.58
CA ALA A 488 61.46 -9.95 2.70
C ALA A 488 61.47 -8.68 1.84
N SER A 489 60.48 -7.82 2.04
CA SER A 489 60.39 -6.55 1.31
C SER A 489 60.44 -5.37 2.27
N GLY B 14 3.65 -37.60 33.04
CA GLY B 14 3.99 -36.18 33.14
C GLY B 14 5.47 -35.91 33.30
N ALA B 15 6.29 -36.70 32.62
CA ALA B 15 7.73 -36.51 32.63
C ALA B 15 8.15 -35.58 31.49
N VAL B 16 9.46 -35.37 31.33
CA VAL B 16 9.96 -34.63 30.18
C VAL B 16 10.05 -35.58 28.99
N HIS B 17 9.80 -35.03 27.80
CA HIS B 17 9.50 -35.85 26.64
C HIS B 17 9.72 -35.00 25.39
N GLY B 18 9.63 -35.66 24.23
CA GLY B 18 9.79 -34.96 22.97
C GLY B 18 11.20 -34.49 22.71
N HIS B 19 12.19 -35.32 23.04
CA HIS B 19 13.58 -34.95 22.85
C HIS B 19 13.91 -34.84 21.37
N ARG B 20 14.50 -33.72 20.95
CA ARG B 20 14.97 -33.56 19.58
C ARG B 20 16.42 -33.09 19.60
N LEU B 21 17.29 -33.85 18.93
CA LEU B 21 18.73 -33.71 19.05
C LEU B 21 19.28 -32.91 17.87
N SER B 22 20.32 -32.13 18.15
CA SER B 22 21.01 -31.36 17.12
C SER B 22 22.43 -31.11 17.60
N THR B 23 23.27 -30.66 16.68
CA THR B 23 24.67 -30.41 16.98
C THR B 23 24.97 -28.91 16.84
N VAL B 24 26.01 -28.46 17.54
CA VAL B 24 26.62 -27.16 17.31
C VAL B 24 28.14 -27.34 17.29
N VAL B 25 28.81 -26.60 16.42
CA VAL B 25 30.26 -26.74 16.24
C VAL B 25 30.92 -25.37 16.40
N PRO B 26 32.23 -25.30 16.55
CA PRO B 26 32.91 -24.00 16.47
C PRO B 26 32.72 -23.38 15.09
N SER B 27 32.75 -22.05 15.05
CA SER B 27 32.54 -21.35 13.79
C SER B 27 33.66 -21.64 12.80
N SER B 28 34.89 -21.75 13.30
CA SER B 28 36.06 -21.92 12.46
C SER B 28 36.51 -23.38 12.47
N VAL B 29 36.85 -23.89 11.28
CA VAL B 29 37.51 -25.19 11.21
C VAL B 29 38.83 -25.09 11.96
N THR B 30 39.09 -26.06 12.84
CA THR B 30 40.32 -26.02 13.62
C THR B 30 41.48 -26.70 12.90
N GLY B 31 41.25 -27.84 12.30
CA GLY B 31 42.28 -28.55 11.55
C GLY B 31 42.90 -29.68 12.35
N GLU B 32 44.00 -30.21 11.80
CA GLU B 32 44.78 -31.25 12.46
C GLU B 32 45.28 -30.43 13.66
N VAL B 33 44.71 -30.72 14.82
CA VAL B 33 45.08 -30.06 16.07
C VAL B 33 44.74 -31.08 17.14
N ASP B 34 45.74 -31.44 17.95
CA ASP B 34 45.55 -32.35 19.06
C ASP B 34 45.71 -31.56 20.36
N TYR B 35 44.74 -31.70 21.25
CA TYR B 35 44.77 -31.05 22.56
C TYR B 35 45.26 -32.07 23.58
N ALA B 36 46.41 -31.79 24.19
CA ALA B 36 47.00 -32.72 25.13
C ALA B 36 46.31 -32.62 26.48
N LEU B 37 45.87 -33.77 27.00
CA LEU B 37 45.26 -33.83 28.32
C LEU B 37 46.34 -33.85 29.39
N ALA B 38 46.05 -33.21 30.52
CA ALA B 38 46.87 -33.39 31.71
C ALA B 38 46.58 -34.76 32.31
N ASP B 39 47.46 -35.22 33.20
CA ASP B 39 47.02 -36.42 33.92
C ASP B 39 46.11 -36.09 35.09
N ALA B 40 46.13 -34.84 35.57
CA ALA B 40 45.03 -34.38 36.41
C ALA B 40 43.72 -34.40 35.64
N ASP B 41 43.76 -34.17 34.33
CA ASP B 41 42.59 -34.37 33.49
C ASP B 41 42.20 -35.85 33.45
N LEU B 42 43.17 -36.72 33.17
CA LEU B 42 42.90 -38.16 33.10
C LEU B 42 42.50 -38.75 34.44
N ALA B 43 42.84 -38.07 35.54
CA ALA B 43 42.49 -38.57 36.86
C ALA B 43 40.99 -38.58 37.09
N PHE B 44 40.26 -37.66 36.45
CA PHE B 44 38.82 -37.56 36.62
C PHE B 44 38.06 -38.06 35.39
N LYS B 45 38.67 -38.92 34.59
CA LYS B 45 38.07 -39.32 33.31
C LYS B 45 36.79 -40.14 33.47
N LEU B 46 36.45 -40.58 34.68
CA LEU B 46 35.25 -41.37 34.91
C LEU B 46 34.24 -40.61 35.76
N HIS B 47 34.28 -39.29 35.72
CA HIS B 47 33.38 -38.47 36.49
C HIS B 47 32.67 -37.50 35.56
N TYR B 48 31.44 -37.15 35.94
CA TYR B 48 30.54 -36.44 35.04
C TYR B 48 29.73 -35.45 35.84
N LEU B 49 29.73 -34.21 35.39
CA LEU B 49 28.92 -33.18 36.03
C LEU B 49 27.56 -33.09 35.35
N ARG B 50 26.56 -32.77 36.16
CA ARG B 50 25.19 -32.61 35.69
C ARG B 50 24.70 -31.31 36.33
N GLY B 51 24.84 -30.21 35.62
CA GLY B 51 24.40 -28.91 36.10
C GLY B 51 23.04 -28.56 35.52
N VAL B 52 22.14 -28.12 36.40
CA VAL B 52 20.79 -27.73 36.02
C VAL B 52 20.59 -26.28 36.46
N TYR B 53 20.21 -25.43 35.51
CA TYR B 53 19.90 -24.02 35.76
C TYR B 53 18.44 -23.79 35.36
N TYR B 54 17.67 -23.21 36.27
CA TYR B 54 16.24 -22.95 36.05
C TYR B 54 16.00 -21.46 35.87
N TYR B 55 15.07 -21.12 34.97
CA TYR B 55 14.80 -19.72 34.66
C TYR B 55 13.31 -19.44 34.75
N ARG B 56 12.98 -18.29 35.33
CA ARG B 56 11.57 -17.93 35.53
C ARG B 56 10.81 -17.93 34.21
N SER B 57 11.39 -17.32 33.17
CA SER B 57 10.76 -17.23 31.86
C SER B 57 11.76 -17.62 30.78
N GLY B 58 11.32 -18.46 29.85
CA GLY B 58 12.08 -18.75 28.65
C GLY B 58 11.62 -17.87 27.50
N ASP B 59 11.12 -16.68 27.83
CA ASP B 59 10.63 -15.74 26.85
C ASP B 59 11.80 -14.92 26.30
N GLY B 60 11.97 -14.95 24.98
CA GLY B 60 13.13 -14.35 24.36
C GLY B 60 14.32 -15.27 24.23
N LEU B 61 14.28 -16.43 24.89
CA LEU B 61 15.36 -17.41 24.78
C LEU B 61 14.86 -18.64 24.04
N ALA B 62 14.43 -18.44 22.80
CA ALA B 62 14.04 -19.54 21.94
C ALA B 62 15.29 -20.33 21.51
N THR B 63 15.05 -21.51 20.91
CA THR B 63 16.14 -22.42 20.60
C THR B 63 17.23 -21.74 19.77
N LYS B 64 16.83 -20.96 18.75
CA LYS B 64 17.82 -20.29 17.92
C LYS B 64 18.62 -19.27 18.72
N VAL B 65 17.99 -18.60 19.68
CA VAL B 65 18.71 -17.61 20.48
C VAL B 65 19.74 -18.30 21.37
N LEU B 66 19.41 -19.47 21.89
CA LEU B 66 20.35 -20.15 22.78
C LEU B 66 21.49 -20.78 22.00
N LYS B 67 21.21 -21.32 20.80
CA LYS B 67 22.22 -22.07 20.07
C LYS B 67 23.20 -21.15 19.35
N ASP B 68 22.71 -20.06 18.77
CA ASP B 68 23.54 -19.21 17.92
C ASP B 68 24.88 -18.82 18.55
N PRO B 69 24.95 -18.33 19.80
CA PRO B 69 26.25 -17.96 20.36
C PRO B 69 27.16 -19.14 20.66
N MET B 70 26.65 -20.37 20.64
CA MET B 70 27.50 -21.52 20.94
C MET B 70 28.62 -21.67 19.92
N PHE B 71 28.39 -21.23 18.67
CA PHE B 71 29.41 -21.38 17.64
C PHE B 71 30.64 -20.53 17.93
N PRO B 72 30.55 -19.21 18.13
CA PRO B 72 31.74 -18.47 18.58
C PRO B 72 32.26 -18.96 19.92
N TRP B 73 31.36 -19.35 20.81
CA TRP B 73 31.73 -19.90 22.11
C TRP B 73 32.69 -21.08 21.95
N LEU B 74 32.36 -22.01 21.05
CA LEU B 74 33.21 -23.17 20.82
C LEU B 74 34.45 -22.86 19.97
N ASP B 75 34.59 -21.62 19.48
CA ASP B 75 35.84 -21.22 18.87
C ASP B 75 36.91 -21.01 19.95
N ASP B 76 36.51 -20.39 21.07
CA ASP B 76 37.38 -20.22 22.22
C ASP B 76 37.51 -21.50 23.05
N HIS B 77 36.56 -22.42 22.92
CA HIS B 77 36.60 -23.67 23.67
C HIS B 77 36.58 -24.85 22.72
N PHE B 78 37.45 -24.85 21.72
CA PHE B 78 37.36 -25.88 20.68
C PHE B 78 37.58 -27.30 21.20
N PRO B 79 38.47 -27.59 22.16
CA PRO B 79 38.60 -28.98 22.61
C PRO B 79 37.32 -29.57 23.19
N VAL B 80 36.44 -28.74 23.75
CA VAL B 80 35.15 -29.26 24.20
C VAL B 80 34.38 -29.86 23.02
N ALA B 81 34.61 -29.34 21.82
CA ALA B 81 33.90 -29.80 20.63
C ALA B 81 34.60 -30.95 19.93
N GLY B 82 35.71 -31.43 20.48
CA GLY B 82 36.45 -32.54 19.91
C GLY B 82 35.98 -33.88 20.44
N ARG B 83 36.82 -34.89 20.22
CA ARG B 83 36.53 -36.24 20.66
C ARG B 83 37.79 -36.83 21.26
N VAL B 84 37.66 -38.00 21.87
CA VAL B 84 38.76 -38.64 22.57
C VAL B 84 39.42 -39.65 21.64
N ARG B 85 40.74 -39.70 21.67
CA ARG B 85 41.52 -40.70 20.96
C ARG B 85 42.66 -41.16 21.87
N ARG B 86 43.31 -42.24 21.45
CA ARG B 86 44.43 -42.81 22.20
C ARG B 86 45.67 -42.81 21.31
N ALA B 87 46.79 -42.35 21.85
CA ALA B 87 48.06 -42.36 21.14
C ALA B 87 48.75 -43.71 21.29
N GLU B 88 49.75 -43.94 20.45
CA GLU B 88 50.52 -45.17 20.52
C GLU B 88 51.75 -44.99 21.40
N ALA B 89 52.14 -46.06 22.08
CA ALA B 89 53.06 -45.97 23.22
C ALA B 89 54.51 -46.12 22.78
N GLU B 90 55.39 -46.37 23.76
CA GLU B 90 56.82 -46.53 23.52
C GLU B 90 57.27 -47.97 23.32
N ARG B 96 49.49 -46.00 26.52
CA ARG B 96 48.84 -45.36 25.37
C ARG B 96 48.02 -44.18 25.88
N ARG B 97 48.63 -43.01 25.92
CA ARG B 97 47.99 -41.85 26.51
C ARG B 97 46.80 -41.40 25.68
N PRO B 98 45.69 -41.01 26.31
CA PRO B 98 44.57 -40.43 25.56
C PRO B 98 44.72 -38.93 25.38
N TYR B 99 44.22 -38.45 24.24
CA TYR B 99 44.23 -37.03 23.93
C TYR B 99 42.91 -36.66 23.27
N ILE B 100 42.71 -35.36 23.07
CA ILE B 100 41.52 -34.82 22.43
C ILE B 100 41.87 -34.49 20.99
N LYS B 101 41.33 -35.27 20.06
CA LYS B 101 41.38 -34.90 18.65
C LYS B 101 40.35 -33.79 18.43
N CYS B 102 40.84 -32.63 18.03
CA CYS B 102 40.00 -31.45 17.83
C CYS B 102 39.33 -31.46 16.46
N ASN B 103 38.55 -32.50 16.16
CA ASN B 103 37.74 -32.57 14.92
C ASN B 103 36.48 -31.87 15.32
N ASP B 104 36.09 -30.79 14.68
CA ASP B 104 34.94 -30.06 15.27
C ASP B 104 33.73 -30.95 15.07
N CYS B 105 33.39 -31.76 16.07
CA CYS B 105 32.28 -32.68 15.96
C CYS B 105 31.15 -32.02 16.74
N GLY B 106 31.48 -31.46 17.90
CA GLY B 106 30.64 -30.46 18.52
C GLY B 106 29.96 -30.92 19.79
N VAL B 107 28.99 -30.11 20.21
CA VAL B 107 28.21 -30.31 21.41
C VAL B 107 26.78 -30.64 20.98
N ARG B 108 26.23 -31.72 21.52
CA ARG B 108 24.85 -32.07 21.18
C ARG B 108 23.89 -31.19 21.98
N ILE B 109 22.84 -30.72 21.31
CA ILE B 109 21.78 -29.96 21.93
C ILE B 109 20.54 -30.85 22.00
N VAL B 110 19.93 -30.89 23.18
CA VAL B 110 18.74 -31.72 23.41
C VAL B 110 17.59 -30.79 23.76
N GLU B 111 16.57 -30.76 22.91
CA GLU B 111 15.37 -29.97 23.15
C GLU B 111 14.28 -30.87 23.72
N ALA B 112 13.65 -30.43 24.79
CA ALA B 112 12.59 -31.17 25.44
C ALA B 112 11.69 -30.20 26.18
N ARG B 113 10.49 -30.67 26.53
CA ARG B 113 9.55 -29.86 27.30
C ARG B 113 8.72 -30.76 28.20
N CYS B 114 8.19 -30.15 29.27
CA CYS B 114 7.54 -30.89 30.35
C CYS B 114 6.27 -30.17 30.80
N ASP B 115 5.15 -30.91 30.85
CA ASP B 115 3.84 -30.37 31.26
C ASP B 115 3.75 -30.35 32.78
N ARG B 116 4.41 -29.35 33.37
CA ARG B 116 4.50 -29.30 34.82
C ARG B 116 5.08 -27.94 35.20
N ASP B 117 4.54 -27.36 36.27
CA ASP B 117 4.99 -26.03 36.67
C ASP B 117 6.34 -26.11 37.33
N MET B 118 7.31 -25.42 36.73
CA MET B 118 8.70 -25.48 37.17
C MET B 118 8.82 -25.25 38.66
N ALA B 119 8.19 -24.19 39.17
CA ALA B 119 8.30 -23.85 40.59
C ALA B 119 7.87 -25.01 41.49
N GLU B 120 6.79 -25.71 41.10
CA GLU B 120 6.35 -26.87 41.88
C GLU B 120 7.41 -27.96 41.90
N TRP B 121 8.05 -28.21 40.76
CA TRP B 121 9.08 -29.25 40.71
C TRP B 121 10.36 -28.83 41.41
N ILE B 122 10.62 -27.51 41.52
CA ILE B 122 11.74 -27.04 42.32
C ILE B 122 11.53 -27.43 43.79
N ARG B 123 10.30 -27.30 44.27
CA ARG B 123 9.93 -27.49 45.66
C ARG B 123 9.29 -28.85 45.90
N ASP B 124 9.79 -29.90 45.25
CA ASP B 124 9.19 -31.22 45.33
C ASP B 124 10.06 -32.25 46.03
N ALA B 125 11.35 -31.96 46.25
CA ALA B 125 12.31 -32.94 46.75
C ALA B 125 12.24 -34.21 45.90
N ALA B 126 12.28 -34.02 44.60
CA ALA B 126 12.05 -35.09 43.65
C ALA B 126 13.27 -36.00 43.56
N PRO B 127 13.09 -37.32 43.71
CA PRO B 127 14.18 -38.24 43.34
C PRO B 127 14.28 -38.32 41.82
N GLY B 128 15.46 -37.99 41.30
CA GLY B 128 15.68 -38.07 39.88
C GLY B 128 15.25 -36.87 39.08
N ARG B 129 15.19 -35.69 39.69
CA ARG B 129 14.94 -34.48 38.92
C ARG B 129 16.13 -34.16 38.01
N ILE B 130 17.32 -34.04 38.61
CA ILE B 130 18.55 -33.76 37.86
C ILE B 130 18.75 -34.79 36.74
N ARG B 131 18.35 -36.04 36.98
CA ARG B 131 18.53 -37.08 35.96
C ARG B 131 17.58 -36.88 34.79
N GLN B 132 16.50 -36.12 34.96
CA GLN B 132 15.53 -35.90 33.89
C GLN B 132 15.77 -34.63 33.09
N LEU B 133 16.46 -33.64 33.67
CA LEU B 133 16.75 -32.40 32.96
C LEU B 133 18.14 -32.40 32.33
N CYS B 134 18.95 -33.42 32.60
CA CYS B 134 20.22 -33.60 31.94
C CYS B 134 20.12 -34.80 31.00
N TYR B 135 20.76 -34.70 29.85
CA TYR B 135 20.94 -35.88 29.02
C TYR B 135 21.93 -36.81 29.72
N ASP B 136 21.59 -38.09 29.83
CA ASP B 136 22.48 -39.04 30.49
C ASP B 136 23.18 -39.88 29.43
N LYS B 137 24.35 -39.40 29.02
CA LYS B 137 25.32 -40.17 28.28
C LYS B 137 26.68 -39.94 28.93
N VAL B 138 27.63 -40.80 28.61
CA VAL B 138 28.99 -40.69 29.14
C VAL B 138 29.97 -41.03 28.02
N LEU B 139 31.26 -40.88 28.30
CA LEU B 139 32.31 -41.33 27.40
C LEU B 139 32.05 -42.82 27.62
N GLY B 140 31.51 -43.46 26.57
CA GLY B 140 30.84 -44.73 26.72
C GLY B 140 31.23 -45.66 25.58
N PRO B 141 30.38 -46.68 25.34
CA PRO B 141 30.75 -47.79 24.43
C PRO B 141 31.48 -47.36 23.17
N GLU B 142 30.93 -46.39 22.44
CA GLU B 142 31.64 -45.78 21.33
C GLU B 142 32.31 -44.52 21.87
N LEU B 143 33.51 -44.70 22.44
CA LEU B 143 34.21 -43.61 23.10
C LEU B 143 34.79 -42.62 22.11
N PHE B 144 35.17 -43.10 20.92
CA PHE B 144 35.73 -42.23 19.89
C PHE B 144 34.68 -41.39 19.18
N PHE B 145 33.40 -41.59 19.48
CA PHE B 145 32.31 -40.86 18.85
C PHE B 145 31.44 -40.10 19.85
N SER B 146 31.81 -40.05 21.13
CA SER B 146 30.83 -39.60 22.10
C SER B 146 31.19 -38.23 22.66
N PRO B 147 30.25 -37.28 22.63
CA PRO B 147 30.55 -35.88 22.95
C PRO B 147 31.04 -35.68 24.37
N LEU B 148 31.87 -34.66 24.54
CA LEU B 148 32.31 -34.23 25.85
C LEU B 148 31.26 -33.42 26.58
N LEU B 149 30.31 -32.83 25.86
CA LEU B 149 29.31 -31.95 26.45
C LEU B 149 27.97 -32.13 25.77
N TYR B 150 26.91 -32.16 26.58
CA TYR B 150 25.54 -32.09 26.12
C TYR B 150 24.85 -30.94 26.84
N VAL B 151 23.92 -30.27 26.15
CA VAL B 151 23.09 -29.24 26.76
C VAL B 151 21.64 -29.54 26.45
N GLN B 152 20.84 -29.71 27.50
CA GLN B 152 19.41 -29.99 27.37
C GLN B 152 18.63 -28.73 27.69
N ILE B 153 17.79 -28.30 26.75
CA ILE B 153 16.93 -27.13 26.92
C ILE B 153 15.52 -27.65 27.13
N THR B 154 14.99 -27.49 28.35
CA THR B 154 13.68 -27.99 28.69
C THR B 154 12.74 -26.83 28.98
N ASN B 155 11.73 -26.67 28.14
CA ASN B 155 10.67 -25.69 28.35
C ASN B 155 9.56 -26.31 29.20
N PHE B 156 8.94 -25.48 30.01
CA PHE B 156 7.85 -25.91 30.86
C PHE B 156 6.58 -25.19 30.43
N LYS B 157 5.44 -25.59 30.99
CA LYS B 157 4.20 -24.98 30.52
C LYS B 157 3.90 -23.69 31.27
N CYS B 158 4.52 -23.49 32.44
CA CYS B 158 4.50 -22.19 33.09
C CYS B 158 5.43 -21.17 32.43
N GLY B 159 5.93 -21.46 31.23
CA GLY B 159 6.97 -20.62 30.67
C GLY B 159 8.32 -20.81 31.32
N GLY B 160 8.53 -21.95 31.97
CA GLY B 160 9.81 -22.21 32.59
C GLY B 160 10.83 -22.73 31.58
N LEU B 161 12.10 -22.47 31.88
CA LEU B 161 13.20 -22.89 31.02
C LEU B 161 14.35 -23.38 31.88
N ALA B 162 14.73 -24.65 31.71
CA ALA B 162 15.81 -25.25 32.46
C ALA B 162 16.92 -25.65 31.50
N LEU B 163 18.15 -25.24 31.82
CA LEU B 163 19.33 -25.64 31.06
C LEU B 163 20.07 -26.70 31.87
N GLY B 164 20.11 -27.93 31.34
CA GLY B 164 20.84 -29.01 31.95
C GLY B 164 22.12 -29.32 31.20
N PHE B 165 23.28 -29.14 31.86
CA PHE B 165 24.57 -29.39 31.24
C PHE B 165 25.12 -30.72 31.72
N SER B 166 25.42 -31.60 30.78
CA SER B 166 26.01 -32.92 31.06
C SER B 166 27.43 -32.93 30.52
N TRP B 167 28.39 -32.70 31.40
CA TRP B 167 29.74 -32.30 31.02
C TRP B 167 30.75 -33.29 31.59
N ALA B 168 31.64 -33.78 30.73
CA ALA B 168 32.64 -34.74 31.17
C ALA B 168 33.71 -34.06 32.02
N HIS B 169 33.99 -34.64 33.20
CA HIS B 169 35.05 -34.13 34.07
C HIS B 169 36.43 -34.28 33.44
N LEU B 170 36.56 -35.15 32.43
CA LEU B 170 37.84 -35.33 31.74
C LEU B 170 38.38 -34.01 31.23
N ILE B 171 37.52 -33.17 30.65
CA ILE B 171 37.95 -31.95 29.97
C ILE B 171 38.02 -30.74 30.88
N GLY B 172 37.49 -30.83 32.10
CA GLY B 172 37.55 -29.69 33.01
C GLY B 172 36.95 -30.05 34.35
N ASP B 173 37.35 -29.26 35.37
CA ASP B 173 36.77 -29.42 36.69
C ASP B 173 35.51 -28.56 36.77
N ILE B 174 34.91 -28.45 37.95
CA ILE B 174 33.69 -27.68 38.13
C ILE B 174 33.82 -26.17 37.97
N PRO B 175 34.88 -25.51 38.49
CA PRO B 175 35.07 -24.10 38.10
C PRO B 175 35.27 -23.94 36.61
N SER B 176 36.03 -24.85 35.98
CA SER B 176 36.21 -24.78 34.53
C SER B 176 34.87 -24.88 33.83
N ALA B 177 34.10 -25.92 34.13
CA ALA B 177 32.81 -26.10 33.48
C ALA B 177 31.87 -24.93 33.73
N ALA B 178 31.85 -24.42 34.96
CA ALA B 178 30.87 -23.38 35.29
C ALA B 178 31.28 -22.02 34.72
N THR B 179 32.58 -21.71 34.68
CA THR B 179 32.96 -20.50 33.98
C THR B 179 32.98 -20.71 32.47
N CYS B 180 33.01 -21.95 31.99
CA CYS B 180 32.83 -22.18 30.57
C CYS B 180 31.41 -21.87 30.12
N PHE B 181 30.42 -22.13 30.98
CA PHE B 181 29.05 -21.83 30.61
C PHE B 181 28.75 -20.34 30.75
N ASN B 182 29.44 -19.65 31.66
CA ASN B 182 29.20 -18.23 31.87
C ASN B 182 29.66 -17.41 30.68
N LYS B 183 30.80 -17.80 30.08
CA LYS B 183 31.25 -17.11 28.88
C LYS B 183 30.22 -17.22 27.76
N TRP B 184 29.56 -18.38 27.66
CA TRP B 184 28.48 -18.54 26.70
C TRP B 184 27.37 -17.55 26.96
N ALA B 185 26.93 -17.43 28.22
CA ALA B 185 25.84 -16.51 28.52
C ALA B 185 26.26 -15.06 28.37
N GLN B 186 27.54 -14.76 28.60
CA GLN B 186 28.01 -13.41 28.35
C GLN B 186 27.94 -13.06 26.88
N ILE B 187 28.29 -14.02 26.01
CA ILE B 187 28.16 -13.80 24.57
C ILE B 187 26.70 -13.67 24.18
N LEU B 188 25.85 -14.56 24.70
CA LEU B 188 24.42 -14.50 24.42
C LEU B 188 23.86 -13.13 24.78
N SER B 189 24.31 -12.57 25.90
CA SER B 189 23.80 -11.27 26.35
C SER B 189 24.41 -10.09 25.59
N GLY B 190 25.39 -10.33 24.73
CA GLY B 190 26.06 -9.24 24.04
C GLY B 190 27.25 -8.66 24.75
N LYS B 191 27.78 -9.34 25.76
CA LYS B 191 28.95 -8.90 26.50
C LYS B 191 30.21 -9.54 25.93
N LYS B 192 31.35 -8.98 26.30
CA LYS B 192 32.63 -9.55 25.88
C LYS B 192 33.15 -10.46 26.99
N PRO B 193 33.35 -11.75 26.72
CA PRO B 193 33.94 -12.61 27.74
C PRO B 193 35.43 -12.39 27.87
N GLU B 194 35.95 -12.68 29.05
CA GLU B 194 37.41 -12.76 29.21
C GLU B 194 37.94 -13.90 28.35
N ALA B 195 39.10 -13.66 27.73
CA ALA B 195 39.67 -14.66 26.84
C ALA B 195 39.91 -15.97 27.58
N THR B 196 39.75 -17.07 26.85
CA THR B 196 40.05 -18.39 27.40
C THR B 196 41.52 -18.69 27.20
N VAL B 197 42.09 -19.39 28.16
CA VAL B 197 43.52 -19.70 28.17
C VAL B 197 43.68 -21.21 28.05
N LEU B 198 44.17 -21.65 26.89
CA LEU B 198 44.64 -23.02 26.69
C LEU B 198 46.11 -23.01 26.31
N THR B 199 46.77 -21.87 26.45
CA THR B 199 48.02 -21.61 25.75
C THR B 199 49.21 -22.44 26.23
N PRO B 200 49.40 -22.72 27.52
CA PRO B 200 50.53 -23.57 27.93
C PRO B 200 50.15 -25.04 27.85
N PRO B 201 50.72 -25.78 26.90
CA PRO B 201 50.27 -27.16 26.68
C PRO B 201 50.51 -28.06 27.88
N ASN B 202 49.68 -29.10 27.97
CA ASN B 202 49.78 -30.09 29.03
C ASN B 202 50.71 -31.21 28.58
N GLN B 203 51.64 -31.61 29.45
CA GLN B 203 52.48 -32.76 29.13
C GLN B 203 52.67 -33.62 30.37
N PRO B 204 52.86 -34.94 30.19
CA PRO B 204 52.90 -35.86 31.34
C PRO B 204 54.09 -35.64 32.26
N LEU B 205 54.16 -36.41 33.34
CA LEU B 205 55.25 -36.28 34.31
C LEU B 205 56.03 -37.58 34.49
N PRO B 210 53.64 -44.80 41.47
CA PRO B 210 53.78 -44.91 42.92
C PRO B 210 52.75 -45.88 43.49
N ALA B 211 52.18 -45.53 44.64
CA ALA B 211 51.15 -46.34 45.27
C ALA B 211 49.78 -45.70 45.05
N ALA B 212 48.75 -46.52 45.10
CA ALA B 212 47.38 -46.02 45.02
C ALA B 212 47.15 -45.04 46.16
N PRO B 213 46.87 -43.77 45.88
CA PRO B 213 46.67 -42.80 46.97
C PRO B 213 45.43 -43.14 47.76
N ARG B 214 45.46 -42.80 49.05
CA ARG B 214 44.34 -43.18 49.91
C ARG B 214 43.08 -42.39 49.58
N SER B 215 43.23 -41.17 49.06
CA SER B 215 42.07 -40.30 48.87
C SER B 215 41.12 -40.82 47.80
N VAL B 216 41.62 -41.60 46.84
CA VAL B 216 40.79 -42.22 45.81
C VAL B 216 41.14 -43.70 45.72
N LYS B 217 40.46 -44.42 44.82
CA LYS B 217 40.43 -45.88 44.85
C LYS B 217 40.75 -46.47 43.48
N GLN B 218 41.59 -47.50 43.49
CA GLN B 218 41.90 -48.28 42.29
C GLN B 218 40.64 -48.82 41.63
N VAL B 219 40.64 -48.86 40.29
CA VAL B 219 39.60 -49.56 39.55
C VAL B 219 40.26 -50.34 38.42
N GLY B 220 39.66 -51.48 38.07
CA GLY B 220 40.23 -52.39 37.09
C GLY B 220 40.32 -51.79 35.70
N PRO B 221 41.30 -52.28 34.90
CA PRO B 221 41.60 -51.66 33.60
C PRO B 221 40.23 -51.30 33.01
N MET B 222 40.11 -50.06 32.53
CA MET B 222 38.84 -49.56 32.04
C MET B 222 39.15 -49.33 30.56
N GLU B 223 38.46 -50.07 29.70
CA GLU B 223 38.73 -50.06 28.27
C GLU B 223 38.27 -48.91 27.38
N ASP B 224 36.96 -48.81 27.14
CA ASP B 224 36.43 -47.83 26.21
C ASP B 224 35.10 -47.34 26.75
N LEU B 225 34.61 -47.89 27.86
CA LEU B 225 33.46 -47.33 28.58
C LEU B 225 34.02 -46.75 29.89
N TRP B 226 34.15 -45.44 29.94
CA TRP B 226 34.70 -44.78 31.12
C TRP B 226 33.62 -44.48 32.15
N LEU B 227 32.83 -45.52 32.45
CA LEU B 227 31.85 -45.48 33.51
C LEU B 227 31.97 -46.81 34.26
N VAL B 228 32.29 -46.72 35.55
CA VAL B 228 32.38 -47.90 36.41
C VAL B 228 30.99 -48.14 37.00
N PRO B 229 30.33 -49.25 36.70
CA PRO B 229 28.98 -49.47 37.22
C PRO B 229 28.98 -49.58 38.73
N ALA B 230 27.99 -48.97 39.36
CA ALA B 230 27.95 -48.94 40.82
C ALA B 230 27.35 -50.20 41.41
N GLY B 231 26.51 -50.92 40.67
CA GLY B 231 25.79 -52.05 41.24
C GLY B 231 24.66 -51.58 42.11
N ARG B 232 24.98 -51.07 43.30
CA ARG B 232 24.00 -50.38 44.13
C ARG B 232 23.42 -49.20 43.36
N ASP B 233 22.10 -49.23 43.15
CA ASP B 233 21.44 -48.14 42.43
C ASP B 233 21.59 -46.83 43.19
N MET B 234 22.34 -45.90 42.63
CA MET B 234 22.60 -44.61 43.28
C MET B 234 21.60 -43.57 42.83
N ALA B 235 21.38 -42.56 43.68
CA ALA B 235 20.38 -41.54 43.42
C ALA B 235 20.88 -40.18 43.88
N CYS B 236 20.39 -39.13 43.23
CA CYS B 236 20.70 -37.75 43.58
C CYS B 236 19.60 -37.21 44.49
N TYR B 237 20.00 -36.39 45.46
CA TYR B 237 19.06 -35.68 46.32
C TYR B 237 19.68 -34.36 46.75
N SER B 238 18.88 -33.28 46.71
CA SER B 238 19.35 -31.96 47.11
C SER B 238 18.38 -31.30 48.08
N PHE B 239 18.94 -30.51 48.99
CA PHE B 239 18.20 -29.79 50.01
C PHE B 239 18.91 -28.47 50.30
N HIS B 240 18.15 -27.49 50.78
CA HIS B 240 18.69 -26.18 51.12
C HIS B 240 18.86 -26.06 52.62
N VAL B 241 20.01 -25.54 53.05
CA VAL B 241 20.26 -25.26 54.46
C VAL B 241 20.33 -23.74 54.63
N SER B 242 19.49 -23.22 55.53
CA SER B 242 19.20 -21.80 55.58
C SER B 242 20.38 -21.02 56.15
N ASP B 243 20.21 -19.69 56.24
CA ASP B 243 21.17 -18.87 56.95
C ASP B 243 21.04 -19.06 58.46
N ALA B 244 19.81 -19.22 58.94
CA ALA B 244 19.60 -19.55 60.35
C ALA B 244 20.35 -20.83 60.72
N VAL B 245 20.18 -21.89 59.91
CA VAL B 245 20.88 -23.14 60.17
C VAL B 245 22.39 -22.95 60.03
N LEU B 246 22.83 -21.89 59.35
CA LEU B 246 24.25 -21.55 59.34
C LEU B 246 24.62 -20.62 60.48
N LYS B 247 23.63 -20.04 61.17
CA LYS B 247 23.90 -19.32 62.41
C LYS B 247 24.09 -20.28 63.58
N LYS B 248 23.11 -21.19 63.78
CA LYS B 248 23.21 -22.15 64.86
C LYS B 248 24.45 -23.02 64.76
N LEU B 249 24.94 -23.26 63.53
CA LEU B 249 26.15 -24.07 63.37
C LEU B 249 27.39 -23.30 63.77
N HIS B 250 27.38 -21.97 63.69
CA HIS B 250 28.49 -21.19 64.23
C HIS B 250 28.43 -21.17 65.75
N GLN B 251 27.26 -20.86 66.31
CA GLN B 251 27.10 -20.65 67.76
C GLN B 251 27.69 -21.78 68.58
N GLN B 252 27.88 -22.95 67.98
CA GLN B 252 28.60 -24.04 68.62
C GLN B 252 30.09 -23.76 68.76
N ALA B 261 37.22 -22.65 60.97
CA ALA B 261 36.48 -23.54 60.09
C ALA B 261 35.20 -22.87 59.60
N GLY B 262 35.14 -22.63 58.29
CA GLY B 262 34.03 -21.92 57.68
C GLY B 262 32.81 -22.78 57.50
N THR B 263 31.83 -22.20 56.80
CA THR B 263 30.51 -22.84 56.70
C THR B 263 30.54 -24.07 55.82
N PHE B 264 31.38 -24.11 54.77
CA PHE B 264 31.52 -25.35 54.01
C PHE B 264 31.91 -26.50 54.92
N GLU B 265 32.84 -26.25 55.84
CA GLU B 265 33.37 -27.31 56.67
C GLU B 265 32.40 -27.76 57.75
N LEU B 266 31.44 -26.94 58.14
CA LEU B 266 30.39 -27.42 59.05
C LEU B 266 29.14 -27.89 58.30
N VAL B 267 28.89 -27.39 57.09
CA VAL B 267 27.75 -27.89 56.33
C VAL B 267 28.01 -29.32 55.86
N SER B 268 29.26 -29.65 55.53
CA SER B 268 29.56 -31.04 55.20
C SER B 268 29.88 -31.88 56.43
N ALA B 269 30.28 -31.26 57.54
CA ALA B 269 30.49 -32.02 58.77
C ALA B 269 29.19 -32.65 59.25
N LEU B 270 28.09 -31.91 59.19
CA LEU B 270 26.80 -32.44 59.61
C LEU B 270 26.39 -33.59 58.70
N VAL B 271 26.51 -33.40 57.38
CA VAL B 271 26.19 -34.48 56.44
C VAL B 271 27.13 -35.66 56.67
N TRP B 272 28.41 -35.37 56.94
CA TRP B 272 29.37 -36.39 57.33
C TRP B 272 28.80 -37.28 58.43
N GLN B 273 28.43 -36.67 59.55
CA GLN B 273 27.91 -37.42 60.69
C GLN B 273 26.61 -38.12 60.34
N ALA B 274 25.70 -37.42 59.66
CA ALA B 274 24.38 -37.98 59.37
C ALA B 274 24.47 -39.22 58.49
N VAL B 275 25.32 -39.18 57.46
CA VAL B 275 25.52 -40.37 56.63
C VAL B 275 26.15 -41.49 57.46
N ALA B 276 26.99 -41.13 58.44
CA ALA B 276 27.59 -42.14 59.31
C ALA B 276 26.59 -42.72 60.30
N LYS B 277 25.49 -42.02 60.58
CA LYS B 277 24.45 -42.60 61.41
C LYS B 277 23.67 -43.69 60.68
N ILE B 278 23.77 -43.73 59.35
CA ILE B 278 23.02 -44.69 58.54
C ILE B 278 23.92 -45.74 57.90
N ARG B 279 25.24 -45.61 58.01
CA ARG B 279 26.12 -46.63 57.45
C ARG B 279 27.26 -46.96 58.40
N GLY B 280 27.67 -45.99 59.21
CA GLY B 280 28.70 -46.24 60.20
C GLY B 280 30.12 -46.16 59.67
N ASP B 281 30.33 -46.67 58.46
CA ASP B 281 31.66 -46.78 57.86
C ASP B 281 32.09 -45.43 57.26
N VAL B 282 32.30 -44.45 58.15
CA VAL B 282 32.70 -43.13 57.66
C VAL B 282 33.80 -42.55 58.54
N ASP B 283 34.82 -43.36 58.86
CA ASP B 283 35.92 -42.81 59.65
C ASP B 283 36.86 -41.99 58.78
N THR B 284 37.05 -42.38 57.52
CA THR B 284 37.84 -41.62 56.57
C THR B 284 36.94 -40.96 55.54
N VAL B 285 37.27 -39.71 55.19
CA VAL B 285 36.45 -38.89 54.31
C VAL B 285 37.38 -38.21 53.30
N THR B 286 36.93 -38.14 52.05
CA THR B 286 37.70 -37.46 50.99
C THR B 286 37.09 -36.09 50.74
N VAL B 287 37.94 -35.08 50.65
CA VAL B 287 37.52 -33.70 50.43
C VAL B 287 38.05 -33.24 49.08
N VAL B 288 37.15 -32.71 48.25
CA VAL B 288 37.49 -32.06 46.99
C VAL B 288 37.05 -30.61 47.08
N ARG B 289 37.99 -29.68 46.89
CA ARG B 289 37.70 -28.28 47.11
C ARG B 289 38.12 -27.44 45.90
N ALA B 290 37.21 -26.60 45.42
CA ALA B 290 37.47 -25.70 44.31
C ALA B 290 38.10 -24.41 44.85
N ASP B 291 39.40 -24.48 45.11
CA ASP B 291 40.14 -23.34 45.62
C ASP B 291 40.66 -22.51 44.45
N ALA B 292 40.26 -21.23 44.40
CA ALA B 292 40.76 -20.34 43.35
C ALA B 292 42.23 -20.02 43.52
N ALA B 293 42.79 -20.23 44.71
CA ALA B 293 44.19 -19.90 44.96
C ALA B 293 45.16 -20.84 44.25
N ALA B 294 44.74 -22.07 43.95
CA ALA B 294 45.57 -23.01 43.22
C ALA B 294 45.27 -23.03 41.73
N ARG B 295 44.44 -22.11 41.26
CA ARG B 295 44.02 -22.10 39.86
C ARG B 295 45.08 -21.42 39.00
N SER B 296 45.58 -22.16 38.00
CA SER B 296 46.64 -21.67 37.13
C SER B 296 46.17 -20.63 36.12
N GLY B 297 44.86 -20.38 36.03
CA GLY B 297 44.33 -19.48 35.04
C GLY B 297 43.92 -20.14 33.74
N LYS B 298 44.33 -21.39 33.51
CA LYS B 298 43.89 -22.12 32.33
C LYS B 298 42.41 -22.44 32.44
N SER B 299 41.69 -22.28 31.33
CA SER B 299 40.24 -22.31 31.36
C SER B 299 39.65 -23.71 31.21
N LEU B 300 40.42 -24.68 30.76
CA LEU B 300 39.95 -26.06 30.59
C LEU B 300 40.86 -27.01 31.36
N ALA B 301 40.96 -26.80 32.67
CA ALA B 301 41.97 -27.43 33.49
C ALA B 301 41.37 -28.59 34.30
N ASN B 302 42.11 -29.07 35.30
CA ASN B 302 41.57 -29.96 36.32
C ASN B 302 42.40 -29.78 37.57
N GLU B 303 42.25 -28.63 38.21
CA GLU B 303 43.11 -28.25 39.33
C GLU B 303 42.31 -28.07 40.60
N MET B 304 41.56 -29.09 40.99
CA MET B 304 40.85 -29.09 42.26
C MET B 304 41.66 -29.90 43.27
N LYS B 305 41.64 -29.45 44.52
CA LYS B 305 42.46 -30.04 45.56
C LYS B 305 41.73 -31.24 46.16
N VAL B 306 42.46 -32.36 46.30
CA VAL B 306 41.90 -33.62 46.79
C VAL B 306 42.75 -34.10 47.95
N GLY B 307 42.11 -34.40 49.08
CA GLY B 307 42.78 -34.95 50.24
C GLY B 307 41.85 -35.86 51.01
N TYR B 308 42.34 -36.37 52.14
CA TYR B 308 41.53 -37.18 53.04
C TYR B 308 41.59 -36.61 54.45
N VAL B 309 40.57 -36.92 55.23
CA VAL B 309 40.58 -36.72 56.68
C VAL B 309 40.00 -37.96 57.33
N GLU B 310 40.65 -38.42 58.39
CA GLU B 310 40.16 -39.53 59.18
C GLU B 310 39.78 -39.00 60.56
N SER B 311 38.64 -39.45 61.06
CA SER B 311 38.28 -39.19 62.44
C SER B 311 39.17 -40.12 63.30
N ALA B 312 40.41 -39.70 63.66
CA ALA B 312 41.41 -40.50 64.36
C ALA B 312 41.40 -40.04 65.79
N GLY B 313 40.43 -39.16 66.13
CA GLY B 313 40.09 -39.03 67.53
C GLY B 313 38.66 -39.39 68.06
N SER B 314 37.51 -39.62 67.37
CA SER B 314 36.30 -40.28 67.90
C SER B 314 35.40 -40.59 66.71
N SER B 315 34.76 -41.77 66.71
CA SER B 315 34.07 -42.25 65.51
C SER B 315 32.95 -41.30 65.11
N PRO B 316 32.72 -41.08 63.81
CA PRO B 316 31.93 -39.91 63.37
C PRO B 316 30.44 -39.95 63.67
N ALA B 317 29.78 -41.12 63.58
CA ALA B 317 28.34 -41.17 63.85
C ALA B 317 28.00 -40.62 65.23
N LYS B 318 28.99 -40.58 66.12
CA LYS B 318 28.79 -40.18 67.51
C LYS B 318 29.80 -39.09 67.91
N THR B 319 30.39 -38.41 66.94
CA THR B 319 31.16 -37.21 67.21
C THR B 319 30.26 -36.00 66.96
N ASP B 320 30.42 -34.98 67.80
CA ASP B 320 29.57 -33.81 67.63
C ASP B 320 30.08 -32.96 66.48
N VAL B 321 29.14 -32.39 65.73
CA VAL B 321 29.42 -31.78 64.44
C VAL B 321 30.56 -30.78 64.53
N ALA B 322 30.53 -29.94 65.57
CA ALA B 322 31.48 -28.83 65.68
C ALA B 322 32.94 -29.29 65.73
N GLU B 323 33.21 -30.57 65.98
CA GLU B 323 34.57 -31.07 65.88
C GLU B 323 34.85 -31.82 64.58
N LEU B 324 33.89 -32.58 64.06
CA LEU B 324 34.05 -33.11 62.71
C LEU B 324 34.40 -32.01 61.73
N ALA B 325 33.84 -30.81 61.95
CA ALA B 325 34.11 -29.68 61.08
C ALA B 325 35.44 -29.03 61.42
N ALA B 326 35.80 -28.98 62.70
CA ALA B 326 37.16 -28.54 63.06
C ALA B 326 38.21 -29.48 62.49
N LEU B 327 37.88 -30.78 62.38
CA LEU B 327 38.79 -31.72 61.76
C LEU B 327 38.86 -31.52 60.25
N LEU B 328 37.81 -30.96 59.65
CA LEU B 328 37.73 -30.73 58.22
C LEU B 328 38.45 -29.46 57.77
N ALA B 329 38.99 -28.69 58.71
CA ALA B 329 39.67 -27.44 58.38
C ALA B 329 41.18 -27.59 58.36
N LYS B 330 41.77 -28.19 59.39
CA LYS B 330 43.21 -28.16 59.56
C LYS B 330 43.91 -29.51 59.47
N ASN B 331 43.18 -30.62 59.54
CA ASN B 331 43.80 -31.95 59.52
C ASN B 331 43.56 -32.68 58.20
N VAL B 332 43.38 -31.96 57.10
CA VAL B 332 43.22 -32.57 55.79
C VAL B 332 44.60 -32.80 55.19
N VAL B 333 44.92 -34.05 54.89
CA VAL B 333 46.20 -34.42 54.31
C VAL B 333 46.08 -34.29 52.80
N ASP B 334 46.81 -33.32 52.22
CA ASP B 334 46.70 -33.05 50.79
C ASP B 334 47.33 -34.17 49.98
N GLU B 335 46.60 -34.62 48.95
CA GLU B 335 47.09 -35.69 48.08
C GLU B 335 46.80 -35.43 46.60
N THR B 336 46.53 -34.18 46.22
CA THR B 336 46.12 -33.90 44.85
C THR B 336 47.26 -34.10 43.87
N ALA B 337 48.47 -33.66 44.23
CA ALA B 337 49.63 -33.88 43.39
C ALA B 337 49.81 -35.36 43.08
N ALA B 338 49.54 -36.22 44.07
CA ALA B 338 49.77 -37.65 43.91
C ALA B 338 48.68 -38.36 43.14
N VAL B 339 47.46 -37.82 43.10
CA VAL B 339 46.37 -38.49 42.38
C VAL B 339 46.59 -38.39 40.88
N ALA B 340 47.07 -37.23 40.41
CA ALA B 340 47.33 -37.07 38.99
C ALA B 340 48.47 -37.97 38.53
N ALA B 341 49.47 -38.17 39.38
CA ALA B 341 50.67 -38.91 39.02
C ALA B 341 50.48 -40.42 39.07
N PHE B 342 49.37 -40.92 39.63
CA PHE B 342 49.12 -42.36 39.66
C PHE B 342 48.69 -42.84 38.29
N GLN B 343 49.43 -43.79 37.73
CA GLN B 343 49.11 -44.36 36.42
C GLN B 343 48.19 -45.56 36.61
N GLY B 344 46.94 -45.41 36.20
CA GLY B 344 45.92 -46.42 36.37
C GLY B 344 44.62 -45.68 36.62
N ASP B 345 43.50 -46.31 36.23
CA ASP B 345 42.21 -45.68 36.41
C ASP B 345 41.82 -45.67 37.89
N VAL B 346 41.29 -44.55 38.35
CA VAL B 346 40.90 -44.35 39.74
C VAL B 346 39.50 -43.75 39.78
N LEU B 347 38.94 -43.73 40.99
CA LEU B 347 37.60 -43.19 41.25
C LEU B 347 37.69 -42.19 42.39
N VAL B 348 37.43 -40.92 42.10
CA VAL B 348 37.62 -39.86 43.09
C VAL B 348 36.36 -39.67 43.93
N TYR B 349 35.26 -39.30 43.30
CA TYR B 349 34.02 -39.01 44.01
C TYR B 349 33.39 -40.32 44.45
N GLY B 350 33.38 -40.57 45.75
CA GLY B 350 32.73 -41.75 46.29
C GLY B 350 33.36 -43.07 45.94
N GLY B 351 34.63 -43.08 45.55
CA GLY B 351 35.30 -44.31 45.20
C GLY B 351 35.89 -45.04 46.40
N ALA B 352 36.64 -44.32 47.22
CA ALA B 352 37.26 -44.88 48.42
C ALA B 352 36.46 -44.52 49.68
N ASN B 353 36.36 -43.24 49.99
CA ASN B 353 35.60 -42.76 51.14
C ASN B 353 34.35 -42.04 50.68
N LEU B 354 33.62 -41.48 51.64
CA LEU B 354 32.65 -40.45 51.34
C LEU B 354 33.39 -39.19 50.91
N THR B 355 32.82 -38.48 49.94
CA THR B 355 33.47 -37.31 49.38
C THR B 355 32.65 -36.06 49.65
N LEU B 356 33.22 -35.11 50.38
CA LEU B 356 32.67 -33.79 50.55
C LEU B 356 33.32 -32.87 49.52
N VAL B 357 32.53 -32.06 48.84
CA VAL B 357 32.97 -31.30 47.67
C VAL B 357 32.69 -29.83 47.90
N ASP B 358 33.73 -29.00 47.80
CA ASP B 358 33.59 -27.55 47.99
C ASP B 358 33.54 -26.86 46.63
N MET B 359 32.32 -26.68 46.13
CA MET B 359 32.06 -25.84 44.97
C MET B 359 31.18 -24.65 45.37
N GLU B 360 31.30 -24.22 46.62
CA GLU B 360 30.36 -23.24 47.18
C GLU B 360 30.58 -21.82 46.67
N GLN B 361 31.80 -21.47 46.25
CA GLN B 361 32.05 -20.14 45.71
C GLN B 361 32.29 -20.18 44.20
N VAL B 362 31.63 -21.12 43.53
CA VAL B 362 31.57 -21.16 42.07
C VAL B 362 30.35 -20.34 41.63
N ASP B 363 30.59 -19.30 40.83
CA ASP B 363 29.48 -18.43 40.43
C ASP B 363 28.65 -19.50 39.73
N LEU B 364 27.41 -19.69 40.16
CA LEU B 364 26.54 -20.67 39.51
C LEU B 364 25.43 -19.73 39.03
N TYR B 365 25.16 -18.66 39.77
CA TYR B 365 24.13 -17.71 39.39
C TYR B 365 24.68 -16.56 38.56
N GLY B 366 25.85 -16.74 37.96
CA GLY B 366 26.40 -15.85 36.95
C GLY B 366 25.99 -16.22 35.54
N LEU B 367 25.23 -17.29 35.37
CA LEU B 367 24.66 -17.67 34.08
C LEU B 367 23.45 -16.79 33.79
N GLU B 368 23.74 -15.52 33.52
CA GLU B 368 22.73 -14.50 33.24
C GLU B 368 22.49 -14.45 31.73
N ILE B 369 21.38 -15.03 31.28
CA ILE B 369 21.04 -14.95 29.86
C ILE B 369 20.25 -13.67 29.63
N LYS B 370 20.78 -12.82 28.76
CA LYS B 370 20.39 -11.42 28.64
C LYS B 370 20.47 -11.01 30.11
N GLY B 371 19.39 -10.44 30.65
CA GLY B 371 19.43 -10.02 32.04
C GLY B 371 18.95 -10.91 33.18
N GLN B 372 18.46 -12.09 32.84
CA GLN B 372 17.74 -12.95 33.79
C GLN B 372 18.71 -13.90 34.48
N ARG B 373 18.94 -13.69 35.78
CA ARG B 373 19.62 -14.68 36.60
C ARG B 373 18.67 -15.85 36.87
N PRO B 374 19.22 -17.02 37.20
CA PRO B 374 18.36 -18.19 37.42
C PRO B 374 17.53 -18.08 38.69
N VAL B 375 16.42 -18.82 38.71
CA VAL B 375 15.65 -18.96 39.95
C VAL B 375 16.38 -19.87 40.92
N TYR B 376 17.09 -20.88 40.39
CA TYR B 376 17.60 -21.97 41.19
C TYR B 376 18.63 -22.73 40.36
N VAL B 377 19.75 -23.07 40.98
CA VAL B 377 20.78 -23.87 40.34
C VAL B 377 21.12 -25.03 41.24
N GLU B 378 21.24 -26.23 40.66
CA GLU B 378 21.66 -27.41 41.39
C GLU B 378 22.55 -28.25 40.49
N TYR B 379 23.61 -28.79 41.06
CA TYR B 379 24.56 -29.63 40.35
C TYR B 379 24.46 -31.07 40.84
N GLY B 380 24.41 -32.00 39.91
CA GLY B 380 24.47 -33.40 40.21
C GLY B 380 25.74 -34.03 39.67
N MET B 381 25.80 -35.35 39.77
CA MET B 381 26.96 -36.08 39.25
C MET B 381 26.54 -37.47 38.80
N ASP B 382 27.29 -37.99 37.84
CA ASP B 382 27.19 -39.37 37.41
C ASP B 382 28.59 -39.98 37.51
N GLY B 383 28.65 -41.31 37.60
CA GLY B 383 29.91 -41.98 37.76
C GLY B 383 30.52 -41.86 39.14
N VAL B 384 29.70 -41.56 40.16
CA VAL B 384 30.16 -41.55 41.54
C VAL B 384 30.20 -42.99 42.05
N GLY B 385 31.21 -43.31 42.84
CA GLY B 385 31.36 -44.65 43.37
C GLY B 385 30.33 -44.94 44.45
N ASP B 386 30.43 -46.17 44.98
CA ASP B 386 29.40 -46.67 45.90
C ASP B 386 29.39 -45.92 47.23
N GLU B 387 30.48 -45.26 47.61
CA GLU B 387 30.53 -44.54 48.87
C GLU B 387 29.84 -43.18 48.84
N GLY B 388 29.46 -42.69 47.66
CA GLY B 388 28.68 -41.47 47.55
C GLY B 388 29.50 -40.20 47.69
N ALA B 389 28.83 -39.07 47.46
CA ALA B 389 29.48 -37.77 47.51
C ALA B 389 28.43 -36.70 47.76
N VAL B 390 28.85 -35.64 48.44
CA VAL B 390 27.97 -34.54 48.81
C VAL B 390 28.58 -33.25 48.28
N LEU B 391 27.77 -32.48 47.55
CA LEU B 391 28.22 -31.27 46.88
C LEU B 391 27.64 -30.06 47.60
N VAL B 392 28.51 -29.17 48.06
CA VAL B 392 28.13 -27.99 48.84
C VAL B 392 28.25 -26.78 47.92
N GLN B 393 27.11 -26.29 47.43
CA GLN B 393 27.04 -25.25 46.41
C GLN B 393 26.35 -24.00 46.94
N PRO B 394 26.45 -22.85 46.27
CA PRO B 394 25.78 -21.64 46.76
C PRO B 394 24.30 -21.62 46.39
N ASP B 395 23.59 -20.65 46.95
CA ASP B 395 22.18 -20.47 46.65
C ASP B 395 21.95 -19.09 46.02
N ALA B 396 20.67 -18.70 45.94
CA ALA B 396 20.28 -17.56 45.11
C ALA B 396 20.84 -16.25 45.64
N ASP B 397 20.70 -16.01 46.95
CA ASP B 397 21.13 -14.75 47.55
C ASP B 397 22.51 -14.82 48.19
N GLY B 398 23.17 -15.98 48.14
CA GLY B 398 24.50 -16.10 48.71
C GLY B 398 24.54 -16.04 50.22
N ARG B 399 23.45 -16.41 50.89
CA ARG B 399 23.39 -16.40 52.35
C ARG B 399 23.30 -17.79 52.96
N GLY B 400 22.70 -18.75 52.26
CA GLY B 400 22.76 -20.14 52.68
C GLY B 400 23.64 -20.98 51.75
N ARG B 401 23.32 -22.26 51.63
CA ARG B 401 23.98 -23.15 50.68
C ARG B 401 22.99 -24.17 50.17
N LEU B 402 23.29 -24.76 49.02
CA LEU B 402 22.56 -25.92 48.53
C LEU B 402 23.46 -27.14 48.58
N VAL B 403 22.89 -28.26 49.00
CA VAL B 403 23.62 -29.51 49.17
C VAL B 403 22.95 -30.57 48.33
N THR B 404 23.55 -30.93 47.20
CA THR B 404 23.13 -32.09 46.44
C THR B 404 23.95 -33.29 46.90
N VAL B 405 23.27 -34.37 47.20
CA VAL B 405 23.85 -35.55 47.80
C VAL B 405 23.69 -36.71 46.82
N VAL B 406 24.76 -37.49 46.65
CA VAL B 406 24.74 -38.68 45.80
C VAL B 406 24.99 -39.89 46.72
N LEU B 407 23.97 -40.73 46.88
CA LEU B 407 23.99 -41.82 47.85
C LEU B 407 23.34 -43.08 47.28
N PRO B 408 23.42 -44.24 47.95
CA PRO B 408 22.95 -45.50 47.33
C PRO B 408 21.45 -45.73 47.28
N GLY B 409 20.62 -44.69 47.18
CA GLY B 409 19.21 -44.89 46.88
C GLY B 409 18.31 -45.25 48.06
N ASP B 410 18.47 -46.46 48.59
CA ASP B 410 17.74 -46.86 49.80
C ASP B 410 18.15 -46.04 51.00
N GLU B 411 19.27 -45.35 50.90
CA GLU B 411 19.79 -44.50 51.96
C GLU B 411 19.20 -43.09 51.92
N ILE B 412 18.60 -42.71 50.80
CA ILE B 412 18.00 -41.38 50.68
C ILE B 412 16.87 -41.22 51.71
N ASP B 413 16.02 -42.24 51.83
CA ASP B 413 14.92 -42.21 52.78
C ASP B 413 15.42 -41.92 54.19
N SER B 414 16.39 -42.71 54.66
CA SER B 414 16.91 -42.53 56.01
C SER B 414 17.55 -41.15 56.18
N LEU B 415 18.32 -40.70 55.18
CA LEU B 415 19.09 -39.48 55.34
C LEU B 415 18.21 -38.25 55.54
N ARG B 416 17.06 -38.20 54.87
CA ARG B 416 16.16 -37.06 55.06
C ARG B 416 15.64 -37.01 56.49
N ALA B 417 15.23 -38.16 57.03
CA ALA B 417 14.89 -38.23 58.45
C ALA B 417 16.05 -37.78 59.31
N ALA B 418 17.20 -38.45 59.16
CA ALA B 418 18.40 -38.09 59.91
C ALA B 418 18.71 -36.60 59.77
N LEU B 419 18.52 -36.05 58.58
CA LEU B 419 18.72 -34.63 58.36
C LEU B 419 17.59 -33.80 58.96
N GLY B 420 16.36 -34.34 58.96
CA GLY B 420 15.20 -33.56 59.37
C GLY B 420 15.35 -32.97 60.77
N SER B 421 15.94 -33.74 61.69
CA SER B 421 16.27 -33.20 63.01
C SER B 421 17.04 -31.90 62.90
N ALA B 422 18.19 -31.95 62.23
CA ALA B 422 19.04 -30.78 62.05
C ALA B 422 18.34 -29.66 61.29
N ARG C 2 14.21 24.87 25.16
CA ARG C 2 14.67 25.81 24.13
C ARG C 2 13.52 26.19 23.20
N ILE C 3 13.19 25.33 22.23
CA ILE C 3 12.16 25.66 21.25
C ILE C 3 10.81 25.14 21.74
N VAL C 4 9.75 25.91 21.47
CA VAL C 4 8.39 25.54 21.80
C VAL C 4 7.59 25.43 20.50
N VAL C 5 7.03 24.25 20.25
CA VAL C 5 6.26 24.00 19.04
C VAL C 5 4.79 24.14 19.39
N TRP C 6 4.18 25.22 18.91
CA TRP C 6 2.78 25.52 19.20
C TRP C 6 1.91 24.84 18.13
N PHE C 7 1.19 23.80 18.54
CA PHE C 7 0.28 23.11 17.64
C PHE C 7 -1.07 23.82 17.59
N ARG C 8 -1.63 23.93 16.40
CA ARG C 8 -2.96 24.52 16.24
C ARG C 8 -3.85 23.63 15.41
N ARG C 9 -3.63 23.62 14.09
CA ARG C 9 -4.37 22.79 13.15
C ARG C 9 -3.42 21.99 12.28
N ASP C 10 -2.38 21.46 12.91
CA ASP C 10 -1.31 20.69 12.27
C ASP C 10 -1.01 19.44 13.08
N LEU C 11 -2.06 18.77 13.55
CA LEU C 11 -1.93 17.68 14.52
C LEU C 11 -1.35 16.45 13.83
N ARG C 12 -0.03 16.48 13.63
CA ARG C 12 0.68 15.42 12.95
C ARG C 12 2.17 15.60 13.18
N VAL C 13 2.94 14.54 12.90
CA VAL C 13 4.38 14.59 13.07
C VAL C 13 5.12 14.54 11.74
N GLU C 14 4.61 13.84 10.73
CA GLU C 14 5.22 13.83 9.41
C GLU C 14 4.89 15.13 8.69
N ASP C 15 5.89 15.69 8.01
CA ASP C 15 5.74 16.94 7.26
C ASP C 15 5.14 18.04 8.14
N ASN C 16 5.61 18.13 9.38
CA ASN C 16 5.32 19.26 10.24
C ASN C 16 6.54 20.15 10.26
N PRO C 17 6.61 21.21 9.45
CA PRO C 17 7.86 21.98 9.36
C PRO C 17 8.26 22.63 10.67
N ALA C 18 7.31 23.19 11.42
CA ALA C 18 7.66 23.75 12.72
C ALA C 18 8.34 22.72 13.60
N LEU C 19 7.72 21.54 13.73
CA LEU C 19 8.30 20.47 14.54
C LEU C 19 9.62 19.99 13.93
N ALA C 20 9.66 19.81 12.61
CA ALA C 20 10.89 19.35 11.97
C ALA C 20 12.01 20.36 12.15
N ALA C 21 11.71 21.65 12.00
CA ALA C 21 12.73 22.68 12.17
C ALA C 21 13.19 22.75 13.62
N ALA C 22 12.28 22.58 14.56
CA ALA C 22 12.65 22.63 15.97
C ALA C 22 13.55 21.46 16.33
N ALA C 23 13.18 20.26 15.90
CA ALA C 23 13.97 19.07 16.20
C ALA C 23 15.37 19.18 15.59
N ARG C 24 15.47 19.71 14.37
CA ARG C 24 16.74 19.80 13.69
C ARG C 24 17.68 20.84 14.29
N ALA C 25 17.15 21.79 15.06
CA ALA C 25 18.00 22.80 15.67
C ALA C 25 18.98 22.20 16.65
N GLY C 26 18.77 20.97 17.09
CA GLY C 26 19.66 20.31 18.01
C GLY C 26 19.42 20.64 19.47
N GLY C 27 18.46 21.51 19.78
CA GLY C 27 18.18 21.85 21.16
C GLY C 27 17.11 20.98 21.79
N GLU C 28 16.25 21.58 22.59
CA GLU C 28 15.12 20.88 23.20
C GLU C 28 13.83 21.38 22.59
N VAL C 29 12.83 20.48 22.52
CA VAL C 29 11.57 20.75 21.82
C VAL C 29 10.42 20.49 22.78
N VAL C 30 9.74 21.55 23.21
CA VAL C 30 8.59 21.45 24.11
C VAL C 30 7.33 21.62 23.26
N PRO C 31 6.58 20.55 22.97
CA PRO C 31 5.33 20.71 22.22
C PRO C 31 4.22 21.19 23.12
N ALA C 32 3.27 21.92 22.52
CA ALA C 32 2.22 22.52 23.33
C ALA C 32 1.01 22.90 22.48
N TYR C 33 -0.14 22.95 23.13
CA TYR C 33 -1.40 23.37 22.54
C TYR C 33 -2.03 24.41 23.44
N VAL C 34 -2.42 25.54 22.86
CA VAL C 34 -3.09 26.61 23.60
C VAL C 34 -4.55 26.61 23.18
N TRP C 35 -5.44 26.40 24.14
CA TRP C 35 -6.89 26.44 23.88
C TRP C 35 -7.36 27.86 24.17
N SER C 36 -7.61 28.63 23.11
CA SER C 36 -8.12 29.99 23.24
C SER C 36 -9.24 30.18 22.23
N PRO C 37 -10.40 29.58 22.48
CA PRO C 37 -11.53 29.72 21.55
C PRO C 37 -12.13 31.11 21.54
N GLU C 38 -12.00 31.86 22.64
CA GLU C 38 -12.51 33.23 22.68
C GLU C 38 -11.97 34.06 21.52
N GLU C 39 -10.73 33.81 21.11
CA GLU C 39 -10.11 34.57 20.02
C GLU C 39 -10.75 34.34 18.67
N GLU C 40 -11.70 33.40 18.54
CA GLU C 40 -12.31 33.15 17.25
C GLU C 40 -13.73 33.72 17.15
N GLY C 41 -14.26 34.26 18.24
CA GLY C 41 -15.49 35.02 18.22
C GLY C 41 -16.67 34.24 17.68
N PRO C 42 -17.21 34.68 16.54
CA PRO C 42 -18.35 33.97 15.94
C PRO C 42 -17.96 32.61 15.39
N TYR C 43 -16.68 32.27 15.38
CA TYR C 43 -16.18 31.00 14.87
C TYR C 43 -15.62 30.13 16.00
N TYR C 44 -16.14 30.29 17.20
CA TYR C 44 -15.92 29.34 18.28
C TYR C 44 -16.11 27.93 17.75
N PRO C 45 -15.18 27.00 18.00
CA PRO C 45 -15.25 25.68 17.37
C PRO C 45 -16.55 24.96 17.71
N GLY C 46 -17.07 24.22 16.73
CA GLY C 46 -18.34 23.53 16.86
C GLY C 46 -18.42 22.53 17.99
N ARG C 47 -19.58 21.89 18.15
CA ARG C 47 -19.74 20.88 19.18
C ARG C 47 -18.98 19.61 18.84
N VAL C 48 -19.20 19.07 17.64
CA VAL C 48 -18.52 17.84 17.25
C VAL C 48 -17.08 18.10 16.84
N SER C 49 -16.74 19.32 16.42
CA SER C 49 -15.33 19.62 16.19
C SER C 49 -14.55 19.65 17.50
N ARG C 50 -15.17 20.18 18.56
CA ARG C 50 -14.52 20.17 19.86
C ARG C 50 -14.27 18.75 20.35
N TRP C 51 -15.13 17.80 19.94
CA TRP C 51 -14.90 16.42 20.33
C TRP C 51 -13.71 15.82 19.58
N TRP C 52 -13.64 16.08 18.27
CA TRP C 52 -12.54 15.55 17.47
C TRP C 52 -11.20 16.04 17.99
N ILE C 53 -11.09 17.34 18.31
CA ILE C 53 -9.83 17.90 18.77
C ILE C 53 -9.33 17.14 19.99
N SER C 54 -10.20 16.97 20.99
CA SER C 54 -9.76 16.29 22.20
C SER C 54 -9.37 14.85 21.92
N GLN C 55 -10.04 14.19 20.97
CA GLN C 55 -9.56 12.88 20.55
C GLN C 55 -8.17 13.00 19.92
N SER C 56 -8.02 13.96 19.01
CA SER C 56 -6.76 14.09 18.27
C SER C 56 -5.60 14.46 19.17
N LEU C 57 -5.83 15.28 20.19
CA LEU C 57 -4.73 15.73 21.03
C LEU C 57 -4.15 14.57 21.84
N ASN C 58 -5.00 13.74 22.43
CA ASN C 58 -4.52 12.56 23.14
C ASN C 58 -3.74 11.65 22.19
N HIS C 59 -4.25 11.52 20.96
CA HIS C 59 -3.54 10.75 19.92
C HIS C 59 -2.17 11.36 19.66
N LEU C 60 -2.11 12.68 19.50
CA LEU C 60 -0.83 13.34 19.19
C LEU C 60 0.11 13.32 20.39
N ASP C 61 -0.42 13.56 21.59
CA ASP C 61 0.41 13.47 22.79
C ASP C 61 1.09 12.11 22.87
N ALA C 62 0.31 11.03 22.69
CA ALA C 62 0.86 9.69 22.77
C ALA C 62 2.02 9.52 21.79
N SER C 63 1.83 9.97 20.55
CA SER C 63 2.87 9.80 19.54
C SER C 63 4.08 10.70 19.82
N LEU C 64 3.86 11.86 20.44
CA LEU C 64 4.97 12.72 20.80
C LEU C 64 5.84 12.07 21.86
N ARG C 65 5.22 11.43 22.86
CA ARG C 65 5.98 10.81 23.94
C ARG C 65 6.82 9.65 23.44
N ARG C 66 6.30 8.85 22.52
CA ARG C 66 7.10 7.79 21.92
C ARG C 66 8.33 8.36 21.24
N LEU C 67 8.22 9.55 20.66
CA LEU C 67 9.36 10.22 20.06
C LEU C 67 10.33 10.81 21.09
N GLY C 68 10.00 10.73 22.38
CA GLY C 68 10.89 11.18 23.42
C GLY C 68 10.42 12.38 24.20
N ALA C 69 9.33 13.02 23.77
CA ALA C 69 8.80 14.14 24.52
C ALA C 69 8.27 13.69 25.88
N GLY C 70 8.31 14.60 26.86
CA GLY C 70 7.72 14.29 28.15
C GLY C 70 6.21 14.23 28.08
N LYS C 71 5.60 15.23 27.46
CA LYS C 71 4.16 15.31 27.33
C LYS C 71 3.83 16.28 26.21
N LEU C 72 2.53 16.48 25.97
CA LEU C 72 2.05 17.61 25.21
C LEU C 72 1.51 18.64 26.20
N VAL C 73 2.11 19.82 26.22
CA VAL C 73 1.76 20.83 27.21
C VAL C 73 0.50 21.56 26.75
N THR C 74 -0.46 21.70 27.65
CA THR C 74 -1.73 22.34 27.34
C THR C 74 -1.94 23.54 28.26
N ARG C 75 -2.42 24.63 27.68
CA ARG C 75 -2.63 25.87 28.42
C ARG C 75 -3.98 26.48 28.02
N ARG C 76 -4.67 27.04 29.01
CA ARG C 76 -6.01 27.59 28.84
C ARG C 76 -5.97 29.08 29.16
N SER C 77 -6.26 29.91 28.15
CA SER C 77 -6.31 31.35 28.34
C SER C 77 -7.09 31.97 27.20
N ALA C 78 -7.62 33.17 27.44
CA ALA C 78 -8.43 33.85 26.43
C ALA C 78 -7.57 34.41 25.31
N ASP C 79 -6.32 34.71 25.59
CA ASP C 79 -5.38 35.24 24.61
C ASP C 79 -4.27 34.22 24.38
N ALA C 80 -4.05 33.87 23.11
CA ALA C 80 -2.99 32.92 22.78
C ALA C 80 -1.64 33.41 23.29
N ALA C 81 -1.27 34.64 22.91
CA ALA C 81 0.05 35.18 23.25
C ALA C 81 0.31 35.14 24.75
N VAL C 82 -0.66 35.59 25.54
CA VAL C 82 -0.46 35.61 26.99
C VAL C 82 -0.16 34.22 27.52
N ALA C 83 -0.77 33.19 26.92
CA ALA C 83 -0.46 31.82 27.31
C ALA C 83 0.87 31.37 26.73
N LEU C 84 1.13 31.71 25.47
CA LEU C 84 2.38 31.32 24.83
C LEU C 84 3.58 31.96 25.51
N LEU C 85 3.46 33.25 25.86
CA LEU C 85 4.51 33.91 26.65
C LEU C 85 4.68 33.23 28.00
N GLN C 86 3.58 33.03 28.72
CA GLN C 86 3.63 32.40 30.03
C GLN C 86 4.31 31.05 29.97
N LEU C 87 4.12 30.31 28.88
CA LEU C 87 4.73 28.99 28.77
C LEU C 87 6.25 29.09 28.72
N VAL C 88 6.79 29.89 27.79
CA VAL C 88 8.23 29.95 27.65
C VAL C 88 8.89 30.64 28.85
N ARG C 89 8.12 31.41 29.62
CA ARG C 89 8.61 31.85 30.94
C ARG C 89 8.80 30.65 31.87
N ASP C 90 7.76 29.81 31.99
CA ASP C 90 7.85 28.64 32.86
C ASP C 90 8.92 27.67 32.41
N THR C 91 9.15 27.55 31.11
CA THR C 91 10.14 26.63 30.55
C THR C 91 11.51 27.25 30.37
N GLY C 92 11.61 28.57 30.41
CA GLY C 92 12.84 29.22 29.98
C GLY C 92 13.15 29.03 28.51
N ALA C 93 12.12 28.93 27.68
CA ALA C 93 12.36 28.67 26.26
C ALA C 93 12.96 29.90 25.57
N THR C 94 13.50 29.66 24.39
CA THR C 94 14.10 30.70 23.57
C THR C 94 13.34 30.97 22.29
N HIS C 95 12.73 29.94 21.69
CA HIS C 95 12.02 30.08 20.44
C HIS C 95 10.56 29.67 20.62
N VAL C 96 9.75 30.05 19.62
CA VAL C 96 8.37 29.57 19.49
C VAL C 96 8.10 29.35 18.00
N TYR C 97 8.06 28.10 17.57
CA TYR C 97 7.74 27.76 16.20
C TYR C 97 6.27 27.37 16.08
N PHE C 98 5.69 27.64 14.91
CA PHE C 98 4.34 27.18 14.60
C PHE C 98 4.15 27.24 13.10
N ASN C 99 3.03 26.71 12.64
CA ASN C 99 2.67 26.73 11.22
C ASN C 99 1.53 27.71 11.03
N HIS C 100 1.70 28.61 10.06
CA HIS C 100 0.76 29.71 9.93
C HIS C 100 -0.49 29.27 9.19
N LEU C 101 -1.63 29.78 9.65
CA LEU C 101 -2.93 29.55 9.03
C LEU C 101 -3.33 30.78 8.21
N TYR C 102 -4.50 30.70 7.58
CA TYR C 102 -4.88 31.69 6.58
C TYR C 102 -6.30 32.24 6.76
N ASP C 103 -7.10 31.69 7.66
CA ASP C 103 -8.41 32.26 7.93
C ASP C 103 -8.24 33.68 8.46
N PRO C 104 -9.22 34.56 8.21
CA PRO C 104 -9.04 35.97 8.60
C PRO C 104 -8.86 36.18 10.10
N ILE C 105 -9.29 35.24 10.93
CA ILE C 105 -9.07 35.35 12.37
C ILE C 105 -7.60 35.14 12.69
N SER C 106 -7.03 34.02 12.23
CA SER C 106 -5.67 33.67 12.63
C SER C 106 -4.64 34.56 11.96
N LEU C 107 -4.87 34.94 10.69
CA LEU C 107 -3.95 35.83 9.99
C LEU C 107 -3.65 37.07 10.83
N VAL C 108 -4.64 37.57 11.54
CA VAL C 108 -4.48 38.75 12.38
C VAL C 108 -4.00 38.38 13.78
N ARG C 109 -4.52 37.29 14.35
CA ARG C 109 -4.09 36.90 15.69
C ARG C 109 -2.64 36.41 15.68
N ASP C 110 -2.28 35.59 14.69
CA ASP C 110 -0.88 35.17 14.56
C ASP C 110 0.05 36.37 14.41
N ARG C 111 -0.28 37.27 13.47
CA ARG C 111 0.58 38.42 13.20
C ARG C 111 0.84 39.23 14.47
N ARG C 112 -0.18 39.42 15.29
CA ARG C 112 0.00 40.15 16.54
C ARG C 112 0.85 39.36 17.52
N LEU C 113 0.80 38.03 17.47
CA LEU C 113 1.64 37.22 18.35
C LEU C 113 3.11 37.37 18.01
N LYS C 114 3.43 37.35 16.71
CA LYS C 114 4.81 37.58 16.27
C LYS C 114 5.36 38.87 16.88
N GLU C 115 4.65 39.98 16.67
CA GLU C 115 5.12 41.26 17.21
C GLU C 115 5.14 41.26 18.73
N MET C 116 4.08 40.73 19.35
CA MET C 116 4.02 40.71 20.82
C MET C 116 5.17 39.89 21.39
N LEU C 117 5.43 38.72 20.81
CA LEU C 117 6.48 37.85 21.34
C LEU C 117 7.87 38.38 20.98
N ALA C 118 8.01 38.97 19.80
CA ALA C 118 9.28 39.62 19.45
C ALA C 118 9.64 40.69 20.48
N ALA C 119 8.66 41.52 20.85
CA ALA C 119 8.89 42.58 21.83
C ALA C 119 9.48 42.02 23.12
N GLU C 120 8.96 40.89 23.59
CA GLU C 120 9.42 40.30 24.84
C GLU C 120 10.74 39.53 24.68
N GLY C 121 11.29 39.49 23.47
CA GLY C 121 12.59 38.88 23.25
C GLY C 121 12.57 37.45 22.74
N ILE C 122 11.48 37.02 22.11
CA ILE C 122 11.30 35.63 21.71
C ILE C 122 11.52 35.51 20.22
N VAL C 123 12.41 34.59 19.83
CA VAL C 123 12.59 34.29 18.41
C VAL C 123 11.40 33.46 17.94
N VAL C 124 10.76 33.93 16.86
CA VAL C 124 9.53 33.34 16.37
C VAL C 124 9.66 33.14 14.87
N GLN C 125 9.26 31.97 14.39
CA GLN C 125 9.21 31.71 12.95
C GLN C 125 8.00 30.82 12.65
N SER C 126 7.33 31.11 11.54
CA SER C 126 6.15 30.39 11.12
C SER C 126 6.42 29.69 9.80
N PHE C 127 5.78 28.55 9.59
CA PHE C 127 6.04 27.69 8.45
C PHE C 127 4.73 27.30 7.77
N ASN C 128 4.82 27.00 6.48
CA ASN C 128 3.66 26.53 5.74
C ASN C 128 3.49 25.02 5.90
N SER C 129 2.29 24.60 6.30
CA SER C 129 1.97 23.19 6.39
C SER C 129 0.59 22.85 5.83
N ASP C 130 -0.23 23.83 5.49
CA ASP C 130 -1.60 23.58 5.04
C ASP C 130 -1.74 23.49 3.54
N LEU C 131 -0.85 24.11 2.77
CA LEU C 131 -1.12 24.37 1.36
C LEU C 131 0.01 23.86 0.47
N LEU C 132 -0.38 23.41 -0.71
CA LEU C 132 0.59 23.07 -1.75
C LEU C 132 1.52 24.25 -2.00
N TYR C 133 0.95 25.37 -2.47
CA TYR C 133 1.66 26.63 -2.60
C TYR C 133 0.99 27.68 -1.71
N GLU C 134 1.81 28.58 -1.18
CA GLU C 134 1.27 29.74 -0.48
C GLU C 134 0.39 30.56 -1.42
N PRO C 135 -0.66 31.21 -0.90
CA PRO C 135 -1.54 31.97 -1.81
C PRO C 135 -0.82 33.04 -2.58
N TRP C 136 0.10 33.77 -1.93
CA TRP C 136 0.84 34.85 -2.55
C TRP C 136 1.99 34.20 -3.32
N GLU C 137 1.70 33.25 -4.20
CA GLU C 137 2.72 32.68 -5.07
C GLU C 137 2.02 32.44 -6.40
N VAL C 138 0.71 32.25 -6.41
CA VAL C 138 -0.02 31.87 -7.61
C VAL C 138 -0.88 33.06 -7.99
N VAL C 139 -0.45 33.80 -9.02
CA VAL C 139 -1.13 35.01 -9.47
C VAL C 139 -1.27 34.96 -10.99
N ASP C 140 -2.12 35.83 -11.51
CA ASP C 140 -2.26 35.93 -12.96
C ASP C 140 -1.01 36.58 -13.55
N ASP C 141 -0.95 36.65 -14.88
CA ASP C 141 0.29 37.06 -15.53
C ASP C 141 0.58 38.54 -15.37
N GLU C 142 -0.39 39.34 -14.93
CA GLU C 142 -0.14 40.71 -14.49
C GLU C 142 0.07 40.79 -12.98
N GLY C 143 0.23 39.64 -12.31
CA GLY C 143 0.59 39.63 -10.91
C GLY C 143 -0.52 39.98 -9.95
N GLN C 144 -1.78 39.69 -10.30
CA GLN C 144 -2.89 40.01 -9.43
C GLN C 144 -3.71 38.76 -9.13
N PRO C 145 -4.30 38.67 -7.92
CA PRO C 145 -5.00 37.45 -7.52
C PRO C 145 -6.11 37.05 -8.48
N PHE C 146 -6.30 35.73 -8.60
CA PHE C 146 -7.38 35.18 -9.41
C PHE C 146 -8.74 35.45 -8.76
N THR C 147 -9.80 35.28 -9.55
CA THR C 147 -11.15 35.43 -9.06
C THR C 147 -12.09 34.31 -9.51
N MET C 148 -11.59 33.34 -10.26
CA MET C 148 -12.34 32.13 -10.60
C MET C 148 -11.45 30.92 -10.36
N PHE C 149 -12.09 29.79 -10.07
CA PHE C 149 -11.33 28.61 -9.65
C PHE C 149 -10.52 28.02 -10.79
N ASP C 150 -11.13 27.83 -11.96
CA ASP C 150 -10.46 27.19 -13.08
C ASP C 150 -9.13 27.84 -13.47
N PRO C 151 -9.04 29.17 -13.67
CA PRO C 151 -7.73 29.74 -14.00
C PRO C 151 -6.72 29.63 -12.86
N PHE C 152 -7.19 29.67 -11.62
CA PHE C 152 -6.28 29.51 -10.48
C PHE C 152 -5.68 28.11 -10.46
N TRP C 153 -6.53 27.09 -10.58
CA TRP C 153 -6.02 25.73 -10.44
C TRP C 153 -5.15 25.31 -11.62
N ASN C 154 -5.47 25.79 -12.83
CA ASN C 154 -4.61 25.46 -13.97
C ASN C 154 -3.29 26.22 -13.91
N ARG C 155 -3.20 27.27 -13.11
CA ARG C 155 -1.91 27.92 -12.87
C ARG C 155 -1.13 27.18 -11.79
N CYS C 156 -1.83 26.69 -10.76
CA CYS C 156 -1.19 25.82 -9.77
C CYS C 156 -0.64 24.57 -10.41
N LEU C 157 -1.34 24.03 -11.42
CA LEU C 157 -0.94 22.81 -12.09
C LEU C 157 0.15 23.04 -13.13
N SER C 158 0.41 24.29 -13.52
CA SER C 158 1.50 24.62 -14.42
C SER C 158 2.55 25.50 -13.76
N MET C 159 2.43 25.73 -12.45
CA MET C 159 3.39 26.39 -11.58
C MET C 159 4.81 25.94 -11.90
N PRO C 160 5.82 26.82 -11.81
CA PRO C 160 7.15 26.44 -12.32
C PRO C 160 7.88 25.43 -11.47
N TYR C 161 7.48 25.22 -10.22
CA TYR C 161 8.14 24.27 -9.34
C TYR C 161 7.09 23.43 -8.62
N ASP C 162 7.37 22.13 -8.48
CA ASP C 162 6.46 21.24 -7.81
C ASP C 162 6.30 21.63 -6.33
N PRO C 163 5.15 21.35 -5.73
CA PRO C 163 4.99 21.67 -4.32
C PRO C 163 5.97 20.90 -3.48
N PRO C 164 6.43 21.47 -2.36
CA PRO C 164 7.48 20.81 -1.57
C PRO C 164 7.07 19.42 -1.13
N ALA C 165 7.94 18.45 -1.43
CA ALA C 165 7.72 17.08 -1.02
C ALA C 165 7.68 16.99 0.50
N PRO C 166 7.01 15.97 1.04
CA PRO C 166 6.78 15.96 2.49
C PRO C 166 8.06 15.73 3.29
N LEU C 167 8.16 16.45 4.40
CA LEU C 167 9.31 16.32 5.28
C LEU C 167 9.22 15.05 6.11
N LEU C 168 10.38 14.58 6.58
CA LEU C 168 10.43 13.40 7.43
C LEU C 168 10.13 13.79 8.87
N PRO C 169 9.46 12.91 9.62
CA PRO C 169 9.27 13.16 11.04
C PRO C 169 10.59 13.15 11.75
N PRO C 170 10.72 13.86 12.88
CA PRO C 170 11.95 13.77 13.67
C PRO C 170 12.17 12.35 14.13
N LYS C 171 13.43 11.90 14.02
CA LYS C 171 13.74 10.57 14.54
C LYS C 171 13.58 10.51 16.04
N ARG C 172 13.84 11.63 16.72
CA ARG C 172 13.66 11.74 18.16
C ARG C 172 13.49 13.20 18.50
N ILE C 173 12.74 13.48 19.56
CA ILE C 173 12.68 14.83 20.14
C ILE C 173 12.94 14.71 21.63
N ASN C 174 13.65 15.69 22.16
CA ASN C 174 13.96 15.77 23.59
C ASN C 174 13.49 17.11 24.11
N SER C 175 12.86 17.11 25.28
CA SER C 175 12.31 18.32 25.85
C SER C 175 12.82 18.64 27.26
N GLY C 176 13.55 17.73 27.89
CA GLY C 176 14.05 18.00 29.22
C GLY C 176 13.01 17.75 30.31
N ASP C 177 13.18 18.45 31.42
CA ASP C 177 12.35 18.24 32.59
C ASP C 177 11.06 19.05 32.47
N LEU C 178 9.92 18.37 32.59
CA LEU C 178 8.62 19.01 32.53
C LEU C 178 7.83 18.88 33.83
N SER C 179 8.48 18.46 34.91
CA SER C 179 7.74 18.20 36.14
C SER C 179 7.24 19.49 36.79
N MET C 180 7.95 20.61 36.59
CA MET C 180 7.36 21.84 37.06
C MET C 180 6.45 22.44 35.98
N CYS C 181 6.87 22.36 34.69
CA CYS C 181 6.02 22.83 33.60
C CYS C 181 4.66 22.16 33.66
N PRO C 182 3.61 22.90 34.03
CA PRO C 182 2.32 22.27 34.24
C PRO C 182 1.39 22.45 33.05
N SER C 183 0.38 21.60 32.96
CA SER C 183 -0.65 21.70 31.95
C SER C 183 -2.01 21.61 32.63
N GLU C 184 -2.89 22.55 32.31
CA GLU C 184 -4.23 22.55 32.88
C GLU C 184 -5.17 21.82 31.93
N ASP C 185 -5.88 20.82 32.46
CA ASP C 185 -6.78 20.01 31.65
C ASP C 185 -7.76 20.88 30.90
N LEU C 186 -7.87 20.66 29.59
CA LEU C 186 -8.81 21.39 28.78
C LEU C 186 -10.17 20.69 28.79
N ILE C 187 -11.22 21.49 28.67
CA ILE C 187 -12.60 21.00 28.64
C ILE C 187 -13.19 21.33 27.28
N PHE C 188 -13.34 20.30 26.44
CA PHE C 188 -13.91 20.46 25.10
C PHE C 188 -15.37 20.06 25.00
N GLU C 189 -15.90 19.34 26.00
CA GLU C 189 -17.26 18.83 25.95
C GLU C 189 -18.01 19.16 27.24
N ASP C 190 -19.29 19.46 27.11
CA ASP C 190 -20.15 19.61 28.28
C ASP C 190 -20.57 18.24 28.79
N GLU C 191 -20.64 18.11 30.12
CA GLU C 191 -20.86 16.79 30.71
C GLU C 191 -22.12 16.13 30.16
N SER C 192 -23.18 16.91 29.93
CA SER C 192 -24.43 16.32 29.48
C SER C 192 -24.39 15.84 28.03
N GLU C 193 -23.34 16.15 27.27
CA GLU C 193 -23.21 15.72 25.89
C GLU C 193 -22.09 14.72 25.65
N ARG C 194 -21.29 14.40 26.66
CA ARG C 194 -20.15 13.52 26.45
C ARG C 194 -20.58 12.17 25.88
N GLY C 195 -21.64 11.58 26.43
CA GLY C 195 -22.11 10.30 25.91
C GLY C 195 -22.54 10.38 24.47
N SER C 196 -23.39 11.35 24.15
CA SER C 196 -23.84 11.51 22.77
C SER C 196 -22.67 11.80 21.83
N ASN C 197 -21.61 12.43 22.35
CA ASN C 197 -20.44 12.69 21.53
C ASN C 197 -19.68 11.41 21.21
N ALA C 198 -19.50 10.54 22.21
CA ALA C 198 -18.70 9.34 22.03
C ALA C 198 -19.17 8.49 20.86
N LEU C 199 -20.49 8.49 20.59
CA LEU C 199 -21.00 7.70 19.48
C LEU C 199 -20.48 8.16 18.14
N LEU C 200 -19.89 9.35 18.05
CA LEU C 200 -19.22 9.75 16.83
C LEU C 200 -18.12 8.77 16.47
N ALA C 201 -17.54 8.10 17.48
CA ALA C 201 -16.51 7.11 17.24
C ALA C 201 -17.01 5.88 16.49
N ARG C 202 -18.33 5.75 16.30
CA ARG C 202 -18.82 4.66 15.45
C ARG C 202 -18.33 4.81 14.03
N ALA C 203 -18.11 6.06 13.58
CA ALA C 203 -17.77 6.33 12.20
C ALA C 203 -16.40 6.97 12.02
N TRP C 204 -15.80 7.52 13.07
CA TRP C 204 -14.55 8.24 12.92
C TRP C 204 -13.63 7.92 14.08
N THR C 205 -12.36 7.62 13.76
CA THR C 205 -11.29 7.54 14.75
C THR C 205 -10.31 8.66 14.47
N PRO C 206 -10.40 9.80 15.16
CA PRO C 206 -9.46 10.89 14.91
C PRO C 206 -8.03 10.47 15.24
N GLY C 207 -7.08 11.11 14.56
CA GLY C 207 -5.67 10.88 14.80
C GLY C 207 -4.88 10.82 13.50
N TRP C 208 -3.60 11.25 13.57
CA TRP C 208 -2.79 11.28 12.36
C TRP C 208 -2.57 9.88 11.80
N GLN C 209 -2.38 8.89 12.69
CA GLN C 209 -2.25 7.51 12.23
C GLN C 209 -3.46 7.09 11.41
N ASN C 210 -4.66 7.37 11.92
CA ASN C 210 -5.87 6.98 11.21
C ASN C 210 -6.04 7.79 9.93
N ALA C 211 -5.55 9.03 9.91
CA ALA C 211 -5.51 9.79 8.67
C ALA C 211 -4.62 9.09 7.65
N ASP C 212 -3.45 8.63 8.09
CA ASP C 212 -2.55 7.90 7.21
C ASP C 212 -3.23 6.65 6.66
N LYS C 213 -3.84 5.86 7.55
CA LYS C 213 -4.50 4.63 7.11
C LYS C 213 -5.66 4.92 6.17
N ALA C 214 -6.41 6.00 6.43
CA ALA C 214 -7.52 6.35 5.54
C ALA C 214 -7.01 6.71 4.15
N LEU C 215 -5.88 7.44 4.08
CA LEU C 215 -5.31 7.78 2.78
C LEU C 215 -4.85 6.55 2.03
N THR C 216 -4.11 5.66 2.71
CA THR C 216 -3.68 4.41 2.09
C THR C 216 -4.88 3.63 1.55
N ALA C 217 -5.99 3.65 2.29
CA ALA C 217 -7.17 2.91 1.90
C ALA C 217 -7.79 3.48 0.63
N PHE C 218 -7.86 4.80 0.53
CA PHE C 218 -8.43 5.42 -0.65
C PHE C 218 -7.54 5.20 -1.87
N LEU C 219 -6.22 5.33 -1.69
CA LEU C 219 -5.32 5.18 -2.82
C LEU C 219 -5.38 3.79 -3.42
N ASN C 220 -5.49 2.77 -2.57
CA ASN C 220 -5.58 1.39 -3.05
C ASN C 220 -7.01 0.97 -3.38
N GLY C 221 -7.99 1.85 -3.17
CA GLY C 221 -9.37 1.47 -3.31
C GLY C 221 -10.15 2.31 -4.31
N PRO C 222 -11.05 3.16 -3.80
CA PRO C 222 -11.97 3.89 -4.68
C PRO C 222 -11.33 5.00 -5.51
N LEU C 223 -10.04 5.30 -5.36
CA LEU C 223 -9.45 6.38 -6.15
C LEU C 223 -9.50 6.08 -7.64
N ALA C 224 -9.24 4.82 -8.02
CA ALA C 224 -9.28 4.47 -9.44
C ALA C 224 -10.64 4.78 -10.04
N ASP C 225 -11.71 4.58 -9.27
CA ASP C 225 -13.07 4.79 -9.74
C ASP C 225 -13.63 6.14 -9.32
N TYR C 226 -12.76 7.11 -9.01
CA TYR C 226 -13.21 8.44 -8.63
C TYR C 226 -13.77 9.23 -9.80
N SER C 227 -13.37 8.88 -11.03
CA SER C 227 -13.82 9.65 -12.19
C SER C 227 -15.30 9.42 -12.47
N VAL C 228 -15.79 8.19 -12.30
CA VAL C 228 -17.17 7.86 -12.61
C VAL C 228 -18.07 7.83 -11.39
N ASN C 229 -17.53 7.88 -10.18
CA ASN C 229 -18.32 7.68 -8.98
C ASN C 229 -18.20 8.77 -7.93
N ARG C 230 -17.45 9.84 -8.19
CA ARG C 230 -17.25 10.87 -7.16
C ARG C 230 -18.55 11.57 -6.78
N LYS C 231 -19.55 11.58 -7.67
CA LYS C 231 -20.83 12.20 -7.35
C LYS C 231 -21.76 11.29 -6.56
N LYS C 232 -21.57 9.97 -6.66
CA LYS C 232 -22.44 9.03 -5.97
C LYS C 232 -22.29 9.15 -4.45
N ALA C 233 -23.40 9.01 -3.75
CA ALA C 233 -23.41 8.93 -2.30
C ALA C 233 -23.88 7.59 -1.78
N ASP C 234 -24.32 6.68 -2.66
CA ASP C 234 -24.78 5.36 -2.30
C ASP C 234 -23.64 4.40 -2.02
N SER C 235 -22.41 4.90 -1.95
CA SER C 235 -21.24 4.08 -1.66
C SER C 235 -20.14 5.00 -1.13
N ALA C 236 -19.07 4.38 -0.63
CA ALA C 236 -17.91 5.11 -0.13
C ALA C 236 -17.00 5.43 -1.32
N SER C 237 -17.39 6.49 -2.04
CA SER C 237 -16.75 6.82 -3.31
C SER C 237 -15.67 7.89 -3.18
N THR C 238 -15.70 8.68 -2.12
CA THR C 238 -14.70 9.72 -1.90
C THR C 238 -13.76 9.28 -0.79
N SER C 239 -12.75 10.10 -0.51
CA SER C 239 -11.63 9.68 0.34
C SER C 239 -11.97 9.62 1.82
N LEU C 240 -12.97 10.37 2.27
CA LEU C 240 -13.29 10.48 3.69
C LEU C 240 -12.07 10.94 4.51
N LEU C 241 -11.18 11.71 3.86
CA LEU C 241 -10.09 12.39 4.53
C LEU C 241 -10.47 13.80 4.96
N SER C 242 -11.77 14.11 4.98
CA SER C 242 -12.21 15.49 5.19
C SER C 242 -11.82 16.01 6.57
N PRO C 243 -12.21 15.37 7.68
CA PRO C 243 -11.84 15.95 8.98
C PRO C 243 -10.36 15.82 9.30
N HIS C 244 -9.68 14.81 8.74
CA HIS C 244 -8.24 14.70 8.96
C HIS C 244 -7.51 15.90 8.37
N LEU C 245 -7.87 16.28 7.14
CA LEU C 245 -7.18 17.38 6.48
C LEU C 245 -7.46 18.72 7.16
N HIS C 246 -8.63 18.88 7.78
CA HIS C 246 -8.92 20.15 8.45
C HIS C 246 -8.04 20.37 9.67
N PHE C 247 -7.69 19.30 10.38
CA PHE C 247 -6.87 19.41 11.58
C PHE C 247 -5.39 19.18 11.28
N GLY C 248 -5.00 19.21 10.01
CA GLY C 248 -3.61 18.99 9.66
C GLY C 248 -3.07 17.66 10.12
N GLU C 249 -3.93 16.65 10.21
CA GLU C 249 -3.48 15.31 10.59
C GLU C 249 -2.82 14.59 9.43
N LEU C 250 -3.00 15.08 8.21
CA LEU C 250 -2.42 14.47 7.01
C LEU C 250 -1.94 15.58 6.10
N SER C 251 -0.68 15.48 5.66
CA SER C 251 -0.07 16.49 4.80
C SER C 251 -0.68 16.44 3.39
N VAL C 252 -1.31 17.54 2.98
CA VAL C 252 -1.82 17.62 1.62
C VAL C 252 -0.69 17.49 0.61
N ARG C 253 0.51 17.96 0.97
CA ARG C 253 1.64 17.82 0.06
C ARG C 253 2.00 16.35 -0.12
N LYS C 254 1.86 15.54 0.93
CA LYS C 254 2.05 14.11 0.76
C LYS C 254 0.95 13.50 -0.10
N VAL C 255 -0.30 13.94 0.11
CA VAL C 255 -1.39 13.48 -0.74
C VAL C 255 -1.07 13.78 -2.19
N PHE C 256 -0.66 15.02 -2.46
CA PHE C 256 -0.34 15.44 -3.83
C PHE C 256 0.72 14.54 -4.44
N HIS C 257 1.86 14.39 -3.76
CA HIS C 257 2.97 13.62 -4.32
C HIS C 257 2.59 12.16 -4.56
N LEU C 258 1.83 11.56 -3.63
CA LEU C 258 1.47 10.17 -3.78
C LEU C 258 0.48 9.97 -4.92
N VAL C 259 -0.50 10.86 -5.03
CA VAL C 259 -1.48 10.75 -6.11
C VAL C 259 -0.82 10.97 -7.46
N ARG C 260 0.03 12.00 -7.55
CA ARG C 260 0.72 12.28 -8.81
C ARG C 260 1.53 11.07 -9.26
N MET C 261 2.16 10.37 -8.32
CA MET C 261 2.92 9.18 -8.66
C MET C 261 2.01 8.00 -8.99
N LYS C 262 0.82 7.95 -8.37
CA LYS C 262 -0.16 6.95 -8.78
C LYS C 262 -0.62 7.21 -10.21
N GLN C 263 -0.78 8.48 -10.58
CA GLN C 263 -1.13 8.84 -11.94
C GLN C 263 -0.11 8.27 -12.93
N LEU C 264 1.18 8.42 -12.61
CA LEU C 264 2.23 7.99 -13.52
C LEU C 264 2.21 6.49 -13.75
N VAL C 265 1.98 5.71 -12.68
CA VAL C 265 1.99 4.26 -12.85
C VAL C 265 0.78 3.82 -13.68
N TRP C 266 -0.38 4.40 -13.43
CA TRP C 266 -1.59 4.00 -14.16
C TRP C 266 -1.48 4.37 -15.64
N SER C 267 -1.02 5.59 -15.92
CA SER C 267 -0.77 5.99 -17.30
C SER C 267 0.08 4.96 -18.02
N ASN C 268 1.17 4.54 -17.38
CA ASN C 268 2.06 3.52 -17.92
C ASN C 268 1.41 2.13 -17.98
N GLU C 269 0.29 1.93 -17.29
CA GLU C 269 -0.39 0.65 -17.30
C GLU C 269 -1.58 0.62 -18.25
N GLY C 270 -1.78 1.69 -19.03
CA GLY C 270 -2.91 1.74 -19.92
C GLY C 270 -4.24 1.97 -19.23
N ASN C 271 -4.23 2.28 -17.94
CA ASN C 271 -5.44 2.52 -17.16
C ASN C 271 -5.81 4.00 -17.27
N HIS C 272 -6.46 4.35 -18.39
CA HIS C 272 -6.75 5.75 -18.66
C HIS C 272 -7.80 6.29 -17.70
N ALA C 273 -8.87 5.52 -17.45
CA ALA C 273 -9.91 5.97 -16.53
C ALA C 273 -9.32 6.28 -15.16
N ALA C 274 -8.48 5.39 -14.63
CA ALA C 274 -7.82 5.64 -13.36
C ALA C 274 -6.91 6.85 -13.43
N GLU C 275 -6.16 6.98 -14.53
CA GLU C 275 -5.35 8.18 -14.75
C GLU C 275 -6.22 9.42 -14.70
N GLU C 276 -7.33 9.42 -15.44
CA GLU C 276 -8.28 10.52 -15.40
C GLU C 276 -8.79 10.77 -14.00
N SER C 277 -8.90 9.72 -13.17
CA SER C 277 -9.51 9.86 -11.85
C SER C 277 -8.67 10.76 -10.94
N CYS C 278 -7.34 10.55 -10.93
CA CYS C 278 -6.48 11.38 -10.08
C CYS C 278 -6.54 12.84 -10.48
N THR C 279 -6.73 13.12 -11.78
CA THR C 279 -6.91 14.50 -12.23
C THR C 279 -8.01 15.19 -11.46
N LEU C 280 -9.19 14.56 -11.41
CA LEU C 280 -10.32 15.15 -10.70
C LEU C 280 -10.10 15.16 -9.20
N PHE C 281 -9.43 14.14 -8.65
CA PHE C 281 -9.22 14.10 -7.21
C PHE C 281 -8.28 15.21 -6.76
N LEU C 282 -7.24 15.50 -7.55
CA LEU C 282 -6.38 16.63 -7.23
C LEU C 282 -7.15 17.94 -7.34
N ARG C 283 -8.06 18.04 -8.32
CA ARG C 283 -8.91 19.22 -8.41
C ARG C 283 -9.70 19.42 -7.12
N SER C 284 -10.17 18.31 -6.52
CA SER C 284 -10.84 18.43 -5.23
C SER C 284 -9.88 18.88 -4.14
N ILE C 285 -8.61 18.47 -4.23
CA ILE C 285 -7.61 19.00 -3.30
C ILE C 285 -7.41 20.49 -3.56
N GLY C 286 -7.40 20.89 -4.84
CA GLY C 286 -7.20 22.30 -5.17
C GLY C 286 -8.32 23.19 -4.66
N LEU C 287 -9.55 22.68 -4.66
CA LEU C 287 -10.66 23.44 -4.08
C LEU C 287 -10.35 23.84 -2.64
N ARG C 288 -9.68 22.96 -1.90
CA ARG C 288 -9.25 23.33 -0.56
C ARG C 288 -8.13 24.38 -0.62
N GLU C 289 -7.28 24.33 -1.64
CA GLU C 289 -6.32 25.42 -1.82
C GLU C 289 -7.04 26.72 -2.08
N TYR C 290 -7.95 26.72 -3.08
CA TYR C 290 -8.76 27.88 -3.38
C TYR C 290 -9.52 28.38 -2.16
N SER C 291 -9.86 27.48 -1.24
CA SER C 291 -10.51 27.88 0.00
C SER C 291 -9.67 28.89 0.78
N ARG C 292 -8.35 28.66 0.84
CA ARG C 292 -7.47 29.59 1.54
C ARG C 292 -7.10 30.78 0.67
N TYR C 293 -7.00 30.58 -0.64
CA TYR C 293 -6.78 31.69 -1.57
C TYR C 293 -7.82 32.78 -1.38
N LEU C 294 -9.10 32.39 -1.42
CA LEU C 294 -10.19 33.37 -1.32
C LEU C 294 -10.20 34.06 0.04
N SER C 295 -9.76 33.38 1.10
CA SER C 295 -9.77 33.99 2.41
C SER C 295 -8.54 34.86 2.65
N PHE C 296 -7.44 34.56 1.96
CA PHE C 296 -6.26 35.40 2.06
C PHE C 296 -6.40 36.67 1.22
N ASN C 297 -6.82 36.51 -0.04
CA ASN C 297 -6.89 37.63 -0.97
C ASN C 297 -8.17 38.44 -0.77
N HIS C 298 -9.33 37.79 -0.80
CA HIS C 298 -10.63 38.47 -0.72
C HIS C 298 -11.34 38.13 0.59
N PRO C 299 -10.77 38.45 1.75
CA PRO C 299 -11.48 38.18 3.00
C PRO C 299 -12.71 39.05 3.07
N SER C 300 -13.64 38.67 3.95
CA SER C 300 -14.92 39.34 4.04
C SER C 300 -15.18 39.74 5.49
N SER C 301 -15.33 41.05 5.73
CA SER C 301 -15.83 41.55 7.00
C SER C 301 -17.06 42.44 6.77
N HIS C 302 -16.88 43.69 6.34
CA HIS C 302 -18.05 44.55 6.38
C HIS C 302 -18.57 45.07 5.04
N GLU C 303 -17.73 45.47 4.08
CA GLU C 303 -18.32 46.06 2.88
C GLU C 303 -18.89 44.98 1.96
N ARG C 304 -18.17 43.88 1.75
CA ARG C 304 -18.75 42.66 1.19
C ARG C 304 -18.46 41.51 2.16
N PRO C 305 -19.24 41.40 3.23
CA PRO C 305 -19.19 40.21 4.08
C PRO C 305 -19.74 39.00 3.33
N LEU C 306 -19.63 37.84 3.97
CA LEU C 306 -20.02 36.62 3.28
C LEU C 306 -21.53 36.58 3.09
N LEU C 307 -21.95 36.40 1.83
CA LEU C 307 -23.34 36.47 1.39
C LEU C 307 -23.86 37.89 1.56
N ALA C 308 -23.04 38.84 1.10
CA ALA C 308 -23.48 40.23 1.07
C ALA C 308 -24.51 40.47 -0.01
N HIS C 309 -24.47 39.69 -1.10
CA HIS C 309 -25.36 39.94 -2.23
C HIS C 309 -26.83 39.71 -1.86
N LEU C 310 -27.11 38.89 -0.85
CA LEU C 310 -28.49 38.69 -0.38
C LEU C 310 -28.73 39.34 0.98
N ARG C 311 -27.97 40.40 1.29
CA ARG C 311 -28.26 41.39 2.33
C ARG C 311 -29.75 41.72 2.32
N PHE C 312 -30.32 41.77 1.12
CA PHE C 312 -31.66 42.29 0.83
C PHE C 312 -32.52 41.11 0.47
N PHE C 313 -32.33 40.04 1.22
CA PHE C 313 -33.26 38.95 0.89
C PHE C 313 -34.34 38.80 1.96
N PRO C 314 -35.59 38.56 1.55
CA PRO C 314 -36.66 38.37 2.54
C PRO C 314 -36.67 36.95 3.08
N TRP C 315 -35.84 36.71 4.10
CA TRP C 315 -35.71 35.37 4.67
C TRP C 315 -36.96 34.99 5.45
N VAL C 316 -37.40 33.75 5.28
CA VAL C 316 -38.46 33.19 6.10
C VAL C 316 -37.93 32.91 7.50
N VAL C 317 -38.27 33.77 8.45
CA VAL C 317 -37.87 33.54 9.84
C VAL C 317 -38.89 32.60 10.48
N ASP C 318 -38.63 31.30 10.40
CA ASP C 318 -39.56 30.29 10.91
C ASP C 318 -38.75 29.22 11.63
N GLU C 319 -38.63 29.35 12.96
CA GLU C 319 -37.90 28.37 13.74
C GLU C 319 -38.53 26.99 13.68
N SER C 320 -39.83 26.90 13.40
CA SER C 320 -40.47 25.59 13.25
C SER C 320 -39.88 24.85 12.04
N TYR C 321 -39.78 25.53 10.89
CA TYR C 321 -39.23 24.89 9.70
C TYR C 321 -37.78 24.49 9.89
N PHE C 322 -37.01 25.34 10.57
CA PHE C 322 -35.61 25.02 10.87
C PHE C 322 -35.51 23.70 11.63
N LYS C 323 -36.32 23.56 12.70
CA LYS C 323 -36.30 22.33 13.48
C LYS C 323 -36.69 21.12 12.64
N ILE C 324 -37.62 21.30 11.71
CA ILE C 324 -38.02 20.18 10.86
C ILE C 324 -36.91 19.83 9.88
N TRP C 325 -36.13 20.82 9.45
CA TRP C 325 -34.95 20.56 8.63
C TRP C 325 -33.88 19.85 9.45
N ARG C 326 -33.71 20.27 10.71
CA ARG C 326 -32.70 19.67 11.58
C ARG C 326 -32.96 18.18 11.83
N GLN C 327 -34.21 17.83 12.07
CA GLN C 327 -34.60 16.46 12.42
C GLN C 327 -34.83 15.59 11.20
N GLY C 328 -34.56 16.10 9.99
CA GLY C 328 -34.80 15.30 8.80
C GLY C 328 -36.24 14.85 8.68
N ARG C 329 -37.19 15.73 8.98
CA ARG C 329 -38.60 15.44 8.88
C ARG C 329 -39.28 16.26 7.78
N THR C 330 -38.53 16.58 6.71
CA THR C 330 -39.02 17.49 5.69
C THR C 330 -39.90 16.81 4.63
N GLY C 331 -39.93 15.49 4.60
CA GLY C 331 -40.68 14.79 3.58
C GLY C 331 -39.98 14.64 2.25
N TYR C 332 -38.82 15.27 2.09
CA TYR C 332 -37.99 15.03 0.92
C TYR C 332 -36.92 14.01 1.30
N PRO C 333 -37.01 12.76 0.82
CA PRO C 333 -36.11 11.70 1.29
C PRO C 333 -34.63 12.07 1.26
N LEU C 334 -34.08 12.34 0.07
CA LEU C 334 -32.67 12.68 -0.04
C LEU C 334 -32.26 13.77 0.93
N VAL C 335 -33.14 14.73 1.19
CA VAL C 335 -32.86 15.74 2.20
C VAL C 335 -32.89 15.11 3.59
N ASP C 336 -33.91 14.29 3.87
CA ASP C 336 -34.04 13.71 5.21
C ASP C 336 -32.94 12.69 5.48
N ALA C 337 -32.63 11.85 4.49
CA ALA C 337 -31.56 10.89 4.64
C ALA C 337 -30.27 11.57 5.07
N GLY C 338 -29.79 12.51 4.25
CA GLY C 338 -28.56 13.20 4.55
C GLY C 338 -28.59 13.93 5.88
N MET C 339 -29.76 14.46 6.26
CA MET C 339 -29.87 15.17 7.52
C MET C 339 -29.76 14.22 8.71
N ARG C 340 -30.16 12.97 8.52
CA ARG C 340 -29.95 11.96 9.56
C ARG C 340 -28.46 11.64 9.69
N GLU C 341 -27.82 11.31 8.56
CA GLU C 341 -26.40 10.95 8.59
C GLU C 341 -25.56 12.07 9.19
N LEU C 342 -25.88 13.32 8.85
CA LEU C 342 -25.14 14.45 9.41
C LEU C 342 -25.19 14.43 10.94
N TRP C 343 -26.38 14.23 11.50
CA TRP C 343 -26.48 14.12 12.95
C TRP C 343 -25.86 12.83 13.44
N ALA C 344 -25.93 11.76 12.66
CA ALA C 344 -25.43 10.46 13.11
C ALA C 344 -23.90 10.42 13.14
N THR C 345 -23.26 10.73 12.02
CA THR C 345 -21.82 10.50 11.86
C THR C 345 -21.02 11.78 11.69
N GLY C 346 -21.63 12.95 11.90
CA GLY C 346 -20.88 14.20 11.77
C GLY C 346 -20.23 14.42 10.43
N TRP C 347 -20.71 13.77 9.37
CA TRP C 347 -20.10 13.89 8.05
C TRP C 347 -21.17 13.71 6.99
N LEU C 348 -20.94 14.29 5.82
CA LEU C 348 -21.83 14.19 4.68
C LEU C 348 -21.01 14.23 3.40
N HIS C 349 -21.44 13.46 2.41
CA HIS C 349 -20.87 13.56 1.07
C HIS C 349 -21.07 14.97 0.53
N ASP C 350 -20.13 15.41 -0.33
CA ASP C 350 -20.19 16.77 -0.85
C ASP C 350 -21.54 17.04 -1.53
N ARG C 351 -21.93 16.17 -2.46
CA ARG C 351 -23.17 16.41 -3.18
C ARG C 351 -24.38 16.39 -2.25
N ILE C 352 -24.34 15.58 -1.19
CA ILE C 352 -25.41 15.67 -0.21
C ILE C 352 -25.28 16.93 0.63
N ARG C 353 -24.05 17.46 0.77
CA ARG C 353 -23.89 18.73 1.45
C ARG C 353 -24.60 19.86 0.73
N VAL C 354 -24.73 19.77 -0.60
CA VAL C 354 -25.47 20.79 -1.33
C VAL C 354 -26.97 20.49 -1.34
N VAL C 355 -27.36 19.21 -1.38
CA VAL C 355 -28.78 18.86 -1.46
C VAL C 355 -29.52 19.43 -0.25
N VAL C 356 -29.03 19.13 0.96
CA VAL C 356 -29.67 19.66 2.16
C VAL C 356 -29.42 21.14 2.35
N ALA C 357 -28.47 21.73 1.62
CA ALA C 357 -28.20 23.17 1.72
C ALA C 357 -28.97 23.96 0.68
N SER C 358 -28.88 23.54 -0.59
CA SER C 358 -29.76 24.09 -1.62
C SER C 358 -31.21 24.10 -1.17
N PHE C 359 -31.64 23.01 -0.55
CA PHE C 359 -33.01 22.90 -0.04
C PHE C 359 -33.26 23.91 1.08
N PHE C 360 -32.26 24.15 1.93
CA PHE C 360 -32.46 25.00 3.10
C PHE C 360 -32.69 26.45 2.72
N VAL C 361 -32.13 26.90 1.59
CA VAL C 361 -32.21 28.31 1.21
C VAL C 361 -33.08 28.54 -0.03
N LYS C 362 -33.31 27.52 -0.86
CA LYS C 362 -34.10 27.71 -2.06
C LYS C 362 -35.50 27.10 -1.98
N VAL C 363 -35.76 26.23 -1.02
CA VAL C 363 -37.10 25.67 -0.81
C VAL C 363 -37.73 26.21 0.48
N LEU C 364 -37.12 25.94 1.62
CA LEU C 364 -37.64 26.52 2.86
C LEU C 364 -37.28 27.98 2.99
N GLN C 365 -36.17 28.40 2.36
CA GLN C 365 -35.80 29.81 2.22
C GLN C 365 -35.65 30.49 3.57
N LEU C 366 -34.93 29.83 4.48
CA LEU C 366 -34.60 30.36 5.78
C LEU C 366 -33.26 31.08 5.73
N PRO C 367 -32.91 31.85 6.76
CA PRO C 367 -31.63 32.57 6.75
C PRO C 367 -30.45 31.62 6.56
N ALA C 368 -29.69 31.85 5.48
CA ALA C 368 -28.52 31.03 5.23
C ALA C 368 -27.55 31.05 6.40
N ARG C 369 -27.49 32.17 7.11
CA ARG C 369 -26.71 32.24 8.35
C ARG C 369 -27.17 31.22 9.38
N TRP C 370 -28.40 30.74 9.29
CA TRP C 370 -28.91 29.78 10.28
C TRP C 370 -28.35 28.38 10.01
N GLY C 371 -28.56 27.86 8.80
CA GLY C 371 -28.01 26.57 8.42
C GLY C 371 -26.50 26.54 8.41
N MET C 372 -25.86 27.71 8.32
CA MET C 372 -24.42 27.78 8.48
C MET C 372 -24.01 27.41 9.90
N LYS C 373 -24.72 27.95 10.90
CA LYS C 373 -24.37 27.65 12.29
C LYS C 373 -24.68 26.21 12.66
N TYR C 374 -25.64 25.58 11.98
CA TYR C 374 -25.90 24.17 12.23
C TYR C 374 -24.76 23.32 11.67
N PHE C 375 -24.34 23.59 10.43
CA PHE C 375 -23.18 22.89 9.87
C PHE C 375 -21.96 23.05 10.76
N TRP C 376 -21.77 24.26 11.31
CA TRP C 376 -20.62 24.52 12.17
C TRP C 376 -20.65 23.64 13.42
N ASP C 377 -21.83 23.34 13.94
CA ASP C 377 -21.97 22.57 15.16
C ASP C 377 -21.96 21.06 14.94
N THR C 378 -22.27 20.59 13.72
CA THR C 378 -22.50 19.18 13.47
C THR C 378 -21.59 18.59 12.40
N LEU C 379 -20.61 19.34 11.90
CA LEU C 379 -19.63 18.81 10.98
C LEU C 379 -18.31 18.62 11.71
N LEU C 380 -17.72 17.42 11.59
CA LEU C 380 -16.41 17.21 12.19
C LEU C 380 -15.34 17.97 11.42
N ASP C 381 -15.45 17.99 10.09
CA ASP C 381 -14.56 18.75 9.23
C ASP C 381 -15.21 20.12 9.09
N ALA C 382 -15.41 20.83 10.20
CA ALA C 382 -16.00 22.16 10.14
C ALA C 382 -14.79 23.06 9.88
N ASP C 383 -14.73 23.64 8.68
CA ASP C 383 -13.57 24.41 8.24
C ASP C 383 -14.03 25.80 7.83
N LEU C 384 -13.39 26.83 8.41
CA LEU C 384 -13.83 28.21 8.20
C LEU C 384 -13.84 28.58 6.71
N GLU C 385 -12.71 28.42 6.04
CA GLU C 385 -12.63 28.83 4.64
C GLU C 385 -13.47 27.92 3.75
N SER C 386 -13.38 26.60 3.97
CA SER C 386 -14.07 25.67 3.09
C SER C 386 -15.57 25.68 3.28
N ASP C 387 -16.05 25.94 4.51
CA ASP C 387 -17.47 26.17 4.70
C ASP C 387 -17.91 27.43 3.97
N ALA C 388 -17.10 28.49 4.07
CA ALA C 388 -17.37 29.72 3.33
C ALA C 388 -17.53 29.45 1.85
N LEU C 389 -16.55 28.76 1.25
CA LEU C 389 -16.63 28.46 -0.18
C LEU C 389 -17.89 27.67 -0.50
N GLY C 390 -18.20 26.65 0.30
CA GLY C 390 -19.29 25.76 -0.03
C GLY C 390 -20.64 26.44 -0.04
N TRP C 391 -20.88 27.35 0.91
CA TRP C 391 -22.14 28.10 0.90
C TRP C 391 -22.17 29.09 -0.27
N GLN C 392 -21.10 29.87 -0.43
CA GLN C 392 -20.98 30.78 -1.57
C GLN C 392 -21.28 30.08 -2.88
N TYR C 393 -21.01 28.78 -2.96
CA TYR C 393 -21.20 28.03 -4.17
C TYR C 393 -22.68 27.77 -4.44
N ILE C 394 -23.42 27.32 -3.41
CA ILE C 394 -24.81 26.93 -3.63
C ILE C 394 -25.74 28.14 -3.68
N THR C 395 -25.39 29.22 -3.00
CA THR C 395 -26.19 30.44 -3.04
C THR C 395 -25.94 31.27 -4.29
N GLY C 396 -24.91 30.96 -5.06
CA GLY C 396 -24.57 31.74 -6.24
C GLY C 396 -23.85 33.04 -5.96
N SER C 397 -23.18 33.15 -4.81
CA SER C 397 -22.57 34.40 -4.36
C SER C 397 -21.33 34.79 -5.15
N LEU C 398 -20.86 33.96 -6.07
CA LEU C 398 -19.64 34.27 -6.80
C LEU C 398 -19.72 33.59 -8.17
N PRO C 399 -18.97 34.09 -9.16
CA PRO C 399 -19.26 33.69 -10.56
C PRO C 399 -19.15 32.20 -10.84
N ASP C 400 -18.33 31.47 -10.07
CA ASP C 400 -18.27 30.02 -10.25
C ASP C 400 -19.55 29.32 -9.79
N GLY C 401 -20.37 29.99 -8.99
CA GLY C 401 -21.41 29.35 -8.22
C GLY C 401 -22.56 28.78 -9.05
N ARG C 402 -23.64 28.46 -8.33
CA ARG C 402 -24.81 27.81 -8.88
C ARG C 402 -25.90 28.84 -9.18
N GLU C 403 -26.72 28.53 -10.18
CA GLU C 403 -27.72 29.47 -10.68
C GLU C 403 -28.78 29.75 -9.62
N LEU C 404 -29.10 31.04 -9.43
CA LEU C 404 -29.90 31.46 -8.29
C LEU C 404 -31.39 31.16 -8.48
N ASP C 405 -32.07 31.88 -9.37
CA ASP C 405 -33.50 31.57 -9.53
C ASP C 405 -33.64 30.22 -10.25
N ARG C 406 -33.58 29.17 -9.44
CA ARG C 406 -33.61 27.80 -9.94
C ARG C 406 -33.62 26.85 -8.75
N ILE C 407 -34.42 25.81 -8.81
CA ILE C 407 -34.49 24.82 -7.74
C ILE C 407 -34.32 23.45 -8.36
N ASP C 408 -33.40 22.65 -7.79
CA ASP C 408 -33.15 21.33 -8.32
C ASP C 408 -34.37 20.44 -8.15
N ASN C 409 -34.80 19.82 -9.24
CA ASN C 409 -35.79 18.77 -9.14
C ASN C 409 -35.18 17.59 -8.36
N PRO C 410 -35.88 17.07 -7.35
CA PRO C 410 -35.29 15.98 -6.56
C PRO C 410 -34.89 14.76 -7.39
N GLN C 411 -35.62 14.46 -8.46
CA GLN C 411 -35.24 13.31 -9.29
C GLN C 411 -33.95 13.57 -10.06
N PHE C 412 -33.64 14.84 -10.35
CA PHE C 412 -32.32 15.15 -10.90
C PHE C 412 -31.23 14.83 -9.89
N GLU C 413 -31.36 15.38 -8.68
CA GLU C 413 -30.44 15.05 -7.59
C GLU C 413 -30.30 13.55 -7.42
N GLY C 414 -31.45 12.87 -7.28
CA GLY C 414 -31.41 11.44 -7.03
C GLY C 414 -30.69 10.66 -8.12
N TYR C 415 -30.93 11.01 -9.38
CA TYR C 415 -30.32 10.24 -10.47
C TYR C 415 -28.81 10.45 -10.53
N LYS C 416 -28.32 11.63 -10.14
CA LYS C 416 -26.89 11.88 -10.15
C LYS C 416 -26.20 11.32 -8.90
N PHE C 417 -26.89 11.37 -7.76
CA PHE C 417 -26.28 11.04 -6.47
C PHE C 417 -26.76 9.72 -5.89
N ASP C 418 -27.72 9.05 -6.53
CA ASP C 418 -28.37 7.90 -5.90
C ASP C 418 -29.22 7.13 -6.90
N PRO C 419 -28.62 6.53 -7.94
CA PRO C 419 -29.45 5.96 -9.02
C PRO C 419 -30.46 4.91 -8.57
N HIS C 420 -30.12 4.11 -7.57
CA HIS C 420 -31.02 3.04 -7.13
C HIS C 420 -31.70 3.36 -5.80
N GLY C 421 -31.65 4.61 -5.35
CA GLY C 421 -32.29 4.98 -4.11
C GLY C 421 -31.79 4.25 -2.88
N GLU C 422 -30.67 3.54 -2.99
CA GLU C 422 -30.15 2.77 -1.86
C GLU C 422 -29.60 3.66 -0.77
N TYR C 423 -29.25 4.91 -1.08
CA TYR C 423 -28.74 5.80 -0.04
C TYR C 423 -29.82 6.15 0.98
N VAL C 424 -31.02 6.49 0.51
CA VAL C 424 -32.05 6.88 1.47
C VAL C 424 -32.77 5.66 2.03
N ARG C 425 -32.81 4.54 1.31
CA ARG C 425 -33.31 3.31 1.91
C ARG C 425 -32.47 2.92 3.12
N ARG C 426 -31.17 3.22 3.08
CA ARG C 426 -30.28 2.85 4.18
C ARG C 426 -30.47 3.77 5.38
N TRP C 427 -30.71 5.05 5.13
CA TRP C 427 -30.89 6.02 6.22
C TRP C 427 -32.35 6.26 6.57
N ILE C 428 -33.28 5.90 5.71
CA ILE C 428 -34.71 5.99 5.98
C ILE C 428 -35.30 4.61 5.72
N PRO C 429 -35.05 3.62 6.60
CA PRO C 429 -35.58 2.28 6.34
C PRO C 429 -37.10 2.24 6.25
N GLU C 430 -37.78 3.31 6.66
CA GLU C 430 -39.23 3.41 6.46
C GLU C 430 -39.58 3.31 4.98
N LEU C 431 -38.75 3.88 4.11
CA LEU C 431 -39.01 3.91 2.67
C LEU C 431 -38.42 2.72 1.93
N ALA C 432 -38.03 1.66 2.65
CA ALA C 432 -37.28 0.58 2.02
C ALA C 432 -38.07 -0.08 0.91
N ARG C 433 -39.38 -0.23 1.08
CA ARG C 433 -40.21 -0.90 0.09
C ARG C 433 -40.69 0.03 -1.02
N LEU C 434 -40.40 1.32 -0.96
CA LEU C 434 -40.83 2.23 -2.01
C LEU C 434 -39.99 1.99 -3.26
N PRO C 435 -40.59 1.62 -4.39
CA PRO C 435 -39.80 1.36 -5.59
C PRO C 435 -38.98 2.58 -6.00
N THR C 436 -37.86 2.31 -6.68
CA THR C 436 -36.87 3.35 -6.94
C THR C 436 -37.46 4.53 -7.71
N GLU C 437 -38.46 4.28 -8.56
CA GLU C 437 -39.00 5.35 -9.40
C GLU C 437 -39.52 6.51 -8.56
N TRP C 438 -40.17 6.23 -7.44
CA TRP C 438 -40.76 7.28 -6.62
C TRP C 438 -39.94 7.63 -5.38
N ILE C 439 -38.86 6.88 -5.11
CA ILE C 439 -38.22 6.96 -3.80
C ILE C 439 -37.74 8.37 -3.46
N HIS C 440 -37.47 9.21 -4.45
CA HIS C 440 -37.01 10.56 -4.18
C HIS C 440 -38.14 11.58 -4.23
N HIS C 441 -39.35 11.15 -4.58
CA HIS C 441 -40.52 12.04 -4.65
C HIS C 441 -41.77 11.23 -4.33
N PRO C 442 -41.93 10.82 -3.07
CA PRO C 442 -43.06 9.93 -2.74
C PRO C 442 -44.42 10.60 -2.88
N TRP C 443 -44.49 11.93 -2.71
CA TRP C 443 -45.78 12.62 -2.76
C TRP C 443 -46.43 12.57 -4.14
N ASP C 444 -45.65 12.38 -5.20
CA ASP C 444 -46.20 12.17 -6.53
C ASP C 444 -46.51 10.70 -6.82
N ALA C 445 -46.53 9.86 -5.81
CA ALA C 445 -46.83 8.49 -6.18
C ALA C 445 -48.31 8.20 -6.00
N PRO C 446 -48.86 7.28 -6.79
CA PRO C 446 -50.26 6.90 -6.59
C PRO C 446 -50.44 6.23 -5.24
N VAL C 447 -51.59 6.50 -4.61
CA VAL C 447 -51.89 5.95 -3.30
C VAL C 447 -51.76 4.43 -3.31
N SER C 448 -52.08 3.79 -4.45
CA SER C 448 -51.96 2.34 -4.52
C SER C 448 -50.51 1.88 -4.39
N VAL C 449 -49.56 2.69 -4.87
CA VAL C 449 -48.16 2.31 -4.74
C VAL C 449 -47.67 2.59 -3.32
N LEU C 450 -48.05 3.74 -2.75
CA LEU C 450 -47.64 4.08 -1.39
C LEU C 450 -48.07 2.99 -0.40
N GLN C 451 -49.30 2.52 -0.52
CA GLN C 451 -49.79 1.49 0.41
C GLN C 451 -49.14 0.14 0.15
N ALA C 452 -48.83 -0.17 -1.11
CA ALA C 452 -48.12 -1.42 -1.39
C ALA C 452 -46.75 -1.45 -0.73
N ALA C 453 -46.13 -0.28 -0.57
CA ALA C 453 -44.89 -0.15 0.17
C ALA C 453 -45.12 0.09 1.65
N GLY C 454 -46.37 0.03 2.10
CA GLY C 454 -46.67 0.29 3.50
C GLY C 454 -46.39 1.70 3.94
N ILE C 455 -46.45 2.68 3.03
CA ILE C 455 -46.21 4.08 3.35
C ILE C 455 -47.54 4.82 3.36
N GLU C 456 -47.70 5.71 4.33
CA GLU C 456 -48.91 6.51 4.51
C GLU C 456 -48.45 7.94 4.84
N LEU C 457 -48.37 8.78 3.82
CA LEU C 457 -47.78 10.11 3.99
C LEU C 457 -48.55 10.91 5.02
N GLY C 458 -47.83 11.41 6.03
CA GLY C 458 -48.41 12.12 7.15
C GLY C 458 -48.35 11.38 8.46
N SER C 459 -48.27 10.04 8.41
CA SER C 459 -48.17 9.22 9.61
C SER C 459 -46.96 8.31 9.61
N ASN C 460 -46.66 7.66 8.49
CA ASN C 460 -45.52 6.76 8.37
C ASN C 460 -44.24 7.49 8.01
N TYR C 461 -44.32 8.44 7.09
CA TYR C 461 -43.25 9.28 6.58
C TYR C 461 -43.88 10.61 6.25
N PRO C 462 -43.25 11.73 6.60
CA PRO C 462 -43.96 13.02 6.56
C PRO C 462 -44.34 13.45 5.15
N LEU C 463 -45.34 14.34 5.10
CA LEU C 463 -45.68 15.01 3.86
C LEU C 463 -44.70 16.16 3.60
N PRO C 464 -44.43 16.46 2.32
CA PRO C 464 -43.50 17.56 2.01
C PRO C 464 -43.88 18.85 2.70
N ILE C 465 -43.04 19.30 3.64
CA ILE C 465 -43.39 20.46 4.46
C ILE C 465 -43.68 21.67 3.58
N VAL C 466 -42.92 21.86 2.52
CA VAL C 466 -43.15 22.91 1.54
C VAL C 466 -43.14 22.26 0.16
N GLU C 467 -44.08 22.66 -0.69
CA GLU C 467 -44.14 22.12 -2.03
C GLU C 467 -43.22 22.91 -2.96
N LEU C 468 -42.78 22.24 -4.03
CA LEU C 468 -41.81 22.85 -4.94
C LEU C 468 -42.42 24.02 -5.69
N ASP C 469 -43.59 23.81 -6.29
CA ASP C 469 -44.29 24.88 -7.01
C ASP C 469 -44.44 26.11 -6.12
N ALA C 470 -44.97 25.91 -4.90
CA ALA C 470 -45.14 27.00 -3.95
C ALA C 470 -43.81 27.60 -3.51
N ALA C 471 -42.68 26.97 -3.84
CA ALA C 471 -41.37 27.47 -3.42
C ALA C 471 -40.63 28.22 -4.53
N LYS C 472 -40.70 27.78 -5.79
CA LYS C 472 -40.10 28.58 -6.86
C LYS C 472 -40.93 29.82 -7.11
N GLY C 473 -42.25 29.69 -6.98
CA GLY C 473 -43.09 30.86 -6.91
C GLY C 473 -42.62 31.85 -5.86
N ARG C 474 -42.50 31.39 -4.61
CA ARG C 474 -41.95 32.21 -3.54
C ARG C 474 -40.56 32.73 -3.90
N LEU C 475 -39.81 31.97 -4.70
CA LEU C 475 -38.45 32.38 -5.06
C LEU C 475 -38.48 33.63 -5.93
N GLN C 476 -39.30 33.63 -6.98
CA GLN C 476 -39.46 34.82 -7.81
C GLN C 476 -39.91 36.01 -6.97
N ALA C 477 -40.93 35.81 -6.14
CA ALA C 477 -41.46 36.88 -5.31
C ALA C 477 -40.44 37.42 -4.32
N ALA C 478 -39.43 36.63 -3.96
CA ALA C 478 -38.39 37.06 -3.03
C ALA C 478 -37.17 37.64 -3.72
N LEU C 479 -36.90 37.22 -4.97
CA LEU C 479 -35.72 37.68 -5.69
C LEU C 479 -35.96 39.02 -6.37
N SER C 480 -37.09 39.18 -7.07
CA SER C 480 -37.38 40.46 -7.69
C SER C 480 -37.74 41.52 -6.64
N GLU C 481 -38.36 41.12 -5.52
CA GLU C 481 -38.55 42.07 -4.43
C GLU C 481 -37.22 42.65 -3.98
N MET C 482 -36.16 41.85 -4.08
CA MET C 482 -34.83 42.23 -3.65
C MET C 482 -34.09 42.99 -4.74
N TRP C 483 -34.16 42.51 -5.98
CA TRP C 483 -33.64 43.28 -7.10
C TRP C 483 -34.35 44.63 -7.22
N GLN C 484 -35.65 44.67 -6.87
CA GLN C 484 -36.33 45.95 -6.69
C GLN C 484 -35.68 46.75 -5.57
N LEU C 485 -35.34 46.09 -4.46
CA LEU C 485 -34.59 46.74 -3.39
C LEU C 485 -33.16 47.05 -3.83
N GLU C 486 -32.64 46.29 -4.81
CA GLU C 486 -31.25 46.46 -5.23
C GLU C 486 -31.06 47.74 -6.01
N ALA C 487 -31.81 47.89 -7.11
CA ALA C 487 -31.74 49.08 -7.93
C ALA C 487 -32.34 50.31 -7.26
N ALA C 488 -32.77 50.21 -6.00
CA ALA C 488 -33.34 51.34 -5.26
C ALA C 488 -32.37 51.92 -4.24
N SER C 489 -31.08 51.59 -4.36
CA SER C 489 -30.07 52.13 -3.45
C SER C 489 -28.72 52.18 -4.14
N GLY D 14 -37.81 -14.27 -31.48
CA GLY D 14 -36.70 -13.39 -31.74
C GLY D 14 -37.09 -11.94 -31.94
N ALA D 15 -38.09 -11.49 -31.18
CA ALA D 15 -38.48 -10.09 -31.16
C ALA D 15 -37.66 -9.35 -30.10
N VAL D 16 -37.93 -8.03 -29.91
CA VAL D 16 -37.20 -7.24 -28.92
C VAL D 16 -37.91 -7.34 -27.58
N HIS D 17 -37.09 -7.38 -26.52
CA HIS D 17 -37.42 -8.06 -25.29
C HIS D 17 -37.10 -7.16 -24.10
N GLY D 18 -37.35 -7.73 -22.92
CA GLY D 18 -36.90 -7.20 -21.65
C GLY D 18 -36.97 -5.70 -21.50
N HIS D 19 -38.13 -5.12 -21.78
CA HIS D 19 -38.32 -3.68 -21.60
C HIS D 19 -38.31 -3.34 -20.11
N ARG D 20 -37.48 -2.36 -19.73
CA ARG D 20 -37.53 -1.81 -18.38
C ARG D 20 -37.41 -0.29 -18.46
N LEU D 21 -38.40 0.41 -17.91
CA LEU D 21 -38.63 1.80 -18.23
C LEU D 21 -38.38 2.71 -17.03
N SER D 22 -37.97 3.91 -17.36
CA SER D 22 -37.40 4.85 -16.43
C SER D 22 -38.00 6.21 -16.78
N THR D 23 -37.74 7.21 -15.97
CA THR D 23 -38.13 8.55 -16.35
C THR D 23 -36.94 9.48 -16.21
N VAL D 24 -36.92 10.52 -17.04
CA VAL D 24 -36.00 11.64 -16.86
C VAL D 24 -36.81 12.92 -16.85
N VAL D 25 -36.37 13.88 -16.03
CA VAL D 25 -37.09 15.13 -15.86
C VAL D 25 -36.18 16.30 -16.21
N PRO D 26 -36.72 17.51 -16.30
CA PRO D 26 -35.85 18.69 -16.36
C PRO D 26 -35.07 18.85 -15.06
N SER D 27 -33.85 19.39 -15.19
CA SER D 27 -32.97 19.51 -14.03
C SER D 27 -33.51 20.54 -13.04
N SER D 28 -34.05 21.65 -13.53
CA SER D 28 -34.70 22.63 -12.68
C SER D 28 -36.18 22.29 -12.55
N VAL D 29 -36.75 22.61 -11.39
CA VAL D 29 -38.20 22.51 -11.26
C VAL D 29 -38.82 23.80 -11.77
N THR D 30 -39.79 23.64 -12.66
CA THR D 30 -40.34 24.78 -13.39
C THR D 30 -41.33 25.57 -12.53
N GLY D 31 -42.23 24.87 -11.85
CA GLY D 31 -43.17 25.50 -10.95
C GLY D 31 -44.53 25.68 -11.57
N GLU D 32 -45.31 26.57 -10.94
CA GLU D 32 -46.63 26.94 -11.47
C GLU D 32 -46.21 27.51 -12.81
N VAL D 33 -46.68 26.97 -13.92
CA VAL D 33 -46.33 27.52 -15.23
C VAL D 33 -47.23 26.76 -16.18
N ASP D 34 -47.96 27.51 -17.01
CA ASP D 34 -48.85 26.95 -18.02
C ASP D 34 -48.22 27.20 -19.38
N TYR D 35 -48.16 26.17 -20.21
CA TYR D 35 -47.73 26.33 -21.60
C TYR D 35 -48.97 26.32 -22.47
N ALA D 36 -49.36 27.49 -22.95
CA ALA D 36 -50.49 27.59 -23.87
C ALA D 36 -50.07 27.04 -25.23
N LEU D 37 -50.86 26.12 -25.77
CA LEU D 37 -50.54 25.63 -27.10
C LEU D 37 -51.53 26.17 -28.12
N ALA D 38 -51.01 26.42 -29.32
CA ALA D 38 -51.73 27.01 -30.42
C ALA D 38 -52.88 26.10 -30.84
N ASP D 39 -53.75 26.63 -31.70
CA ASP D 39 -54.78 25.78 -32.28
C ASP D 39 -54.23 25.00 -33.47
N ALA D 40 -53.13 25.47 -34.06
CA ALA D 40 -52.37 24.61 -34.98
C ALA D 40 -51.76 23.43 -34.23
N ASP D 41 -51.37 23.62 -32.97
CA ASP D 41 -50.98 22.48 -32.16
C ASP D 41 -52.16 21.54 -31.97
N LEU D 42 -53.28 22.07 -31.46
CA LEU D 42 -54.49 21.28 -31.23
C LEU D 42 -55.02 20.61 -32.49
N ALA D 43 -54.64 21.12 -33.67
CA ALA D 43 -55.14 20.53 -34.90
C ALA D 43 -54.55 19.14 -35.12
N PHE D 44 -53.35 18.88 -34.61
CA PHE D 44 -52.68 17.59 -34.79
C PHE D 44 -52.70 16.75 -33.51
N LYS D 45 -53.67 17.00 -32.63
CA LYS D 45 -53.68 16.34 -31.32
C LYS D 45 -53.89 14.83 -31.40
N LEU D 46 -54.20 14.29 -32.57
CA LEU D 46 -54.51 12.88 -32.72
C LEU D 46 -53.52 12.15 -33.63
N HIS D 47 -52.31 12.69 -33.77
CA HIS D 47 -51.30 12.04 -34.60
C HIS D 47 -49.98 12.01 -33.86
N TYR D 48 -49.18 11.00 -34.19
CA TYR D 48 -48.04 10.61 -33.38
C TYR D 48 -46.92 10.17 -34.29
N LEU D 49 -45.73 10.72 -34.09
CA LEU D 49 -44.61 10.33 -34.91
C LEU D 49 -43.77 9.28 -34.20
N ARG D 50 -43.25 8.36 -35.00
CA ARG D 50 -42.46 7.23 -34.53
C ARG D 50 -41.16 7.26 -35.34
N GLY D 51 -40.16 7.96 -34.82
CA GLY D 51 -38.87 8.04 -35.48
C GLY D 51 -37.90 7.05 -34.84
N VAL D 52 -37.21 6.29 -35.69
CA VAL D 52 -36.19 5.37 -35.22
C VAL D 52 -34.89 5.60 -35.99
N TYR D 53 -33.81 5.75 -35.24
CA TYR D 53 -32.47 5.98 -35.76
C TYR D 53 -31.62 4.79 -35.38
N TYR D 54 -30.84 4.29 -36.32
CA TYR D 54 -30.03 3.09 -36.12
C TYR D 54 -28.56 3.46 -36.18
N TYR D 55 -27.76 2.81 -35.34
CA TYR D 55 -26.36 3.17 -35.19
C TYR D 55 -25.52 1.91 -35.29
N ARG D 56 -24.47 1.97 -36.11
CA ARG D 56 -23.54 0.85 -36.23
C ARG D 56 -23.10 0.39 -34.84
N SER D 57 -22.75 1.35 -33.99
CA SER D 57 -22.05 1.11 -32.76
C SER D 57 -22.96 1.46 -31.58
N GLY D 58 -22.99 0.57 -30.59
CA GLY D 58 -23.60 0.83 -29.30
C GLY D 58 -22.49 1.16 -28.33
N ASP D 59 -21.29 1.34 -28.88
CA ASP D 59 -20.09 1.44 -28.08
C ASP D 59 -19.96 2.84 -27.48
N GLY D 60 -19.78 2.88 -26.16
CA GLY D 60 -19.70 4.14 -25.46
C GLY D 60 -21.02 4.86 -25.29
N LEU D 61 -22.12 4.33 -25.81
CA LEU D 61 -23.45 4.91 -25.59
C LEU D 61 -24.32 4.00 -24.72
N ALA D 62 -23.81 3.72 -23.52
CA ALA D 62 -24.54 3.03 -22.47
C ALA D 62 -25.70 3.89 -22.00
N THR D 63 -26.61 3.30 -21.23
CA THR D 63 -27.86 4.00 -20.98
C THR D 63 -27.67 5.25 -20.13
N LYS D 64 -26.70 5.27 -19.22
CA LYS D 64 -26.49 6.52 -18.48
C LYS D 64 -25.87 7.60 -19.36
N VAL D 65 -25.07 7.24 -20.36
CA VAL D 65 -24.56 8.32 -21.21
C VAL D 65 -25.67 8.89 -22.07
N LEU D 66 -26.68 8.08 -22.45
CA LEU D 66 -27.79 8.58 -23.25
C LEU D 66 -28.77 9.35 -22.38
N LYS D 67 -28.93 8.94 -21.12
CA LYS D 67 -29.93 9.54 -20.23
C LYS D 67 -29.44 10.84 -19.62
N ASP D 68 -28.16 10.89 -19.21
CA ASP D 68 -27.65 12.05 -18.48
C ASP D 68 -27.91 13.38 -19.17
N PRO D 69 -27.70 13.55 -20.48
CA PRO D 69 -27.95 14.85 -21.11
C PRO D 69 -29.42 15.21 -21.22
N MET D 70 -30.34 14.26 -21.03
CA MET D 70 -31.75 14.57 -21.19
C MET D 70 -32.23 15.57 -20.15
N PHE D 71 -31.59 15.62 -18.98
CA PHE D 71 -32.04 16.55 -17.93
C PHE D 71 -31.82 18.00 -18.33
N PRO D 72 -30.61 18.44 -18.70
CA PRO D 72 -30.46 19.81 -19.18
C PRO D 72 -31.28 20.08 -20.44
N TRP D 73 -31.43 19.07 -21.30
CA TRP D 73 -32.16 19.23 -22.55
C TRP D 73 -33.61 19.59 -22.30
N LEU D 74 -34.23 18.98 -21.29
CA LEU D 74 -35.63 19.21 -20.99
C LEU D 74 -35.85 20.40 -20.07
N ASP D 75 -34.77 21.10 -19.69
CA ASP D 75 -34.97 22.43 -19.13
C ASP D 75 -35.15 23.46 -20.24
N ASP D 76 -34.51 23.24 -21.38
CA ASP D 76 -34.77 24.04 -22.56
C ASP D 76 -36.08 23.65 -23.23
N HIS D 77 -36.52 22.41 -23.03
CA HIS D 77 -37.77 21.95 -23.63
C HIS D 77 -38.73 21.42 -22.55
N PHE D 78 -38.98 22.25 -21.54
CA PHE D 78 -39.75 21.81 -20.39
C PHE D 78 -41.19 21.43 -20.70
N PRO D 79 -41.88 22.04 -21.69
CA PRO D 79 -43.27 21.61 -21.94
C PRO D 79 -43.41 20.18 -22.45
N VAL D 80 -42.37 19.58 -23.05
CA VAL D 80 -42.49 18.17 -23.44
C VAL D 80 -42.42 17.25 -22.22
N ALA D 81 -41.87 17.72 -21.11
CA ALA D 81 -41.86 16.98 -19.87
C ALA D 81 -43.08 17.25 -19.01
N GLY D 82 -43.98 18.14 -19.45
CA GLY D 82 -45.27 18.32 -18.81
C GLY D 82 -46.29 17.33 -19.32
N ARG D 83 -47.54 17.55 -18.92
CA ARG D 83 -48.65 16.73 -19.39
C ARG D 83 -49.85 17.63 -19.62
N VAL D 84 -50.92 17.04 -20.13
CA VAL D 84 -52.03 17.82 -20.67
C VAL D 84 -53.12 17.99 -19.62
N ARG D 85 -53.73 19.17 -19.60
CA ARG D 85 -54.89 19.49 -18.79
C ARG D 85 -55.83 20.27 -19.69
N ARG D 86 -57.03 20.51 -19.19
CA ARG D 86 -58.01 21.32 -19.89
C ARG D 86 -58.47 22.44 -18.96
N ALA D 87 -58.40 23.68 -19.44
CA ALA D 87 -59.00 24.81 -18.75
C ALA D 87 -60.52 24.77 -18.89
N GLU D 88 -61.21 25.56 -18.08
CA GLU D 88 -62.68 25.57 -18.30
C GLU D 88 -63.03 26.74 -19.24
N ALA D 89 -64.20 26.69 -19.87
CA ALA D 89 -64.69 27.77 -20.76
C ALA D 89 -65.49 28.79 -19.95
N GLU D 90 -66.11 29.79 -20.60
CA GLU D 90 -66.84 30.81 -19.81
C GLU D 90 -68.36 30.59 -19.84
N ARG D 96 -63.63 24.19 -23.83
CA ARG D 96 -62.66 23.69 -22.87
C ARG D 96 -61.31 23.60 -23.55
N ARG D 97 -60.52 24.66 -23.51
CA ARG D 97 -59.38 24.41 -24.38
C ARG D 97 -58.18 23.88 -23.60
N PRO D 98 -57.49 22.89 -24.15
CA PRO D 98 -56.42 22.20 -23.41
C PRO D 98 -55.12 22.97 -23.41
N TYR D 99 -54.32 22.72 -22.38
CA TYR D 99 -53.01 23.34 -22.23
C TYR D 99 -52.04 22.32 -21.64
N ILE D 100 -50.78 22.70 -21.56
CA ILE D 100 -49.73 21.84 -21.03
C ILE D 100 -49.41 22.31 -19.62
N LYS D 101 -49.75 21.44 -18.66
CA LYS D 101 -49.44 21.69 -17.23
C LYS D 101 -47.92 21.66 -17.10
N CYS D 102 -47.37 22.73 -16.55
CA CYS D 102 -45.89 22.78 -16.41
C CYS D 102 -45.46 22.16 -15.07
N ASN D 103 -45.74 20.86 -14.95
CA ASN D 103 -45.36 19.92 -13.86
C ASN D 103 -44.33 19.01 -14.54
N ASP D 104 -43.26 18.64 -13.85
CA ASP D 104 -42.20 17.96 -14.63
C ASP D 104 -42.39 16.45 -14.67
N CYS D 105 -43.48 15.95 -15.23
CA CYS D 105 -43.69 14.49 -15.25
C CYS D 105 -42.55 13.76 -15.94
N GLY D 106 -41.89 14.43 -16.87
CA GLY D 106 -40.71 13.86 -17.56
C GLY D 106 -41.04 12.93 -18.71
N VAL D 107 -40.04 12.52 -19.46
CA VAL D 107 -40.31 11.60 -20.59
C VAL D 107 -39.83 10.22 -20.19
N ARG D 108 -40.56 9.19 -20.58
CA ARG D 108 -40.24 7.83 -20.19
C ARG D 108 -39.24 7.23 -21.18
N ILE D 109 -38.26 6.52 -20.64
CA ILE D 109 -37.23 5.89 -21.44
C ILE D 109 -37.37 4.38 -21.29
N VAL D 110 -37.38 3.68 -22.40
CA VAL D 110 -37.62 2.25 -22.44
C VAL D 110 -36.34 1.59 -22.89
N GLU D 111 -35.78 0.73 -22.06
CA GLU D 111 -34.58 -0.02 -22.41
C GLU D 111 -34.99 -1.40 -22.88
N ALA D 112 -34.44 -1.82 -24.01
CA ALA D 112 -34.76 -3.12 -24.58
C ALA D 112 -33.57 -3.53 -25.45
N ARG D 113 -33.53 -4.82 -25.78
CA ARG D 113 -32.43 -5.44 -26.51
C ARG D 113 -33.09 -6.24 -27.65
N CYS D 114 -32.27 -6.72 -28.59
CA CYS D 114 -32.78 -7.71 -29.54
C CYS D 114 -31.64 -8.56 -30.08
N ASP D 115 -31.72 -9.88 -29.89
CA ASP D 115 -30.67 -10.74 -30.45
C ASP D 115 -31.00 -11.02 -31.92
N ARG D 116 -30.71 -9.99 -32.68
CA ARG D 116 -31.03 -9.74 -34.07
C ARG D 116 -29.75 -9.06 -34.51
N ASP D 117 -29.33 -9.20 -35.75
CA ASP D 117 -28.34 -8.22 -36.17
C ASP D 117 -29.02 -7.11 -36.92
N MET D 118 -28.72 -5.88 -36.52
CA MET D 118 -29.50 -4.75 -36.98
C MET D 118 -29.46 -4.61 -38.50
N ALA D 119 -28.27 -4.86 -39.05
CA ALA D 119 -28.11 -4.82 -40.51
C ALA D 119 -29.12 -5.79 -41.13
N GLU D 120 -29.27 -6.97 -40.54
CA GLU D 120 -30.14 -8.03 -41.05
C GLU D 120 -31.54 -7.42 -41.13
N TRP D 121 -31.94 -6.70 -40.09
CA TRP D 121 -33.33 -6.31 -39.94
C TRP D 121 -33.71 -5.09 -40.74
N ILE D 122 -32.75 -4.24 -41.11
CA ILE D 122 -33.10 -3.07 -41.90
C ILE D 122 -33.25 -3.44 -43.36
N ARG D 123 -32.52 -4.45 -43.81
CA ARG D 123 -32.66 -4.94 -45.17
C ARG D 123 -33.60 -6.14 -45.22
N ASP D 124 -34.71 -6.07 -44.47
CA ASP D 124 -35.68 -7.17 -44.38
C ASP D 124 -37.03 -6.80 -44.98
N ALA D 125 -37.33 -5.51 -45.14
CA ALA D 125 -38.67 -5.08 -45.56
C ALA D 125 -39.69 -5.61 -44.57
N ALA D 126 -39.41 -5.44 -43.30
CA ALA D 126 -40.20 -6.15 -42.31
C ALA D 126 -41.50 -5.40 -42.03
N PRO D 127 -42.64 -6.08 -42.02
CA PRO D 127 -43.90 -5.46 -41.57
C PRO D 127 -43.85 -5.24 -40.07
N GLY D 128 -43.91 -3.97 -39.67
CA GLY D 128 -44.03 -3.64 -38.27
C GLY D 128 -42.76 -3.67 -37.45
N ARG D 129 -41.59 -3.32 -38.01
CA ARG D 129 -40.46 -3.11 -37.10
C ARG D 129 -40.47 -1.70 -36.53
N ILE D 130 -40.98 -0.72 -37.30
CA ILE D 130 -41.16 0.62 -36.76
C ILE D 130 -41.90 0.53 -35.44
N ARG D 131 -42.92 -0.33 -35.38
CA ARG D 131 -43.70 -0.46 -34.15
C ARG D 131 -43.03 -1.34 -33.10
N GLN D 132 -41.96 -2.06 -33.43
CA GLN D 132 -41.28 -2.85 -32.40
C GLN D 132 -40.18 -2.07 -31.68
N LEU D 133 -39.62 -1.04 -32.29
CA LEU D 133 -38.50 -0.33 -31.71
C LEU D 133 -38.88 1.04 -31.14
N CYS D 134 -40.14 1.44 -31.27
CA CYS D 134 -40.68 2.59 -30.57
C CYS D 134 -41.83 2.14 -29.68
N TYR D 135 -41.94 2.77 -28.51
CA TYR D 135 -42.95 2.39 -27.54
C TYR D 135 -44.35 2.67 -28.06
N ASP D 136 -45.27 1.78 -27.71
CA ASP D 136 -46.65 1.75 -28.20
C ASP D 136 -47.55 2.43 -27.18
N LYS D 137 -47.72 3.75 -27.31
CA LYS D 137 -48.69 4.47 -26.47
C LYS D 137 -48.90 5.90 -26.97
N VAL D 138 -50.11 6.41 -26.75
CA VAL D 138 -50.55 7.73 -27.28
C VAL D 138 -51.29 8.50 -26.20
N LEU D 139 -51.65 9.76 -26.48
CA LEU D 139 -52.55 10.46 -25.52
C LEU D 139 -53.76 9.54 -25.48
N GLY D 140 -54.05 9.06 -24.28
CA GLY D 140 -54.79 7.82 -24.18
C GLY D 140 -55.64 7.88 -22.93
N PRO D 141 -56.20 6.71 -22.55
CA PRO D 141 -57.24 6.66 -21.49
C PRO D 141 -56.92 7.52 -20.29
N GLU D 142 -55.68 7.38 -19.80
CA GLU D 142 -55.15 8.25 -18.76
C GLU D 142 -54.55 9.46 -19.46
N LEU D 143 -55.43 10.38 -19.85
CA LEU D 143 -55.04 11.60 -20.55
C LEU D 143 -54.12 12.49 -19.73
N PHE D 144 -54.40 12.65 -18.44
CA PHE D 144 -53.75 13.64 -17.60
C PHE D 144 -52.42 13.17 -17.02
N PHE D 145 -52.04 11.92 -17.27
CA PHE D 145 -50.76 11.38 -16.81
C PHE D 145 -50.01 10.69 -17.94
N SER D 146 -50.38 10.98 -19.19
CA SER D 146 -49.75 10.34 -20.34
C SER D 146 -48.58 11.18 -20.83
N PRO D 147 -47.38 10.62 -20.92
CA PRO D 147 -46.24 11.38 -21.44
C PRO D 147 -46.43 11.84 -22.87
N LEU D 148 -45.83 12.99 -23.18
CA LEU D 148 -45.80 13.50 -24.55
C LEU D 148 -44.69 12.87 -25.37
N LEU D 149 -43.68 12.29 -24.73
CA LEU D 149 -42.53 11.74 -25.43
C LEU D 149 -42.04 10.49 -24.73
N TYR D 150 -41.71 9.47 -25.53
CA TYR D 150 -41.03 8.27 -25.06
C TYR D 150 -39.82 8.02 -25.94
N VAL D 151 -38.73 7.54 -25.34
CA VAL D 151 -37.52 7.17 -26.05
C VAL D 151 -37.21 5.73 -25.69
N GLN D 152 -37.10 4.87 -26.69
CA GLN D 152 -36.74 3.48 -26.43
C GLN D 152 -35.36 3.18 -26.99
N ILE D 153 -34.49 2.66 -26.12
CA ILE D 153 -33.11 2.34 -26.44
C ILE D 153 -33.03 0.83 -26.65
N THR D 154 -32.83 0.40 -27.90
CA THR D 154 -32.79 -1.02 -28.23
C THR D 154 -31.38 -1.42 -28.62
N ASN D 155 -30.74 -2.22 -27.78
CA ASN D 155 -29.46 -2.82 -28.11
C ASN D 155 -29.68 -4.08 -28.92
N PHE D 156 -28.73 -4.39 -29.77
CA PHE D 156 -28.78 -5.61 -30.55
C PHE D 156 -27.54 -6.43 -30.22
N LYS D 157 -27.50 -7.69 -30.64
CA LYS D 157 -26.32 -8.48 -30.33
C LYS D 157 -25.19 -8.16 -31.31
N CYS D 158 -25.51 -7.49 -32.40
CA CYS D 158 -24.53 -6.86 -33.28
C CYS D 158 -23.72 -5.77 -32.65
N GLY D 159 -23.97 -5.45 -31.38
CA GLY D 159 -23.49 -4.18 -30.90
C GLY D 159 -24.18 -2.99 -31.52
N GLY D 160 -25.36 -3.18 -32.05
CA GLY D 160 -26.10 -2.06 -32.59
C GLY D 160 -27.09 -1.52 -31.63
N LEU D 161 -27.55 -0.32 -31.94
CA LEU D 161 -28.40 0.41 -31.01
C LEU D 161 -29.31 1.29 -31.83
N ALA D 162 -30.61 1.11 -31.64
CA ALA D 162 -31.64 1.89 -32.32
C ALA D 162 -32.35 2.74 -31.28
N LEU D 163 -32.54 4.02 -31.60
CA LEU D 163 -33.26 4.95 -30.76
C LEU D 163 -34.61 5.23 -31.41
N GLY D 164 -35.67 4.67 -30.84
CA GLY D 164 -37.01 4.91 -31.34
C GLY D 164 -37.76 5.91 -30.48
N PHE D 165 -38.21 7.02 -31.08
CA PHE D 165 -38.83 8.11 -30.35
C PHE D 165 -40.33 8.12 -30.66
N SER D 166 -41.13 8.03 -29.61
CA SER D 166 -42.59 8.06 -29.73
C SER D 166 -43.06 9.42 -29.24
N TRP D 167 -43.39 10.30 -30.19
CA TRP D 167 -43.56 11.73 -29.92
C TRP D 167 -44.93 12.18 -30.42
N ALA D 168 -45.69 12.83 -29.52
CA ALA D 168 -47.03 13.29 -29.83
C ALA D 168 -46.97 14.48 -30.78
N HIS D 169 -47.84 14.51 -31.80
CA HIS D 169 -47.77 15.64 -32.73
C HIS D 169 -48.35 16.92 -32.12
N LEU D 170 -49.16 16.80 -31.07
CA LEU D 170 -49.68 17.99 -30.39
C LEU D 170 -48.53 18.87 -29.90
N ILE D 171 -47.47 18.24 -29.40
CA ILE D 171 -46.31 18.95 -28.89
C ILE D 171 -45.56 19.79 -29.92
N GLY D 172 -45.72 19.49 -31.21
CA GLY D 172 -44.76 19.97 -32.16
C GLY D 172 -44.81 19.25 -33.48
N ASP D 173 -44.33 19.90 -34.55
CA ASP D 173 -44.37 19.32 -35.88
C ASP D 173 -43.17 18.41 -35.96
N ILE D 174 -42.99 17.78 -37.11
CA ILE D 174 -41.76 17.04 -37.32
C ILE D 174 -40.43 17.76 -37.49
N PRO D 175 -40.36 18.95 -38.12
CA PRO D 175 -39.12 19.75 -37.93
C PRO D 175 -38.86 20.05 -36.47
N SER D 176 -39.90 20.35 -35.69
CA SER D 176 -39.70 20.64 -34.28
C SER D 176 -39.24 19.39 -33.53
N ALA D 177 -39.90 18.26 -33.78
CA ALA D 177 -39.49 17.00 -33.14
C ALA D 177 -38.05 16.65 -33.50
N ALA D 178 -37.72 16.72 -34.78
CA ALA D 178 -36.41 16.26 -35.22
C ALA D 178 -35.30 17.20 -34.81
N THR D 179 -35.55 18.52 -34.75
CA THR D 179 -34.48 19.43 -34.34
C THR D 179 -34.31 19.53 -32.83
N CYS D 180 -35.29 19.10 -32.04
CA CYS D 180 -35.07 19.04 -30.59
C CYS D 180 -34.33 17.77 -30.20
N PHE D 181 -34.53 16.69 -30.94
CA PHE D 181 -33.80 15.47 -30.58
C PHE D 181 -32.31 15.63 -30.86
N ASN D 182 -31.95 16.52 -31.77
CA ASN D 182 -30.53 16.59 -32.07
C ASN D 182 -29.86 17.67 -31.26
N LYS D 183 -30.59 18.67 -30.80
CA LYS D 183 -30.06 19.45 -29.70
C LYS D 183 -29.69 18.53 -28.55
N TRP D 184 -30.48 17.46 -28.34
CA TRP D 184 -30.10 16.45 -27.35
C TRP D 184 -28.77 15.79 -27.71
N ALA D 185 -28.59 15.42 -28.99
CA ALA D 185 -27.33 14.82 -29.40
C ALA D 185 -26.20 15.84 -29.41
N GLN D 186 -26.51 17.10 -29.70
CA GLN D 186 -25.52 18.16 -29.50
C GLN D 186 -25.10 18.23 -28.04
N ILE D 187 -26.07 18.13 -27.13
CA ILE D 187 -25.76 18.08 -25.69
C ILE D 187 -24.83 16.91 -25.39
N LEU D 188 -25.21 15.71 -25.83
CA LEU D 188 -24.52 14.49 -25.40
C LEU D 188 -23.05 14.55 -25.76
N SER D 189 -22.72 15.09 -26.92
CA SER D 189 -21.39 15.04 -27.47
C SER D 189 -20.54 16.19 -27.03
N GLY D 190 -21.14 17.16 -26.33
CA GLY D 190 -20.40 18.23 -25.72
C GLY D 190 -20.38 19.51 -26.50
N LYS D 191 -21.24 19.68 -27.50
CA LYS D 191 -21.40 20.94 -28.19
C LYS D 191 -22.60 21.68 -27.62
N LYS D 192 -22.63 23.00 -27.88
CA LYS D 192 -23.69 23.81 -27.30
C LYS D 192 -24.80 24.02 -28.31
N PRO D 193 -26.01 23.57 -28.01
CA PRO D 193 -27.14 23.84 -28.89
C PRO D 193 -27.49 25.32 -28.94
N GLU D 194 -28.03 25.74 -30.07
CA GLU D 194 -28.56 27.10 -30.17
C GLU D 194 -29.96 27.16 -29.57
N ALA D 195 -30.23 28.28 -28.88
CA ALA D 195 -31.24 28.32 -27.83
C ALA D 195 -32.61 27.90 -28.34
N THR D 196 -33.40 27.40 -27.39
CA THR D 196 -34.82 27.15 -27.57
C THR D 196 -35.58 28.45 -27.68
N VAL D 197 -36.63 28.45 -28.49
CA VAL D 197 -37.51 29.60 -28.63
C VAL D 197 -38.94 29.15 -28.40
N LEU D 198 -39.53 29.55 -27.27
CA LEU D 198 -40.96 29.41 -27.04
C LEU D 198 -41.54 30.62 -26.31
N THR D 199 -40.81 31.73 -26.23
CA THR D 199 -41.29 32.76 -25.32
C THR D 199 -42.35 33.70 -25.91
N PRO D 200 -42.58 33.77 -27.22
CA PRO D 200 -43.84 34.39 -27.70
C PRO D 200 -45.02 33.45 -27.50
N PRO D 201 -45.86 33.70 -26.51
CA PRO D 201 -46.87 32.72 -26.11
C PRO D 201 -47.91 32.52 -27.20
N ASN D 202 -48.59 31.39 -27.12
CA ASN D 202 -49.60 31.03 -28.10
C ASN D 202 -50.98 31.40 -27.55
N GLN D 203 -51.79 32.08 -28.36
CA GLN D 203 -53.09 32.60 -28.03
C GLN D 203 -54.09 32.06 -29.05
N PRO D 204 -55.37 31.89 -28.67
CA PRO D 204 -56.36 31.40 -29.65
C PRO D 204 -56.86 32.42 -30.66
N LEU D 205 -57.72 31.94 -31.56
CA LEU D 205 -58.16 32.70 -32.72
C LEU D 205 -59.49 33.41 -32.51
N PRO D 210 -65.91 27.89 -38.64
CA PRO D 210 -66.28 27.98 -40.05
C PRO D 210 -66.87 26.67 -40.57
N ALA D 211 -66.30 26.16 -41.66
CA ALA D 211 -66.69 24.88 -42.23
C ALA D 211 -65.53 23.90 -42.12
N ALA D 212 -65.87 22.62 -42.14
CA ALA D 212 -64.87 21.56 -42.16
C ALA D 212 -63.99 21.72 -43.39
N PRO D 213 -62.70 22.05 -43.24
CA PRO D 213 -61.83 22.14 -44.40
C PRO D 213 -61.73 20.80 -45.09
N ARG D 214 -61.59 20.84 -46.41
CA ARG D 214 -61.64 19.60 -47.17
C ARG D 214 -60.35 18.80 -47.07
N SER D 215 -59.22 19.47 -46.78
CA SER D 215 -57.96 18.76 -46.64
C SER D 215 -57.93 17.90 -45.37
N VAL D 216 -58.77 18.24 -44.39
CA VAL D 216 -58.88 17.48 -43.14
C VAL D 216 -60.19 16.69 -43.16
N LYS D 217 -60.50 16.02 -42.05
CA LYS D 217 -61.75 15.29 -41.90
C LYS D 217 -62.28 15.45 -40.48
N GLN D 218 -63.53 15.88 -40.37
CA GLN D 218 -64.26 15.84 -39.10
C GLN D 218 -64.33 14.42 -38.55
N VAL D 219 -64.17 14.27 -37.22
CA VAL D 219 -64.59 13.06 -36.50
C VAL D 219 -65.08 13.44 -35.10
N GLY D 220 -66.03 12.64 -34.60
CA GLY D 220 -66.81 12.91 -33.41
C GLY D 220 -66.07 13.28 -32.14
N PRO D 221 -66.81 13.95 -31.24
CA PRO D 221 -66.22 14.52 -30.02
C PRO D 221 -65.29 13.47 -29.44
N MET D 222 -64.02 13.86 -29.28
CA MET D 222 -62.98 12.97 -28.79
C MET D 222 -62.80 13.37 -27.34
N GLU D 223 -63.03 12.42 -26.43
CA GLU D 223 -63.02 12.70 -25.01
C GLU D 223 -61.71 12.82 -24.23
N ASP D 224 -61.01 11.69 -24.04
CA ASP D 224 -59.82 11.67 -23.21
C ASP D 224 -58.82 10.69 -23.81
N LEU D 225 -59.21 9.92 -24.82
CA LEU D 225 -58.25 9.15 -25.61
C LEU D 225 -58.19 9.80 -27.00
N TRP D 226 -57.08 10.46 -27.28
CA TRP D 226 -56.91 11.19 -28.54
C TRP D 226 -56.30 10.31 -29.64
N LEU D 227 -56.86 9.12 -29.83
CA LEU D 227 -56.53 8.32 -30.99
C LEU D 227 -57.81 7.76 -31.59
N VAL D 228 -58.01 8.02 -32.87
CA VAL D 228 -59.16 7.52 -33.62
C VAL D 228 -58.88 6.07 -34.00
N PRO D 229 -59.70 5.11 -33.57
CA PRO D 229 -59.49 3.72 -34.01
C PRO D 229 -59.73 3.60 -35.50
N ALA D 230 -58.81 2.92 -36.18
CA ALA D 230 -58.89 2.85 -37.64
C ALA D 230 -59.87 1.79 -38.11
N GLY D 231 -60.13 0.77 -37.31
CA GLY D 231 -60.99 -0.30 -37.77
C GLY D 231 -60.21 -1.35 -38.53
N ARG D 232 -59.95 -1.09 -39.82
CA ARG D 232 -59.13 -2.02 -40.60
C ARG D 232 -57.65 -1.75 -40.33
N ASP D 233 -56.98 -2.79 -39.86
CA ASP D 233 -55.66 -2.70 -39.25
C ASP D 233 -54.61 -2.14 -40.21
N MET D 234 -54.08 -0.97 -39.86
CA MET D 234 -53.06 -0.25 -40.62
C MET D 234 -51.68 -0.83 -40.36
N ALA D 235 -50.75 -0.60 -41.29
CA ALA D 235 -49.41 -1.17 -41.15
C ALA D 235 -48.40 -0.21 -41.75
N CYS D 236 -47.18 -0.24 -41.21
CA CYS D 236 -46.05 0.52 -41.71
C CYS D 236 -45.28 -0.29 -42.75
N TYR D 237 -44.63 0.41 -43.69
CA TYR D 237 -43.61 -0.21 -44.53
C TYR D 237 -42.86 0.86 -45.32
N SER D 238 -41.60 0.57 -45.67
CA SER D 238 -40.86 1.57 -46.41
C SER D 238 -39.81 0.97 -47.33
N PHE D 239 -39.40 1.84 -48.23
CA PHE D 239 -38.76 1.53 -49.47
C PHE D 239 -37.70 2.59 -49.72
N HIS D 240 -36.61 2.14 -50.30
CA HIS D 240 -35.58 3.00 -50.82
C HIS D 240 -35.92 3.32 -52.27
N VAL D 241 -35.88 4.60 -52.62
CA VAL D 241 -35.90 5.06 -54.01
C VAL D 241 -34.56 5.71 -54.27
N SER D 242 -33.76 5.11 -55.16
CA SER D 242 -32.39 5.54 -55.37
C SER D 242 -32.32 6.70 -56.36
N ASP D 243 -31.12 7.26 -56.48
CA ASP D 243 -30.89 8.40 -57.36
C ASP D 243 -30.99 8.04 -58.83
N ALA D 244 -30.63 6.80 -59.19
CA ALA D 244 -30.95 6.33 -60.53
C ALA D 244 -32.44 6.46 -60.83
N VAL D 245 -33.31 5.85 -60.02
CA VAL D 245 -34.70 6.16 -60.29
C VAL D 245 -34.97 7.63 -60.02
N LEU D 246 -34.11 8.32 -59.24
CA LEU D 246 -34.27 9.79 -59.14
C LEU D 246 -34.12 10.47 -60.49
N LYS D 247 -33.39 9.91 -61.47
CA LYS D 247 -33.32 10.74 -62.66
C LYS D 247 -34.15 10.21 -63.83
N LYS D 248 -34.54 8.92 -63.84
CA LYS D 248 -35.57 8.51 -64.78
C LYS D 248 -36.85 9.26 -64.42
N LEU D 249 -37.01 9.53 -63.11
CA LEU D 249 -37.95 10.56 -62.64
C LEU D 249 -37.84 11.84 -63.48
N HIS D 250 -36.64 12.41 -63.53
CA HIS D 250 -36.35 13.62 -64.29
C HIS D 250 -36.67 13.45 -65.76
N GLN D 251 -36.09 12.38 -66.32
CA GLN D 251 -36.18 11.98 -67.76
C GLN D 251 -37.50 11.25 -68.01
N GLN D 252 -38.60 12.00 -68.04
CA GLN D 252 -39.96 11.47 -68.30
C GLN D 252 -40.81 12.59 -68.90
N ALA D 261 -41.32 21.21 -60.77
CA ALA D 261 -41.70 20.18 -59.81
C ALA D 261 -40.50 19.33 -59.42
N GLY D 262 -40.12 19.43 -58.16
CA GLY D 262 -38.94 18.78 -57.65
C GLY D 262 -39.16 17.31 -57.34
N THR D 263 -38.15 16.74 -56.68
CA THR D 263 -38.10 15.30 -56.48
C THR D 263 -39.24 14.80 -55.61
N PHE D 264 -39.54 15.50 -54.53
CA PHE D 264 -40.49 14.92 -53.59
C PHE D 264 -41.88 14.81 -54.19
N GLU D 265 -42.30 15.74 -55.04
CA GLU D 265 -43.63 15.53 -55.60
C GLU D 265 -43.64 14.70 -56.88
N LEU D 266 -42.50 14.21 -57.37
CA LEU D 266 -42.60 13.10 -58.32
C LEU D 266 -42.55 11.73 -57.65
N VAL D 267 -41.76 11.52 -56.59
CA VAL D 267 -41.91 10.24 -55.95
C VAL D 267 -43.11 10.27 -55.01
N SER D 268 -43.60 11.47 -54.65
CA SER D 268 -44.98 11.58 -54.15
C SER D 268 -45.99 11.14 -55.21
N ALA D 269 -45.77 11.54 -56.46
CA ALA D 269 -46.71 11.19 -57.53
C ALA D 269 -46.62 9.71 -57.87
N LEU D 270 -45.40 9.17 -57.88
CA LEU D 270 -45.17 7.74 -58.07
C LEU D 270 -46.15 6.91 -57.26
N VAL D 271 -46.10 7.06 -55.94
CA VAL D 271 -46.94 6.22 -55.09
C VAL D 271 -48.40 6.68 -55.14
N TRP D 272 -48.66 8.00 -55.27
CA TRP D 272 -50.05 8.45 -55.30
C TRP D 272 -50.87 7.65 -56.30
N GLN D 273 -50.36 7.47 -57.52
CA GLN D 273 -51.09 6.64 -58.48
C GLN D 273 -50.94 5.16 -58.18
N ALA D 274 -49.76 4.75 -57.76
CA ALA D 274 -49.58 3.36 -57.40
C ALA D 274 -50.62 2.93 -56.38
N VAL D 275 -50.85 3.77 -55.34
CA VAL D 275 -51.95 3.52 -54.42
C VAL D 275 -53.30 3.61 -55.14
N ALA D 276 -53.35 4.32 -56.26
CA ALA D 276 -54.64 4.54 -56.94
C ALA D 276 -55.04 3.35 -57.80
N LYS D 277 -54.08 2.57 -58.28
CA LYS D 277 -54.46 1.32 -58.92
C LYS D 277 -54.72 0.23 -57.89
N ILE D 278 -54.51 0.56 -56.61
CA ILE D 278 -54.79 -0.34 -55.49
C ILE D 278 -56.21 -0.15 -54.95
N ARG D 279 -56.78 1.05 -55.05
CA ARG D 279 -58.01 1.40 -54.35
C ARG D 279 -58.91 2.20 -55.29
N GLY D 280 -58.30 2.96 -56.18
CA GLY D 280 -59.05 3.68 -57.18
C GLY D 280 -59.45 5.10 -56.87
N ASP D 281 -60.05 5.35 -55.69
CA ASP D 281 -60.67 6.66 -55.45
C ASP D 281 -59.69 7.54 -54.68
N VAL D 282 -58.87 8.22 -55.47
CA VAL D 282 -57.53 8.67 -55.14
C VAL D 282 -57.32 9.94 -55.95
N ASP D 283 -58.43 10.60 -56.33
CA ASP D 283 -58.34 11.82 -57.10
C ASP D 283 -58.17 13.04 -56.23
N THR D 284 -58.72 13.00 -55.02
CA THR D 284 -58.35 13.97 -53.99
C THR D 284 -57.16 13.42 -53.22
N VAL D 285 -56.20 14.28 -52.93
CA VAL D 285 -55.19 13.98 -51.93
C VAL D 285 -54.70 15.30 -51.40
N THR D 286 -54.58 15.34 -50.10
CA THR D 286 -53.96 16.44 -49.39
C THR D 286 -52.49 16.14 -49.16
N VAL D 287 -51.66 17.17 -48.94
CA VAL D 287 -50.21 16.93 -48.77
C VAL D 287 -49.59 17.87 -47.74
N VAL D 288 -48.81 17.28 -46.84
CA VAL D 288 -48.19 17.91 -45.68
C VAL D 288 -46.86 18.50 -46.11
N ARG D 289 -46.59 19.77 -45.78
CA ARG D 289 -45.33 20.43 -46.17
C ARG D 289 -44.50 20.87 -44.98
N ALA D 290 -43.25 20.39 -44.89
CA ALA D 290 -42.24 20.93 -43.95
C ALA D 290 -41.39 21.98 -44.65
N ASP D 291 -41.99 23.13 -44.88
CA ASP D 291 -41.27 24.23 -45.49
C ASP D 291 -40.70 25.13 -44.41
N ALA D 292 -39.37 25.31 -44.44
CA ALA D 292 -38.69 26.17 -43.49
C ALA D 292 -38.99 27.65 -43.71
N ALA D 293 -39.54 28.04 -44.86
CA ALA D 293 -39.83 29.44 -45.11
C ALA D 293 -41.02 29.95 -44.32
N ALA D 294 -41.94 29.07 -43.91
CA ALA D 294 -43.05 29.46 -43.07
C ALA D 294 -42.79 29.26 -41.58
N ARG D 295 -41.56 28.92 -41.19
CA ARG D 295 -41.28 28.55 -39.81
C ARG D 295 -41.03 29.77 -38.94
N SER D 296 -41.76 29.88 -37.82
CA SER D 296 -41.72 31.00 -36.88
C SER D 296 -40.38 31.18 -36.21
N GLY D 297 -39.51 30.17 -36.25
CA GLY D 297 -38.33 30.16 -35.42
C GLY D 297 -38.52 29.55 -34.04
N LYS D 298 -39.76 29.38 -33.58
CA LYS D 298 -40.00 28.78 -32.27
C LYS D 298 -40.01 27.26 -32.32
N SER D 299 -39.31 26.65 -31.36
CA SER D 299 -38.89 25.26 -31.41
C SER D 299 -39.98 24.25 -31.06
N LEU D 300 -41.13 24.69 -30.55
CA LEU D 300 -42.23 23.81 -30.12
C LEU D 300 -43.52 24.20 -30.81
N ALA D 301 -43.49 24.28 -32.13
CA ALA D 301 -44.60 24.92 -32.81
C ALA D 301 -45.49 23.87 -33.49
N ASN D 302 -46.23 24.29 -34.52
CA ASN D 302 -47.01 23.40 -35.38
C ASN D 302 -47.34 23.83 -36.82
N GLU D 303 -46.52 24.75 -37.35
CA GLU D 303 -46.64 25.34 -38.68
C GLU D 303 -46.15 24.55 -39.89
N MET D 304 -46.62 23.32 -40.06
CA MET D 304 -46.50 22.60 -41.32
C MET D 304 -47.71 23.00 -42.14
N LYS D 305 -47.55 23.09 -43.46
CA LYS D 305 -48.62 23.70 -44.24
C LYS D 305 -49.41 22.68 -45.06
N VAL D 306 -50.73 22.86 -45.05
CA VAL D 306 -51.75 21.84 -45.29
C VAL D 306 -52.49 22.22 -46.55
N GLY D 307 -52.79 21.25 -47.44
CA GLY D 307 -53.52 21.68 -48.62
C GLY D 307 -53.88 20.62 -49.64
N TYR D 308 -55.03 20.86 -50.26
CA TYR D 308 -55.68 19.88 -51.17
C TYR D 308 -55.05 19.80 -52.56
N VAL D 309 -55.19 18.60 -53.15
CA VAL D 309 -54.80 18.25 -54.51
C VAL D 309 -55.95 17.47 -55.11
N GLU D 310 -56.39 17.84 -56.30
CA GLU D 310 -57.40 17.02 -56.96
C GLU D 310 -57.08 16.76 -58.43
N SER D 311 -57.23 15.47 -58.80
CA SER D 311 -57.04 14.90 -60.12
C SER D 311 -58.37 15.01 -60.87
N ALA D 312 -58.63 16.21 -61.40
CA ALA D 312 -59.89 16.43 -62.11
C ALA D 312 -59.81 15.98 -63.58
N GLY D 313 -58.71 16.36 -64.24
CA GLY D 313 -58.45 16.03 -65.65
C GLY D 313 -58.73 14.57 -65.94
N SER D 314 -58.03 13.66 -65.28
CA SER D 314 -58.24 12.21 -65.51
C SER D 314 -57.66 11.38 -64.37
N SER D 315 -58.05 10.10 -64.36
CA SER D 315 -57.69 9.06 -63.36
C SER D 315 -56.24 9.12 -62.92
N PRO D 316 -55.96 9.29 -61.61
CA PRO D 316 -54.61 9.15 -61.10
C PRO D 316 -54.24 7.71 -61.48
N ALA D 317 -55.09 6.70 -61.19
CA ALA D 317 -54.74 5.38 -61.67
C ALA D 317 -54.57 5.36 -63.18
N LYS D 318 -55.20 6.28 -63.90
CA LYS D 318 -55.04 6.39 -65.34
C LYS D 318 -54.07 7.51 -65.73
N THR D 319 -53.35 8.07 -64.77
CA THR D 319 -52.55 9.26 -64.99
C THR D 319 -51.10 8.86 -65.20
N ASP D 320 -50.38 9.61 -66.04
CA ASP D 320 -48.95 9.42 -66.15
C ASP D 320 -48.25 10.25 -65.08
N VAL D 321 -47.24 9.65 -64.45
CA VAL D 321 -46.71 10.18 -63.20
C VAL D 321 -46.21 11.60 -63.38
N ALA D 322 -45.61 11.91 -64.54
CA ALA D 322 -45.01 13.20 -64.76
C ALA D 322 -46.02 14.35 -64.73
N GLU D 323 -47.31 14.07 -64.83
CA GLU D 323 -48.30 15.13 -64.73
C GLU D 323 -48.95 15.21 -63.36
N LEU D 324 -49.13 14.10 -62.64
CA LEU D 324 -49.56 14.27 -61.26
C LEU D 324 -48.44 14.88 -60.42
N ALA D 325 -47.17 14.61 -60.77
CA ALA D 325 -46.09 15.39 -60.19
C ALA D 325 -46.25 16.86 -60.51
N ALA D 326 -46.47 17.18 -61.79
CA ALA D 326 -46.73 18.57 -62.16
C ALA D 326 -47.95 19.12 -61.46
N LEU D 327 -48.86 18.22 -61.10
CA LEU D 327 -50.10 18.65 -60.43
C LEU D 327 -49.78 19.02 -58.99
N LEU D 328 -48.82 18.33 -58.37
CA LEU D 328 -48.65 18.56 -56.94
C LEU D 328 -47.68 19.69 -56.65
N ALA D 329 -47.26 20.47 -57.65
CA ALA D 329 -46.36 21.59 -57.46
C ALA D 329 -47.04 22.96 -57.53
N LYS D 330 -47.91 23.17 -58.52
CA LYS D 330 -48.58 24.44 -58.71
C LYS D 330 -50.08 24.40 -58.45
N ASN D 331 -50.68 23.22 -58.45
CA ASN D 331 -52.08 23.03 -58.17
C ASN D 331 -52.31 22.85 -56.69
N VAL D 332 -51.30 23.19 -55.92
CA VAL D 332 -51.33 23.18 -54.46
C VAL D 332 -52.38 24.16 -53.99
N VAL D 333 -53.04 23.84 -52.87
CA VAL D 333 -54.08 24.74 -52.28
C VAL D 333 -53.82 25.05 -50.80
N ASP D 334 -53.59 26.31 -50.41
CA ASP D 334 -53.25 26.63 -48.99
C ASP D 334 -54.45 26.58 -48.03
N GLU D 335 -54.58 25.48 -47.29
CA GLU D 335 -55.65 25.28 -46.32
C GLU D 335 -55.10 25.30 -44.90
N THR D 336 -53.84 25.69 -44.72
CA THR D 336 -53.21 25.55 -43.40
C THR D 336 -53.82 26.50 -42.39
N ALA D 337 -54.02 27.76 -42.78
CA ALA D 337 -54.60 28.71 -41.86
C ALA D 337 -56.00 28.28 -41.41
N ALA D 338 -56.74 27.59 -42.27
CA ALA D 338 -58.12 27.24 -41.97
C ALA D 338 -58.23 25.98 -41.11
N VAL D 339 -57.23 25.11 -41.17
CA VAL D 339 -57.28 23.88 -40.37
C VAL D 339 -57.12 24.20 -38.89
N ALA D 340 -56.23 25.12 -38.55
CA ALA D 340 -56.05 25.50 -37.16
C ALA D 340 -57.28 26.21 -36.60
N ALA D 341 -57.98 26.99 -37.43
CA ALA D 341 -59.16 27.73 -37.01
C ALA D 341 -60.39 26.86 -36.84
N PHE D 342 -60.35 25.65 -37.37
CA PHE D 342 -61.35 24.64 -37.13
C PHE D 342 -61.53 24.42 -35.63
N GLN D 343 -62.75 24.65 -35.15
CA GLN D 343 -63.14 24.22 -33.81
C GLN D 343 -63.77 22.84 -33.90
N GLY D 344 -63.11 21.84 -33.33
CA GLY D 344 -63.53 20.46 -33.38
C GLY D 344 -62.34 19.56 -33.66
N ASP D 345 -62.50 18.28 -33.34
CA ASP D 345 -61.43 17.32 -33.62
C ASP D 345 -61.45 16.94 -35.09
N VAL D 346 -60.26 17.02 -35.71
CA VAL D 346 -60.01 16.55 -37.08
C VAL D 346 -58.78 15.66 -37.11
N LEU D 347 -58.69 14.89 -38.19
CA LEU D 347 -57.57 14.02 -38.51
C LEU D 347 -57.15 14.31 -39.93
N VAL D 348 -55.91 14.75 -40.13
CA VAL D 348 -55.48 15.21 -41.46
C VAL D 348 -54.61 14.19 -42.19
N TYR D 349 -53.65 13.56 -41.53
CA TYR D 349 -52.89 12.56 -42.28
C TYR D 349 -53.75 11.31 -42.36
N GLY D 350 -54.17 10.97 -43.56
CA GLY D 350 -55.02 9.83 -43.68
C GLY D 350 -56.43 9.99 -43.15
N GLY D 351 -56.89 11.21 -42.91
CA GLY D 351 -58.26 11.39 -42.50
C GLY D 351 -59.26 11.45 -43.64
N ALA D 352 -59.08 12.42 -44.54
CA ALA D 352 -60.00 12.66 -45.63
C ALA D 352 -59.52 12.05 -46.95
N ASN D 353 -58.34 12.44 -47.41
CA ASN D 353 -57.72 11.89 -48.60
C ASN D 353 -56.48 11.12 -48.17
N LEU D 354 -55.87 10.38 -49.11
CA LEU D 354 -54.46 10.05 -48.93
C LEU D 354 -53.57 11.31 -48.82
N THR D 355 -52.61 11.30 -47.90
CA THR D 355 -51.77 12.53 -47.77
C THR D 355 -50.27 12.23 -47.85
N LEU D 356 -49.56 12.86 -48.81
CA LEU D 356 -48.14 12.66 -49.00
C LEU D 356 -47.45 13.60 -48.02
N VAL D 357 -46.17 13.35 -47.76
CA VAL D 357 -45.48 13.94 -46.61
C VAL D 357 -44.24 14.67 -47.10
N ASP D 358 -44.14 15.94 -46.72
CA ASP D 358 -43.06 16.84 -47.10
C ASP D 358 -42.19 17.03 -45.87
N MET D 359 -41.09 16.28 -45.87
CA MET D 359 -40.09 16.30 -44.77
C MET D 359 -38.70 15.93 -45.32
N GLU D 360 -38.58 15.75 -46.64
CA GLU D 360 -37.31 15.24 -47.21
C GLU D 360 -36.13 16.13 -46.78
N GLN D 361 -36.40 17.35 -46.32
CA GLN D 361 -35.36 18.31 -45.98
C GLN D 361 -35.18 18.49 -44.47
N VAL D 362 -35.54 17.46 -43.68
CA VAL D 362 -35.43 17.52 -42.19
C VAL D 362 -34.18 16.78 -41.72
N ASP D 363 -33.38 17.47 -40.91
CA ASP D 363 -32.10 17.00 -40.41
C ASP D 363 -32.33 15.70 -39.67
N LEU D 364 -32.47 14.55 -40.36
CA LEU D 364 -32.58 13.34 -39.56
C LEU D 364 -31.27 12.62 -39.36
N TYR D 365 -30.30 12.78 -40.26
CA TYR D 365 -28.97 12.25 -40.04
C TYR D 365 -28.05 13.25 -39.34
N GLY D 366 -28.61 14.30 -38.77
CA GLY D 366 -27.85 15.11 -37.85
C GLY D 366 -27.83 14.54 -36.45
N LEU D 367 -28.42 13.36 -36.22
CA LEU D 367 -28.45 12.78 -34.87
C LEU D 367 -27.10 12.13 -34.59
N GLU D 368 -26.12 13.02 -34.36
CA GLU D 368 -24.73 12.69 -34.16
C GLU D 368 -24.53 12.41 -32.68
N ILE D 369 -24.29 11.12 -32.43
CA ILE D 369 -23.89 10.63 -31.09
C ILE D 369 -22.39 10.89 -31.03
N LYS D 370 -21.99 12.05 -30.48
CA LYS D 370 -20.58 12.48 -30.47
C LYS D 370 -20.25 12.21 -31.94
N GLY D 371 -19.25 11.37 -32.25
CA GLY D 371 -19.02 11.22 -33.66
C GLY D 371 -19.89 10.47 -34.64
N GLN D 372 -20.82 9.67 -34.12
CA GLN D 372 -21.48 8.63 -34.89
C GLN D 372 -22.79 9.15 -35.49
N ARG D 373 -22.83 9.26 -36.81
CA ARG D 373 -24.21 9.55 -37.22
C ARG D 373 -24.84 8.30 -37.84
N PRO D 374 -26.18 8.20 -37.86
CA PRO D 374 -26.81 6.89 -38.04
C PRO D 374 -26.47 6.25 -39.38
N VAL D 375 -26.65 4.93 -39.43
CA VAL D 375 -26.62 4.21 -40.70
C VAL D 375 -27.96 4.28 -41.41
N TYR D 376 -29.05 4.53 -40.68
CA TYR D 376 -30.40 4.34 -41.18
C TYR D 376 -31.34 5.14 -40.30
N VAL D 377 -32.25 5.88 -40.93
CA VAL D 377 -33.29 6.62 -40.23
C VAL D 377 -34.59 6.41 -40.97
N GLU D 378 -35.64 6.05 -40.26
CA GLU D 378 -36.97 5.92 -40.84
C GLU D 378 -37.98 6.44 -39.84
N TYR D 379 -38.98 7.15 -40.34
CA TYR D 379 -40.04 7.69 -39.51
C TYR D 379 -41.35 6.98 -39.83
N GLY D 380 -42.04 6.55 -38.79
CA GLY D 380 -43.39 6.05 -38.90
C GLY D 380 -44.40 7.00 -38.29
N MET D 381 -45.62 6.51 -38.18
CA MET D 381 -46.69 7.29 -37.59
C MET D 381 -47.76 6.34 -37.09
N ASP D 382 -48.54 6.79 -36.11
CA ASP D 382 -49.83 6.19 -35.89
C ASP D 382 -50.82 7.23 -35.39
N GLY D 383 -52.09 6.82 -35.45
CA GLY D 383 -53.19 7.74 -35.36
C GLY D 383 -53.60 8.34 -36.68
N VAL D 384 -53.14 7.81 -37.80
CA VAL D 384 -53.54 8.37 -39.09
C VAL D 384 -54.60 7.47 -39.70
N GLY D 385 -55.67 8.11 -40.18
CA GLY D 385 -56.88 7.41 -40.54
C GLY D 385 -56.64 6.41 -41.65
N ASP D 386 -57.72 5.76 -42.08
CA ASP D 386 -57.60 4.65 -43.00
C ASP D 386 -57.30 5.10 -44.43
N GLU D 387 -57.34 6.41 -44.70
CA GLU D 387 -56.87 6.95 -45.98
C GLU D 387 -55.40 6.62 -46.24
N GLY D 388 -54.63 6.40 -45.18
CA GLY D 388 -53.20 6.21 -45.31
C GLY D 388 -52.46 7.53 -45.53
N ALA D 389 -51.14 7.43 -45.43
CA ALA D 389 -50.26 8.58 -45.61
C ALA D 389 -48.87 8.04 -45.99
N VAL D 390 -48.13 8.91 -46.68
CA VAL D 390 -46.80 8.53 -47.19
C VAL D 390 -45.81 9.60 -46.76
N LEU D 391 -44.78 9.21 -46.00
CA LEU D 391 -43.79 10.26 -45.65
C LEU D 391 -42.56 10.09 -46.54
N VAL D 392 -42.21 11.20 -47.18
CA VAL D 392 -41.10 11.41 -48.11
C VAL D 392 -39.96 12.13 -47.40
N GLN D 393 -38.90 11.39 -47.06
CA GLN D 393 -37.79 11.93 -46.28
C GLN D 393 -36.44 11.36 -46.68
N PRO D 394 -35.32 12.08 -46.34
CA PRO D 394 -34.02 11.78 -46.97
C PRO D 394 -33.40 10.47 -46.55
N ASP D 395 -32.28 10.16 -47.20
CA ASP D 395 -31.47 8.94 -46.95
C ASP D 395 -30.08 9.34 -46.46
N ALA D 396 -29.18 8.35 -46.29
CA ALA D 396 -27.86 8.57 -45.70
C ALA D 396 -27.02 9.55 -46.50
N ASP D 397 -27.06 9.46 -47.83
CA ASP D 397 -26.18 10.20 -48.71
C ASP D 397 -26.77 11.54 -49.17
N GLY D 398 -28.05 11.78 -48.92
CA GLY D 398 -28.69 12.93 -49.54
C GLY D 398 -28.87 12.79 -51.04
N ARG D 399 -28.74 11.58 -51.55
CA ARG D 399 -28.79 11.26 -52.97
C ARG D 399 -30.16 10.80 -53.45
N GLY D 400 -30.84 9.97 -52.67
CA GLY D 400 -32.17 9.53 -53.02
C GLY D 400 -33.13 9.94 -51.92
N ARG D 401 -34.15 9.13 -51.67
CA ARG D 401 -35.11 9.39 -50.61
C ARG D 401 -35.54 8.07 -49.99
N LEU D 402 -35.99 8.14 -48.74
CA LEU D 402 -36.72 7.08 -48.07
C LEU D 402 -38.17 7.51 -47.90
N VAL D 403 -39.11 6.59 -48.16
CA VAL D 403 -40.56 6.86 -48.05
C VAL D 403 -41.24 5.69 -47.33
N THR D 404 -41.84 6.11 -46.23
CA THR D 404 -42.67 5.23 -45.40
C THR D 404 -44.12 5.38 -45.81
N VAL D 405 -44.85 4.28 -45.86
CA VAL D 405 -46.24 4.34 -46.35
C VAL D 405 -47.17 3.76 -45.27
N VAL D 406 -48.15 4.53 -44.78
CA VAL D 406 -49.09 3.83 -43.86
C VAL D 406 -50.21 3.26 -44.71
N LEU D 407 -50.49 1.96 -44.66
CA LEU D 407 -51.51 1.36 -45.57
C LEU D 407 -52.50 0.44 -44.85
N PRO D 408 -53.70 0.18 -45.40
CA PRO D 408 -54.59 -0.82 -44.82
C PRO D 408 -53.72 -2.04 -45.11
N GLY D 409 -53.36 -2.77 -44.07
CA GLY D 409 -52.36 -3.82 -44.20
C GLY D 409 -52.45 -4.81 -45.34
N ASP D 410 -53.67 -5.24 -45.67
CA ASP D 410 -53.94 -6.01 -46.87
C ASP D 410 -53.45 -5.34 -48.14
N GLU D 411 -53.14 -4.05 -48.07
CA GLU D 411 -52.83 -3.23 -49.23
C GLU D 411 -51.34 -3.16 -49.57
N ILE D 412 -50.48 -3.43 -48.61
CA ILE D 412 -49.03 -3.36 -48.95
C ILE D 412 -48.66 -4.65 -49.69
N ASP D 413 -49.53 -5.66 -49.66
CA ASP D 413 -49.27 -6.90 -50.35
C ASP D 413 -49.08 -6.48 -51.80
N SER D 414 -50.05 -5.72 -52.31
CA SER D 414 -50.09 -5.42 -53.73
C SER D 414 -49.21 -4.24 -54.11
N LEU D 415 -49.15 -3.21 -53.25
CA LEU D 415 -48.39 -2.02 -53.63
C LEU D 415 -46.93 -2.34 -53.80
N ARG D 416 -46.42 -3.30 -53.04
CA ARG D 416 -45.04 -3.74 -53.24
C ARG D 416 -44.87 -4.33 -54.64
N ALA D 417 -45.81 -5.14 -55.08
CA ALA D 417 -45.84 -5.51 -56.50
C ALA D 417 -46.04 -4.27 -57.37
N ALA D 418 -47.03 -3.46 -57.04
CA ALA D 418 -47.34 -2.25 -57.80
C ALA D 418 -46.12 -1.36 -57.96
N LEU D 419 -45.38 -1.14 -56.88
CA LEU D 419 -44.13 -0.38 -56.96
C LEU D 419 -42.98 -1.15 -57.60
N GLY D 420 -43.00 -2.49 -57.56
CA GLY D 420 -41.86 -3.25 -58.02
C GLY D 420 -41.49 -2.97 -59.46
N SER D 421 -42.50 -2.78 -60.31
CA SER D 421 -42.26 -2.37 -61.69
C SER D 421 -41.44 -1.07 -61.72
N ALA D 422 -41.94 -0.03 -61.05
CA ALA D 422 -41.26 1.25 -60.98
C ALA D 422 -39.86 1.11 -60.39
#